data_1V5U
#
_entry.id   1V5U
#
_cell.length_a   1.000
_cell.length_b   1.000
_cell.length_c   1.000
_cell.angle_alpha   90.00
_cell.angle_beta   90.00
_cell.angle_gamma   90.00
#
_symmetry.space_group_name_H-M   'P 1'
#
_entity_poly.entity_id   1
_entity_poly.type   'polypeptide(L)'
_entity_poly.pdbx_seq_one_letter_code
;GSSGSSGRSYEGILYKKGAFMKPWKARWFVLDKTKHQLRYYDHRMDTECKGVIDLAEVEAVAPGTPTIGAPKTVDEKAFF
DVKTTRRVYNFCAQDVPSAQQWVDRIQSCLSSGPSSG
;
_entity_poly.pdbx_strand_id   A
#
# COMPACT_ATOMS: atom_id res chain seq x y z
N GLY A 1 12.67 6.03 4.71
CA GLY A 1 12.75 4.90 5.62
C GLY A 1 13.73 5.16 6.76
N SER A 2 14.93 4.61 6.60
CA SER A 2 15.97 4.78 7.60
C SER A 2 15.64 3.96 8.85
N SER A 3 14.50 4.30 9.44
CA SER A 3 14.05 3.61 10.64
C SER A 3 14.30 2.11 10.51
N GLY A 4 15.07 1.58 11.46
CA GLY A 4 15.40 0.17 11.46
C GLY A 4 16.09 -0.23 10.16
N SER A 5 16.82 -1.34 10.23
CA SER A 5 17.54 -1.84 9.07
C SER A 5 16.56 -2.52 8.11
N SER A 6 15.87 -3.52 8.62
CA SER A 6 14.90 -4.25 7.82
C SER A 6 15.58 -4.78 6.54
N GLY A 7 14.81 -5.55 5.79
CA GLY A 7 15.32 -6.12 4.55
C GLY A 7 15.75 -5.02 3.57
N ARG A 8 15.62 -5.33 2.30
CA ARG A 8 15.99 -4.38 1.26
C ARG A 8 14.77 -3.59 0.80
N SER A 9 13.70 -3.71 1.58
CA SER A 9 12.47 -3.01 1.27
C SER A 9 11.69 -2.72 2.55
N TYR A 10 10.43 -2.34 2.38
CA TYR A 10 9.57 -2.04 3.51
C TYR A 10 8.46 -3.08 3.66
N GLU A 11 7.87 -3.10 4.84
CA GLU A 11 6.80 -4.04 5.13
C GLU A 11 6.00 -3.58 6.35
N GLY A 12 4.68 -3.61 6.20
CA GLY A 12 3.80 -3.20 7.28
C GLY A 12 2.36 -3.63 6.99
N ILE A 13 1.52 -3.46 8.00
CA ILE A 13 0.12 -3.83 7.88
C ILE A 13 -0.56 -2.89 6.87
N LEU A 14 -1.44 -3.48 6.07
CA LEU A 14 -2.15 -2.73 5.06
C LEU A 14 -3.51 -3.39 4.80
N TYR A 15 -4.57 -2.64 5.06
CA TYR A 15 -5.91 -3.13 4.86
C TYR A 15 -6.40 -2.84 3.43
N LYS A 16 -7.51 -3.48 3.08
CA LYS A 16 -8.08 -3.30 1.76
C LYS A 16 -9.60 -3.21 1.87
N LYS A 17 -10.18 -2.29 1.11
CA LYS A 17 -11.61 -2.09 1.13
C LYS A 17 -12.31 -3.45 1.08
N GLY A 18 -13.46 -3.53 1.74
CA GLY A 18 -14.22 -4.76 1.78
C GLY A 18 -15.07 -4.91 0.52
N ALA A 19 -15.97 -3.97 0.33
CA ALA A 19 -16.85 -3.99 -0.83
C ALA A 19 -17.80 -5.19 -0.73
N PHE A 20 -17.80 -5.79 0.45
CA PHE A 20 -18.66 -6.94 0.69
C PHE A 20 -19.25 -6.89 2.11
N MET A 21 -20.16 -7.82 2.36
CA MET A 21 -20.81 -7.89 3.66
C MET A 21 -19.82 -7.61 4.79
N LYS A 22 -18.73 -8.36 4.77
CA LYS A 22 -17.69 -8.19 5.78
C LYS A 22 -16.95 -6.88 5.54
N PRO A 23 -16.31 -6.37 6.64
CA PRO A 23 -15.57 -5.13 6.54
C PRO A 23 -14.24 -5.33 5.82
N TRP A 24 -13.40 -4.30 5.87
CA TRP A 24 -12.11 -4.35 5.23
C TRP A 24 -11.34 -5.56 5.78
N LYS A 25 -10.38 -6.01 5.01
CA LYS A 25 -9.57 -7.16 5.41
C LYS A 25 -8.13 -6.70 5.65
N ALA A 26 -7.61 -7.07 6.81
CA ALA A 26 -6.25 -6.71 7.17
C ALA A 26 -5.29 -7.77 6.64
N ARG A 27 -4.36 -7.34 5.80
CA ARG A 27 -3.38 -8.25 5.23
C ARG A 27 -1.98 -7.68 5.41
N TRP A 28 -0.99 -8.55 5.21
CA TRP A 28 0.40 -8.15 5.35
C TRP A 28 0.95 -7.87 3.95
N PHE A 29 1.13 -6.60 3.66
CA PHE A 29 1.64 -6.18 2.37
C PHE A 29 3.17 -6.06 2.40
N VAL A 30 3.74 -5.96 1.21
CA VAL A 30 5.19 -5.85 1.09
C VAL A 30 5.52 -4.79 0.03
N LEU A 31 6.07 -3.68 0.51
CA LEU A 31 6.43 -2.59 -0.38
C LEU A 31 7.86 -2.80 -0.87
N ASP A 32 7.99 -3.61 -1.91
CA ASP A 32 9.29 -3.90 -2.49
C ASP A 32 9.73 -2.72 -3.36
N LYS A 33 10.84 -2.13 -2.96
CA LYS A 33 11.39 -0.99 -3.70
C LYS A 33 12.32 -1.50 -4.80
N THR A 34 12.85 -2.69 -4.57
CA THR A 34 13.75 -3.29 -5.54
C THR A 34 12.96 -3.92 -6.69
N LYS A 35 11.80 -4.44 -6.35
CA LYS A 35 10.93 -5.07 -7.34
C LYS A 35 9.83 -4.09 -7.73
N HIS A 36 9.69 -3.04 -6.94
CA HIS A 36 8.69 -2.02 -7.21
C HIS A 36 7.33 -2.70 -7.43
N GLN A 37 6.98 -3.56 -6.50
CA GLN A 37 5.71 -4.28 -6.58
C GLN A 37 5.06 -4.36 -5.20
N LEU A 38 3.78 -4.70 -5.20
CA LEU A 38 3.03 -4.81 -3.96
C LEU A 38 2.64 -6.28 -3.74
N ARG A 39 3.32 -6.89 -2.78
CA ARG A 39 3.07 -8.28 -2.46
C ARG A 39 2.42 -8.40 -1.07
N TYR A 40 1.22 -8.97 -1.07
CA TYR A 40 0.48 -9.15 0.16
C TYR A 40 0.10 -10.61 0.37
N TYR A 41 0.39 -11.11 1.56
CA TYR A 41 0.09 -12.49 1.90
C TYR A 41 -1.05 -12.56 2.92
N ASP A 42 -1.93 -13.54 2.71
CA ASP A 42 -3.05 -13.73 3.60
C ASP A 42 -2.56 -13.74 5.05
N HIS A 43 -1.42 -14.39 5.25
CA HIS A 43 -0.84 -14.49 6.57
C HIS A 43 0.66 -14.14 6.51
N ARG A 44 1.13 -13.52 7.57
CA ARG A 44 2.53 -13.13 7.65
C ARG A 44 3.43 -14.31 7.28
N MET A 45 4.05 -14.20 6.11
CA MET A 45 4.95 -15.24 5.63
C MET A 45 4.16 -16.50 5.26
N ASP A 46 3.45 -16.40 4.14
CA ASP A 46 2.66 -17.52 3.67
C ASP A 46 3.46 -18.30 2.63
N THR A 47 2.97 -19.51 2.33
CA THR A 47 3.64 -20.36 1.36
C THR A 47 4.20 -19.53 0.20
N GLU A 48 3.31 -18.74 -0.39
CA GLU A 48 3.69 -17.89 -1.51
C GLU A 48 2.86 -16.60 -1.51
N CYS A 49 3.32 -15.64 -2.31
CA CYS A 49 2.63 -14.37 -2.40
C CYS A 49 1.32 -14.60 -3.18
N LYS A 50 0.29 -13.88 -2.75
CA LYS A 50 -1.01 -14.00 -3.39
C LYS A 50 -1.42 -12.61 -3.93
N GLY A 51 -1.07 -12.38 -5.19
CA GLY A 51 -1.40 -11.11 -5.83
C GLY A 51 -0.19 -10.17 -5.83
N VAL A 52 -0.09 -9.40 -6.91
CA VAL A 52 1.01 -8.46 -7.04
C VAL A 52 0.49 -7.17 -7.68
N ILE A 53 1.10 -6.06 -7.27
CA ILE A 53 0.70 -4.76 -7.79
C ILE A 53 1.95 -4.01 -8.26
N ASP A 54 2.20 -4.08 -9.56
CA ASP A 54 3.35 -3.42 -10.15
C ASP A 54 3.25 -1.92 -9.89
N LEU A 55 4.03 -1.45 -8.93
CA LEU A 55 4.03 -0.05 -8.58
C LEU A 55 4.29 0.79 -9.84
N ALA A 56 4.95 0.17 -10.80
CA ALA A 56 5.27 0.83 -12.05
C ALA A 56 3.98 1.09 -12.82
N GLU A 57 2.90 0.48 -12.33
CA GLU A 57 1.60 0.64 -12.96
C GLU A 57 0.69 1.51 -12.10
N VAL A 58 1.32 2.26 -11.21
CA VAL A 58 0.58 3.15 -10.32
C VAL A 58 0.62 4.57 -10.88
N GLU A 59 -0.57 5.13 -11.07
CA GLU A 59 -0.69 6.48 -11.59
C GLU A 59 -0.38 7.51 -10.49
N ALA A 60 -0.74 7.14 -9.28
CA ALA A 60 -0.51 8.02 -8.13
C ALA A 60 -1.39 7.56 -6.96
N VAL A 61 -1.25 8.27 -5.85
CA VAL A 61 -2.03 7.95 -4.66
C VAL A 61 -2.52 9.24 -4.02
N ALA A 62 -3.57 9.11 -3.22
CA ALA A 62 -4.15 10.26 -2.54
C ALA A 62 -4.72 9.81 -1.20
N PRO A 63 -4.60 10.72 -0.19
CA PRO A 63 -5.09 10.43 1.15
C PRO A 63 -6.61 10.52 1.20
N GLY A 64 -7.24 9.36 1.19
CA GLY A 64 -8.70 9.29 1.24
C GLY A 64 -9.21 9.37 2.68
N THR A 65 -10.51 9.17 2.82
CA THR A 65 -11.12 9.21 4.15
C THR A 65 -11.61 7.81 4.55
N PRO A 66 -11.79 7.63 5.88
CA PRO A 66 -12.25 6.36 6.41
C PRO A 66 -13.74 6.15 6.15
N THR A 67 -14.04 5.07 5.44
CA THR A 67 -15.42 4.76 5.12
C THR A 67 -15.94 3.64 6.02
N ILE A 68 -17.11 3.13 5.66
CA ILE A 68 -17.73 2.07 6.43
C ILE A 68 -17.00 0.75 6.15
N GLY A 69 -16.76 0.01 7.22
CA GLY A 69 -16.07 -1.26 7.11
C GLY A 69 -14.62 -1.16 7.60
N ALA A 70 -14.01 -0.03 7.28
CA ALA A 70 -12.63 0.21 7.67
C ALA A 70 -12.50 0.00 9.17
N PRO A 71 -11.22 -0.09 9.64
CA PRO A 71 -10.95 -0.28 11.05
C PRO A 71 -11.18 1.01 11.84
N LYS A 72 -11.54 0.84 13.10
CA LYS A 72 -11.80 1.97 13.97
C LYS A 72 -10.53 2.31 14.75
N THR A 73 -9.41 1.92 14.18
CA THR A 73 -8.12 2.17 14.80
C THR A 73 -7.43 3.38 14.15
N VAL A 74 -7.04 3.18 12.90
CA VAL A 74 -6.37 4.25 12.16
C VAL A 74 -7.30 5.46 12.08
N ASP A 75 -6.71 6.58 11.68
CA ASP A 75 -7.46 7.82 11.55
C ASP A 75 -7.74 8.09 10.08
N GLU A 76 -8.27 9.28 9.82
CA GLU A 76 -8.58 9.68 8.45
C GLU A 76 -7.31 10.15 7.73
N LYS A 77 -6.41 10.72 8.52
CA LYS A 77 -5.16 11.23 7.96
C LYS A 77 -4.17 10.06 7.84
N ALA A 78 -4.63 9.01 7.18
CA ALA A 78 -3.79 7.83 6.98
C ALA A 78 -4.21 7.13 5.68
N PHE A 79 -5.50 6.85 5.59
CA PHE A 79 -6.03 6.18 4.42
C PHE A 79 -5.54 6.84 3.14
N PHE A 80 -5.07 6.00 2.23
CA PHE A 80 -4.55 6.49 0.95
C PHE A 80 -4.95 5.55 -0.19
N ASP A 81 -5.56 6.15 -1.21
CA ASP A 81 -5.99 5.39 -2.37
C ASP A 81 -4.84 5.29 -3.37
N VAL A 82 -4.75 4.12 -4.01
CA VAL A 82 -3.71 3.89 -4.99
C VAL A 82 -4.34 3.72 -6.38
N LYS A 83 -3.95 4.61 -7.28
CA LYS A 83 -4.47 4.56 -8.63
C LYS A 83 -3.47 3.83 -9.53
N THR A 84 -4.01 2.88 -10.29
CA THR A 84 -3.19 2.09 -11.20
C THR A 84 -3.88 1.95 -12.55
N THR A 85 -3.22 1.22 -13.44
CA THR A 85 -3.75 1.00 -14.77
C THR A 85 -4.96 0.07 -14.70
N ARG A 86 -4.83 -0.98 -13.90
CA ARG A 86 -5.90 -1.94 -13.74
C ARG A 86 -7.15 -1.27 -13.17
N ARG A 87 -7.03 -0.84 -11.92
CA ARG A 87 -8.14 -0.18 -11.25
C ARG A 87 -7.64 0.54 -10.00
N VAL A 88 -8.57 1.21 -9.33
CA VAL A 88 -8.24 1.96 -8.13
C VAL A 88 -8.20 0.98 -6.93
N TYR A 89 -7.28 1.27 -6.02
CA TYR A 89 -7.13 0.44 -4.84
C TYR A 89 -7.26 1.27 -3.56
N ASN A 90 -7.90 0.67 -2.56
CA ASN A 90 -8.11 1.34 -1.30
C ASN A 90 -7.22 0.69 -0.23
N PHE A 91 -6.30 1.50 0.29
CA PHE A 91 -5.38 1.01 1.32
C PHE A 91 -5.25 2.03 2.46
N CYS A 92 -4.79 1.52 3.59
CA CYS A 92 -4.61 2.37 4.76
C CYS A 92 -3.72 1.63 5.77
N ALA A 93 -2.88 2.40 6.43
CA ALA A 93 -1.96 1.84 7.41
C ALA A 93 -2.63 1.84 8.79
N GLN A 94 -1.88 1.41 9.79
CA GLN A 94 -2.38 1.37 11.14
C GLN A 94 -1.84 2.56 11.95
N ASP A 95 -1.87 3.72 11.31
CA ASP A 95 -1.40 4.93 11.95
C ASP A 95 -1.43 6.08 10.94
N VAL A 96 -1.63 7.29 11.45
CA VAL A 96 -1.67 8.47 10.61
C VAL A 96 -0.34 8.62 9.88
N PRO A 97 0.77 8.48 10.67
CA PRO A 97 2.10 8.60 10.12
C PRO A 97 2.47 7.37 9.30
N SER A 98 2.46 6.23 9.99
CA SER A 98 2.79 4.96 9.34
C SER A 98 2.20 4.93 7.93
N ALA A 99 1.09 5.63 7.77
CA ALA A 99 0.41 5.68 6.47
C ALA A 99 1.21 6.60 5.54
N GLN A 100 1.45 7.81 6.01
CA GLN A 100 2.19 8.79 5.23
C GLN A 100 3.44 8.15 4.63
N GLN A 101 4.08 7.31 5.43
CA GLN A 101 5.30 6.64 5.00
C GLN A 101 4.98 5.67 3.86
N TRP A 102 3.81 5.05 3.97
CA TRP A 102 3.37 4.10 2.96
C TRP A 102 3.22 4.84 1.63
N VAL A 103 2.59 5.99 1.71
CA VAL A 103 2.37 6.82 0.53
C VAL A 103 3.73 7.23 -0.05
N ASP A 104 4.46 8.01 0.73
CA ASP A 104 5.77 8.49 0.31
C ASP A 104 6.52 7.35 -0.37
N ARG A 105 6.41 6.16 0.23
CA ARG A 105 7.07 4.99 -0.31
C ARG A 105 6.57 4.69 -1.72
N ILE A 106 5.26 4.44 -1.80
CA ILE A 106 4.65 4.15 -3.08
C ILE A 106 4.90 5.30 -4.06
N GLN A 107 4.74 6.50 -3.54
CA GLN A 107 4.95 7.70 -4.35
C GLN A 107 6.42 7.81 -4.74
N SER A 108 7.28 7.23 -3.91
CA SER A 108 8.70 7.27 -4.16
C SER A 108 9.06 6.33 -5.32
N CYS A 109 8.06 5.59 -5.75
CA CYS A 109 8.25 4.64 -6.86
C CYS A 109 6.95 4.58 -7.66
N LEU A 110 6.64 5.69 -8.32
CA LEU A 110 5.44 5.76 -9.13
C LEU A 110 5.73 5.23 -10.53
N SER A 111 5.83 6.15 -11.47
CA SER A 111 6.11 5.79 -12.85
C SER A 111 7.35 6.53 -13.35
N SER A 112 8.08 5.86 -14.23
CA SER A 112 9.29 6.44 -14.79
C SER A 112 8.94 7.54 -15.78
N GLY A 113 9.55 8.71 -15.58
CA GLY A 113 9.30 9.84 -16.45
C GLY A 113 10.61 10.42 -16.98
N PRO A 114 10.62 11.77 -17.14
CA PRO A 114 11.80 12.45 -17.64
C PRO A 114 12.88 12.55 -16.55
N SER A 115 14.10 12.24 -16.95
CA SER A 115 15.22 12.28 -16.02
C SER A 115 15.99 13.59 -16.20
N SER A 116 16.92 13.82 -15.29
CA SER A 116 17.74 15.02 -15.32
C SER A 116 16.85 16.25 -15.17
N GLY A 117 17.01 16.92 -14.03
CA GLY A 117 16.23 18.10 -13.74
C GLY A 117 16.10 18.32 -12.23
N GLY A 1 18.83 7.16 9.45
CA GLY A 1 19.54 6.78 10.65
C GLY A 1 20.09 5.35 10.54
N SER A 2 20.87 4.99 11.55
CA SER A 2 21.47 3.66 11.58
C SER A 2 20.59 2.72 12.40
N SER A 3 19.87 1.86 11.69
CA SER A 3 18.99 0.90 12.34
C SER A 3 18.42 -0.07 11.31
N GLY A 4 18.92 -1.30 11.37
CA GLY A 4 18.47 -2.33 10.45
C GLY A 4 17.47 -3.26 11.12
N SER A 5 16.73 -3.99 10.27
CA SER A 5 15.74 -4.92 10.78
C SER A 5 14.98 -5.55 9.60
N SER A 6 14.36 -4.70 8.81
CA SER A 6 13.61 -5.16 7.65
C SER A 6 14.56 -5.70 6.59
N GLY A 7 13.98 -6.36 5.60
CA GLY A 7 14.77 -6.93 4.51
C GLY A 7 15.29 -5.83 3.58
N ARG A 8 15.08 -6.04 2.28
CA ARG A 8 15.53 -5.09 1.29
C ARG A 8 14.37 -4.18 0.87
N SER A 9 13.35 -4.15 1.72
CA SER A 9 12.17 -3.33 1.44
C SER A 9 11.47 -2.97 2.75
N TYR A 10 10.25 -2.49 2.61
CA TYR A 10 9.45 -2.11 3.77
C TYR A 10 8.25 -3.04 3.94
N GLU A 11 7.82 -3.17 5.19
CA GLU A 11 6.68 -4.02 5.50
C GLU A 11 5.82 -3.37 6.58
N GLY A 12 4.54 -3.74 6.57
CA GLY A 12 3.60 -3.20 7.54
C GLY A 12 2.17 -3.62 7.21
N ILE A 13 1.33 -3.59 8.22
CA ILE A 13 -0.07 -3.96 8.05
C ILE A 13 -0.73 -3.01 7.05
N LEU A 14 -1.59 -3.58 6.22
CA LEU A 14 -2.28 -2.80 5.21
C LEU A 14 -3.64 -3.44 4.92
N TYR A 15 -4.70 -2.69 5.17
CA TYR A 15 -6.04 -3.18 4.95
C TYR A 15 -6.48 -2.92 3.50
N LYS A 16 -6.95 -3.98 2.86
CA LYS A 16 -7.40 -3.89 1.48
C LYS A 16 -8.91 -4.13 1.43
N LYS A 17 -9.64 -3.06 1.17
CA LYS A 17 -11.09 -3.15 1.09
C LYS A 17 -11.47 -4.37 0.25
N GLY A 18 -12.69 -4.83 0.47
CA GLY A 18 -13.19 -5.98 -0.26
C GLY A 18 -14.49 -5.65 -1.00
N ALA A 19 -15.45 -5.14 -0.24
CA ALA A 19 -16.74 -4.77 -0.81
C ALA A 19 -17.34 -3.62 0.02
N PHE A 20 -18.37 -3.01 -0.56
CA PHE A 20 -19.04 -1.91 0.11
C PHE A 20 -19.64 -2.35 1.45
N MET A 21 -19.63 -1.44 2.40
CA MET A 21 -20.17 -1.73 3.72
C MET A 21 -19.28 -2.74 4.46
N LYS A 22 -19.17 -3.92 3.87
CA LYS A 22 -18.36 -4.98 4.46
C LYS A 22 -17.05 -4.38 4.97
N PRO A 23 -16.39 -5.15 5.88
CA PRO A 23 -15.13 -4.71 6.46
C PRO A 23 -13.99 -4.85 5.46
N TRP A 24 -12.82 -4.35 5.85
CA TRP A 24 -11.65 -4.42 4.99
C TRP A 24 -10.83 -5.63 5.42
N LYS A 25 -10.15 -6.22 4.45
CA LYS A 25 -9.32 -7.39 4.71
C LYS A 25 -7.94 -6.93 5.18
N ALA A 26 -7.68 -7.15 6.46
CA ALA A 26 -6.41 -6.76 7.04
C ALA A 26 -5.39 -7.90 6.83
N ARG A 27 -4.38 -7.59 6.03
CA ARG A 27 -3.34 -8.56 5.74
C ARG A 27 -1.97 -7.87 5.67
N TRP A 28 -0.93 -8.67 5.89
CA TRP A 28 0.42 -8.15 5.85
C TRP A 28 0.79 -7.91 4.39
N PHE A 29 1.32 -6.72 4.14
CA PHE A 29 1.72 -6.34 2.79
C PHE A 29 3.24 -6.17 2.69
N VAL A 30 3.70 -6.01 1.47
CA VAL A 30 5.13 -5.83 1.23
C VAL A 30 5.33 -4.75 0.16
N LEU A 31 6.16 -3.78 0.51
CA LEU A 31 6.45 -2.68 -0.40
C LEU A 31 7.81 -2.93 -1.06
N ASP A 32 7.77 -3.69 -2.15
CA ASP A 32 8.99 -4.01 -2.88
C ASP A 32 9.53 -2.73 -3.54
N LYS A 33 10.85 -2.65 -3.61
CA LYS A 33 11.49 -1.50 -4.22
C LYS A 33 12.35 -1.95 -5.39
N THR A 34 13.04 -3.06 -5.18
CA THR A 34 13.91 -3.62 -6.21
C THR A 34 13.14 -3.75 -7.53
N LYS A 35 11.92 -4.25 -7.41
CA LYS A 35 11.08 -4.43 -8.58
C LYS A 35 9.83 -3.55 -8.46
N HIS A 36 9.85 -2.70 -7.44
CA HIS A 36 8.74 -1.79 -7.20
C HIS A 36 7.41 -2.52 -7.44
N GLN A 37 6.95 -3.19 -6.40
CA GLN A 37 5.70 -3.94 -6.49
C GLN A 37 5.04 -4.03 -5.11
N LEU A 38 3.81 -4.50 -5.11
CA LEU A 38 3.05 -4.64 -3.88
C LEU A 38 2.69 -6.11 -3.68
N ARG A 39 3.41 -6.76 -2.78
CA ARG A 39 3.16 -8.16 -2.48
C ARG A 39 2.50 -8.31 -1.12
N TYR A 40 1.38 -9.02 -1.10
CA TYR A 40 0.64 -9.23 0.12
C TYR A 40 0.25 -10.71 0.27
N TYR A 41 0.26 -11.17 1.52
CA TYR A 41 -0.09 -12.55 1.81
C TYR A 41 -1.01 -12.64 3.02
N ASP A 42 -1.56 -13.83 3.22
CA ASP A 42 -2.46 -14.05 4.34
C ASP A 42 -1.64 -14.24 5.62
N HIS A 43 -0.35 -14.48 5.43
CA HIS A 43 0.55 -14.68 6.56
C HIS A 43 1.65 -13.61 6.53
N ARG A 44 2.09 -13.23 7.72
CA ARG A 44 3.14 -12.22 7.84
C ARG A 44 4.28 -12.52 6.86
N MET A 45 4.70 -13.78 6.86
CA MET A 45 5.78 -14.20 5.98
C MET A 45 5.40 -15.48 5.23
N ASP A 46 4.32 -15.40 4.48
CA ASP A 46 3.84 -16.54 3.72
C ASP A 46 4.97 -17.04 2.81
N THR A 47 4.77 -18.23 2.27
CA THR A 47 5.76 -18.84 1.39
C THR A 47 5.36 -18.62 -0.07
N GLU A 48 4.06 -18.62 -0.32
CA GLU A 48 3.55 -18.42 -1.66
C GLU A 48 3.08 -16.98 -1.85
N CYS A 49 3.44 -16.42 -2.98
CA CYS A 49 3.06 -15.04 -3.29
C CYS A 49 1.70 -15.06 -3.98
N LYS A 50 0.71 -14.52 -3.29
CA LYS A 50 -0.63 -14.47 -3.82
C LYS A 50 -1.09 -13.02 -3.91
N GLY A 51 -0.89 -12.43 -5.08
CA GLY A 51 -1.27 -11.06 -5.31
C GLY A 51 -0.04 -10.18 -5.55
N VAL A 52 -0.19 -9.26 -6.50
CA VAL A 52 0.90 -8.35 -6.84
C VAL A 52 0.32 -7.07 -7.45
N ILE A 53 1.01 -5.97 -7.19
CA ILE A 53 0.58 -4.68 -7.69
C ILE A 53 1.78 -3.94 -8.26
N ASP A 54 1.90 -3.97 -9.58
CA ASP A 54 3.00 -3.29 -10.26
C ASP A 54 2.98 -1.80 -9.90
N LEU A 55 3.83 -1.44 -8.98
CA LEU A 55 3.93 -0.05 -8.54
C LEU A 55 4.12 0.85 -9.76
N ALA A 56 4.68 0.26 -10.81
CA ALA A 56 4.92 1.00 -12.04
C ALA A 56 3.59 1.31 -12.71
N GLU A 57 2.60 0.49 -12.39
CA GLU A 57 1.26 0.67 -12.96
C GLU A 57 0.51 1.77 -12.21
N VAL A 58 1.05 2.13 -11.04
CA VAL A 58 0.44 3.16 -10.22
C VAL A 58 0.65 4.52 -10.88
N GLU A 59 -0.45 5.23 -11.05
CA GLU A 59 -0.40 6.55 -11.66
C GLU A 59 -0.20 7.62 -10.59
N ALA A 60 -0.69 7.33 -9.40
CA ALA A 60 -0.57 8.26 -8.29
C ALA A 60 -1.47 7.81 -7.15
N VAL A 61 -1.20 8.34 -5.97
CA VAL A 61 -1.98 8.01 -4.79
C VAL A 61 -2.44 9.30 -4.10
N ALA A 62 -3.50 9.17 -3.32
CA ALA A 62 -4.04 10.31 -2.60
C ALA A 62 -4.58 9.84 -1.25
N PRO A 63 -4.41 10.71 -0.22
CA PRO A 63 -4.87 10.40 1.12
C PRO A 63 -6.39 10.54 1.22
N GLY A 64 -7.07 9.42 1.06
CA GLY A 64 -8.52 9.40 1.12
C GLY A 64 -9.00 9.54 2.57
N THR A 65 -10.29 9.30 2.75
CA THR A 65 -10.89 9.39 4.08
C THR A 65 -11.50 8.05 4.48
N PRO A 66 -11.71 7.88 5.81
CA PRO A 66 -12.28 6.65 6.34
C PRO A 66 -13.78 6.59 6.06
N THR A 67 -14.14 5.74 5.10
CA THR A 67 -15.53 5.56 4.72
C THR A 67 -16.20 4.53 5.63
N ILE A 68 -17.48 4.29 5.35
CA ILE A 68 -18.24 3.32 6.12
C ILE A 68 -17.66 1.93 5.90
N GLY A 69 -17.38 1.25 7.00
CA GLY A 69 -16.82 -0.08 6.95
C GLY A 69 -15.31 -0.06 7.11
N ALA A 70 -14.83 1.00 7.76
CA ALA A 70 -13.40 1.15 7.98
C ALA A 70 -13.05 0.66 9.39
N PRO A 71 -11.74 0.39 9.60
CA PRO A 71 -11.26 -0.08 10.88
C PRO A 71 -11.24 1.05 11.92
N LYS A 72 -11.88 0.79 13.04
CA LYS A 72 -11.94 1.78 14.11
C LYS A 72 -10.60 1.79 14.86
N THR A 73 -9.54 2.03 14.09
CA THR A 73 -8.20 2.07 14.67
C THR A 73 -7.38 3.20 14.03
N VAL A 74 -7.24 3.12 12.72
CA VAL A 74 -6.50 4.12 11.98
C VAL A 74 -7.33 5.39 11.86
N ASP A 75 -6.65 6.50 11.63
CA ASP A 75 -7.32 7.78 11.48
C ASP A 75 -7.53 8.08 10.00
N GLU A 76 -8.11 9.24 9.73
CA GLU A 76 -8.36 9.66 8.37
C GLU A 76 -7.06 10.10 7.69
N LYS A 77 -6.16 10.62 8.50
CA LYS A 77 -4.88 11.07 7.99
C LYS A 77 -3.93 9.88 7.86
N ALA A 78 -4.41 8.86 7.18
CA ALA A 78 -3.63 7.65 6.97
C ALA A 78 -4.08 6.97 5.68
N PHE A 79 -5.40 6.84 5.56
CA PHE A 79 -5.97 6.20 4.39
C PHE A 79 -5.47 6.85 3.10
N PHE A 80 -5.04 6.01 2.18
CA PHE A 80 -4.52 6.48 0.91
C PHE A 80 -4.97 5.56 -0.24
N ASP A 81 -5.50 6.20 -1.28
CA ASP A 81 -5.97 5.46 -2.44
C ASP A 81 -4.84 5.36 -3.48
N VAL A 82 -4.65 4.15 -3.98
CA VAL A 82 -3.61 3.92 -4.97
C VAL A 82 -4.24 3.77 -6.35
N LYS A 83 -3.96 4.74 -7.20
CA LYS A 83 -4.51 4.73 -8.55
C LYS A 83 -3.54 4.00 -9.48
N THR A 84 -4.06 2.99 -10.16
CA THR A 84 -3.26 2.20 -11.07
C THR A 84 -3.94 2.10 -12.43
N THR A 85 -3.37 1.27 -13.29
CA THR A 85 -3.92 1.07 -14.62
C THR A 85 -5.20 0.23 -14.54
N ARG A 86 -5.05 -0.96 -14.00
CA ARG A 86 -6.19 -1.87 -13.86
C ARG A 86 -7.39 -1.14 -13.28
N ARG A 87 -7.26 -0.75 -12.02
CA ARG A 87 -8.33 -0.04 -11.34
C ARG A 87 -7.79 0.63 -10.06
N VAL A 88 -8.66 1.42 -9.45
CA VAL A 88 -8.29 2.12 -8.23
C VAL A 88 -8.39 1.16 -7.04
N TYR A 89 -7.47 1.34 -6.09
CA TYR A 89 -7.45 0.51 -4.90
C TYR A 89 -7.73 1.33 -3.65
N ASN A 90 -8.04 0.62 -2.57
CA ASN A 90 -8.34 1.27 -1.31
C ASN A 90 -7.44 0.67 -0.21
N PHE A 91 -6.38 1.41 0.09
CA PHE A 91 -5.44 0.97 1.11
C PHE A 91 -5.36 1.98 2.26
N CYS A 92 -4.94 1.50 3.41
CA CYS A 92 -4.80 2.34 4.59
C CYS A 92 -3.93 1.61 5.61
N ALA A 93 -3.04 2.37 6.22
CA ALA A 93 -2.14 1.82 7.22
C ALA A 93 -2.88 1.69 8.56
N GLN A 94 -2.10 1.48 9.61
CA GLN A 94 -2.67 1.34 10.94
C GLN A 94 -2.44 2.62 11.75
N ASP A 95 -1.51 3.42 11.27
CA ASP A 95 -1.18 4.67 11.95
C ASP A 95 -1.21 5.81 10.93
N VAL A 96 -1.32 7.03 11.45
CA VAL A 96 -1.36 8.20 10.60
C VAL A 96 0.03 8.43 9.98
N PRO A 97 1.07 8.35 10.86
CA PRO A 97 2.43 8.55 10.42
C PRO A 97 2.94 7.33 9.65
N SER A 98 2.23 6.23 9.82
CA SER A 98 2.60 4.99 9.15
C SER A 98 2.14 5.02 7.70
N ALA A 99 0.97 5.61 7.49
CA ALA A 99 0.40 5.72 6.16
C ALA A 99 1.27 6.64 5.32
N GLN A 100 1.54 7.82 5.87
CA GLN A 100 2.36 8.80 5.17
C GLN A 100 3.61 8.15 4.61
N GLN A 101 4.20 7.28 5.42
CA GLN A 101 5.41 6.57 5.02
C GLN A 101 5.12 5.67 3.82
N TRP A 102 3.91 5.12 3.81
CA TRP A 102 3.50 4.24 2.73
C TRP A 102 3.37 5.08 1.46
N VAL A 103 2.50 6.08 1.53
CA VAL A 103 2.27 6.95 0.39
C VAL A 103 3.61 7.36 -0.20
N ASP A 104 4.43 7.99 0.63
CA ASP A 104 5.75 8.44 0.20
C ASP A 104 6.45 7.29 -0.53
N ARG A 105 6.62 6.19 0.18
CA ARG A 105 7.27 5.02 -0.39
C ARG A 105 6.77 4.76 -1.81
N ILE A 106 5.47 4.51 -1.89
CA ILE A 106 4.84 4.24 -3.18
C ILE A 106 5.10 5.41 -4.12
N GLN A 107 4.76 6.61 -3.65
CA GLN A 107 4.95 7.80 -4.44
C GLN A 107 6.42 7.94 -4.85
N SER A 108 7.27 7.21 -4.14
CA SER A 108 8.70 7.24 -4.41
C SER A 108 9.02 6.36 -5.62
N CYS A 109 7.99 5.64 -6.08
CA CYS A 109 8.15 4.76 -7.22
C CYS A 109 6.84 4.76 -8.01
N LEU A 110 6.53 5.91 -8.57
CA LEU A 110 5.30 6.05 -9.35
C LEU A 110 5.57 5.60 -10.78
N SER A 111 5.65 6.59 -11.67
CA SER A 111 5.89 6.31 -13.08
C SER A 111 7.30 6.80 -13.47
N SER A 112 7.54 8.07 -13.18
CA SER A 112 8.82 8.67 -13.49
C SER A 112 9.09 9.86 -12.56
N GLY A 113 10.34 10.30 -12.56
CA GLY A 113 10.74 11.41 -11.72
C GLY A 113 12.25 11.43 -11.51
N PRO A 114 12.66 11.87 -10.30
CA PRO A 114 14.08 11.95 -9.96
C PRO A 114 14.65 10.56 -9.68
N SER A 115 15.59 10.16 -10.52
CA SER A 115 16.23 8.87 -10.38
C SER A 115 17.22 8.89 -9.22
N SER A 116 18.19 9.78 -9.35
CA SER A 116 19.23 9.91 -8.32
C SER A 116 19.94 8.58 -8.13
N GLY A 117 21.20 8.55 -8.57
CA GLY A 117 22.00 7.35 -8.45
C GLY A 117 22.50 6.88 -9.83
N GLY A 1 20.71 11.23 -6.47
CA GLY A 1 21.01 9.87 -6.88
C GLY A 1 20.68 8.87 -5.77
N SER A 2 21.37 7.74 -5.81
CA SER A 2 21.15 6.71 -4.81
C SER A 2 22.49 6.06 -4.44
N SER A 3 22.61 5.72 -3.16
CA SER A 3 23.83 5.10 -2.67
C SER A 3 23.72 3.58 -2.79
N GLY A 4 22.54 3.07 -2.51
CA GLY A 4 22.30 1.64 -2.59
C GLY A 4 23.24 0.87 -1.65
N SER A 5 22.71 0.52 -0.50
CA SER A 5 23.49 -0.22 0.49
C SER A 5 23.63 -1.68 0.06
N SER A 6 22.48 -2.30 -0.18
CA SER A 6 22.46 -3.70 -0.59
C SER A 6 21.07 -4.07 -1.10
N GLY A 7 20.07 -3.78 -0.28
CA GLY A 7 18.69 -4.08 -0.63
C GLY A 7 17.75 -3.74 0.52
N ARG A 8 16.93 -4.73 0.88
CA ARG A 8 15.98 -4.56 1.96
C ARG A 8 14.86 -3.60 1.54
N SER A 9 13.64 -4.03 1.77
CA SER A 9 12.48 -3.23 1.42
C SER A 9 11.67 -2.90 2.68
N TYR A 10 10.43 -2.50 2.45
CA TYR A 10 9.54 -2.16 3.56
C TYR A 10 8.48 -3.24 3.77
N GLU A 11 7.81 -3.15 4.91
CA GLU A 11 6.78 -4.11 5.25
C GLU A 11 5.94 -3.61 6.43
N GLY A 12 4.63 -3.72 6.27
CA GLY A 12 3.71 -3.28 7.31
C GLY A 12 2.28 -3.70 6.99
N ILE A 13 1.43 -3.62 8.01
CA ILE A 13 0.04 -3.99 7.85
C ILE A 13 -0.64 -2.99 6.91
N LEU A 14 -1.54 -3.53 6.09
CA LEU A 14 -2.28 -2.70 5.15
C LEU A 14 -3.64 -3.33 4.88
N TYR A 15 -4.67 -2.58 5.21
CA TYR A 15 -6.05 -3.05 5.00
C TYR A 15 -6.50 -2.80 3.57
N LYS A 16 -7.33 -3.70 3.08
CA LYS A 16 -7.85 -3.59 1.72
C LYS A 16 -9.38 -3.56 1.76
N LYS A 17 -9.94 -2.57 1.09
CA LYS A 17 -11.38 -2.41 1.04
C LYS A 17 -12.02 -3.74 0.61
N GLY A 18 -13.04 -4.14 1.35
CA GLY A 18 -13.73 -5.38 1.06
C GLY A 18 -15.21 -5.12 0.77
N ALA A 19 -15.45 -4.38 -0.32
CA ALA A 19 -16.80 -4.05 -0.71
C ALA A 19 -17.50 -3.29 0.43
N PHE A 20 -18.77 -3.01 0.21
CA PHE A 20 -19.55 -2.30 1.21
C PHE A 20 -20.23 -3.27 2.19
N MET A 21 -20.91 -2.69 3.17
CA MET A 21 -21.59 -3.50 4.16
C MET A 21 -20.61 -4.07 5.19
N LYS A 22 -19.79 -5.00 4.72
CA LYS A 22 -18.80 -5.62 5.58
C LYS A 22 -17.60 -4.69 5.73
N PRO A 23 -16.82 -4.91 6.82
CA PRO A 23 -15.65 -4.11 7.09
C PRO A 23 -14.49 -4.48 6.15
N TRP A 24 -13.41 -3.75 6.28
CA TRP A 24 -12.24 -3.98 5.45
C TRP A 24 -11.42 -5.11 6.09
N LYS A 25 -10.64 -5.79 5.27
CA LYS A 25 -9.82 -6.88 5.74
C LYS A 25 -8.37 -6.40 5.86
N ALA A 26 -7.74 -6.80 6.97
CA ALA A 26 -6.36 -6.42 7.21
C ALA A 26 -5.44 -7.56 6.78
N ARG A 27 -4.47 -7.22 5.94
CA ARG A 27 -3.52 -8.19 5.45
C ARG A 27 -2.09 -7.65 5.57
N TRP A 28 -1.14 -8.53 5.32
CA TRP A 28 0.26 -8.16 5.38
C TRP A 28 0.74 -7.85 3.97
N PHE A 29 1.09 -6.59 3.76
CA PHE A 29 1.56 -6.16 2.46
C PHE A 29 3.09 -5.99 2.46
N VAL A 30 3.63 -5.78 1.26
CA VAL A 30 5.06 -5.60 1.11
C VAL A 30 5.32 -4.51 0.07
N LEU A 31 6.28 -3.65 0.40
CA LEU A 31 6.64 -2.56 -0.49
C LEU A 31 8.08 -2.77 -0.99
N ASP A 32 8.20 -3.57 -2.05
CA ASP A 32 9.49 -3.84 -2.62
C ASP A 32 9.98 -2.63 -3.40
N LYS A 33 11.27 -2.36 -3.28
CA LYS A 33 11.88 -1.22 -3.96
C LYS A 33 12.77 -1.74 -5.09
N THR A 34 13.25 -2.95 -4.93
CA THR A 34 14.12 -3.56 -5.93
C THR A 34 13.28 -4.06 -7.11
N LYS A 35 12.07 -4.49 -6.80
CA LYS A 35 11.16 -4.99 -7.83
C LYS A 35 10.11 -3.93 -8.13
N HIS A 36 9.81 -3.13 -7.12
CA HIS A 36 8.82 -2.08 -7.27
C HIS A 36 7.44 -2.69 -7.49
N GLN A 37 7.05 -3.55 -6.55
CA GLN A 37 5.76 -4.21 -6.64
C GLN A 37 5.13 -4.32 -5.24
N LEU A 38 3.83 -4.55 -5.25
CA LEU A 38 3.10 -4.68 -3.99
C LEU A 38 2.72 -6.14 -3.77
N ARG A 39 3.34 -6.74 -2.77
CA ARG A 39 3.08 -8.14 -2.45
C ARG A 39 2.38 -8.24 -1.10
N TYR A 40 1.23 -8.90 -1.11
CA TYR A 40 0.45 -9.08 0.11
C TYR A 40 0.10 -10.55 0.31
N TYR A 41 0.37 -11.02 1.53
CA TYR A 41 0.09 -12.40 1.87
C TYR A 41 -1.14 -12.50 2.79
N ASP A 42 -1.96 -13.50 2.51
CA ASP A 42 -3.16 -13.72 3.30
C ASP A 42 -2.83 -13.58 4.78
N HIS A 43 -1.62 -13.99 5.13
CA HIS A 43 -1.17 -13.91 6.51
C HIS A 43 0.26 -13.35 6.56
N ARG A 44 0.68 -12.99 7.76
CA ARG A 44 2.01 -12.44 7.95
C ARG A 44 3.05 -13.30 7.22
N MET A 45 3.04 -14.59 7.52
CA MET A 45 3.98 -15.51 6.90
C MET A 45 3.23 -16.64 6.19
N ASP A 46 3.26 -16.59 4.87
CA ASP A 46 2.60 -17.60 4.07
C ASP A 46 3.59 -18.20 3.08
N THR A 47 3.25 -19.38 2.57
CA THR A 47 4.11 -20.06 1.61
C THR A 47 4.71 -19.06 0.63
N GLU A 48 3.82 -18.42 -0.12
CA GLU A 48 4.25 -17.43 -1.11
C GLU A 48 3.28 -16.25 -1.14
N CYS A 49 3.68 -15.22 -1.86
CA CYS A 49 2.85 -14.03 -1.97
C CYS A 49 1.64 -14.37 -2.84
N LYS A 50 0.51 -13.75 -2.50
CA LYS A 50 -0.72 -13.98 -3.22
C LYS A 50 -1.19 -12.66 -3.86
N GLY A 51 -0.74 -12.44 -5.08
CA GLY A 51 -1.11 -11.24 -5.80
C GLY A 51 0.08 -10.28 -5.90
N VAL A 52 -0.02 -9.36 -6.85
CA VAL A 52 1.04 -8.38 -7.05
C VAL A 52 0.43 -7.10 -7.62
N ILE A 53 1.08 -5.98 -7.32
CA ILE A 53 0.62 -4.69 -7.78
C ILE A 53 1.82 -3.87 -8.26
N ASP A 54 2.02 -3.89 -9.58
CA ASP A 54 3.11 -3.14 -10.17
C ASP A 54 3.06 -1.68 -9.73
N LEU A 55 4.12 -1.25 -9.08
CA LEU A 55 4.20 0.12 -8.59
C LEU A 55 4.48 1.06 -9.77
N ALA A 56 5.23 0.54 -10.73
CA ALA A 56 5.57 1.31 -11.91
C ALA A 56 4.31 1.61 -12.71
N GLU A 57 3.24 0.88 -12.38
CA GLU A 57 1.97 1.07 -13.05
C GLU A 57 1.12 2.10 -12.31
N VAL A 58 1.38 2.21 -11.01
CA VAL A 58 0.64 3.15 -10.19
C VAL A 58 0.70 4.54 -10.82
N GLU A 59 -0.47 5.03 -11.19
CA GLU A 59 -0.56 6.35 -11.81
C GLU A 59 -0.36 7.45 -10.77
N ALA A 60 -0.76 7.13 -9.54
CA ALA A 60 -0.62 8.08 -8.45
C ALA A 60 -1.52 7.64 -7.29
N VAL A 61 -1.26 8.23 -6.13
CA VAL A 61 -2.04 7.91 -4.94
C VAL A 61 -2.56 9.21 -4.32
N ALA A 62 -3.62 9.07 -3.54
CA ALA A 62 -4.23 10.22 -2.88
C ALA A 62 -4.79 9.78 -1.53
N PRO A 63 -4.69 10.71 -0.54
CA PRO A 63 -5.18 10.43 0.81
C PRO A 63 -6.71 10.50 0.85
N GLY A 64 -7.34 9.36 0.58
CA GLY A 64 -8.78 9.28 0.59
C GLY A 64 -9.33 9.37 2.02
N THR A 65 -10.65 9.31 2.12
CA THR A 65 -11.31 9.39 3.41
C THR A 65 -11.94 8.04 3.76
N PRO A 66 -12.12 7.81 5.09
CA PRO A 66 -12.71 6.57 5.56
C PRO A 66 -14.22 6.56 5.33
N THR A 67 -14.64 5.65 4.46
CA THR A 67 -16.05 5.51 4.14
C THR A 67 -16.69 4.43 5.00
N ILE A 68 -17.91 4.07 4.62
CA ILE A 68 -18.65 3.05 5.34
C ILE A 68 -17.95 1.70 5.16
N GLY A 69 -17.77 1.01 6.28
CA GLY A 69 -17.10 -0.29 6.26
C GLY A 69 -15.71 -0.21 6.89
N ALA A 70 -14.95 0.77 6.42
CA ALA A 70 -13.59 0.96 6.92
C ALA A 70 -13.61 0.98 8.45
N PRO A 71 -12.44 0.65 9.05
CA PRO A 71 -12.32 0.62 10.49
C PRO A 71 -12.25 2.05 11.06
N LYS A 72 -12.96 2.23 12.16
CA LYS A 72 -12.99 3.54 12.81
C LYS A 72 -11.60 3.86 13.36
N THR A 73 -11.03 2.88 14.04
CA THR A 73 -9.71 3.04 14.63
C THR A 73 -8.81 3.85 13.68
N VAL A 74 -8.73 3.38 12.45
CA VAL A 74 -7.91 4.05 11.45
C VAL A 74 -8.40 5.49 11.28
N ASP A 75 -7.45 6.37 11.00
CA ASP A 75 -7.77 7.77 10.80
C ASP A 75 -7.73 8.10 9.31
N GLU A 76 -8.54 9.08 8.94
CA GLU A 76 -8.62 9.50 7.54
C GLU A 76 -7.23 9.85 7.02
N LYS A 77 -6.37 10.24 7.95
CA LYS A 77 -5.00 10.61 7.60
C LYS A 77 -4.18 9.34 7.35
N ALA A 78 -4.85 8.20 7.50
CA ALA A 78 -4.20 6.92 7.31
C ALA A 78 -4.89 6.17 6.17
N PHE A 79 -5.47 6.94 5.25
CA PHE A 79 -6.17 6.36 4.12
C PHE A 79 -5.69 6.97 2.81
N PHE A 80 -5.10 6.12 1.97
CA PHE A 80 -4.59 6.57 0.68
C PHE A 80 -4.99 5.59 -0.43
N ASP A 81 -5.54 6.16 -1.49
CA ASP A 81 -5.96 5.36 -2.64
C ASP A 81 -4.80 5.19 -3.60
N VAL A 82 -4.69 3.98 -4.15
CA VAL A 82 -3.63 3.67 -5.09
C VAL A 82 -4.22 3.50 -6.49
N LYS A 83 -3.95 4.47 -7.33
CA LYS A 83 -4.45 4.44 -8.70
C LYS A 83 -3.44 3.72 -9.59
N THR A 84 -3.90 2.68 -10.24
CA THR A 84 -3.06 1.89 -11.13
C THR A 84 -3.68 1.80 -12.52
N THR A 85 -3.06 0.99 -13.36
CA THR A 85 -3.55 0.80 -14.72
C THR A 85 -4.75 -0.14 -14.74
N ARG A 86 -4.75 -1.06 -13.79
CA ARG A 86 -5.83 -2.02 -13.68
C ARG A 86 -7.07 -1.36 -13.10
N ARG A 87 -7.03 -1.14 -11.78
CA ARG A 87 -8.14 -0.51 -11.10
C ARG A 87 -7.64 0.29 -9.90
N VAL A 88 -8.57 0.96 -9.24
CA VAL A 88 -8.24 1.76 -8.07
C VAL A 88 -8.31 0.90 -6.82
N TYR A 89 -7.30 1.05 -5.97
CA TYR A 89 -7.23 0.29 -4.74
C TYR A 89 -7.40 1.20 -3.53
N ASN A 90 -8.12 0.69 -2.54
CA ASN A 90 -8.36 1.45 -1.32
C ASN A 90 -7.55 0.85 -0.18
N PHE A 91 -6.44 1.49 0.14
CA PHE A 91 -5.57 1.02 1.20
C PHE A 91 -5.54 2.02 2.36
N CYS A 92 -4.99 1.56 3.48
CA CYS A 92 -4.88 2.40 4.66
C CYS A 92 -3.98 1.70 5.67
N ALA A 93 -3.06 2.48 6.22
CA ALA A 93 -2.13 1.95 7.21
C ALA A 93 -2.84 1.76 8.54
N GLN A 94 -2.09 1.31 9.53
CA GLN A 94 -2.63 1.09 10.86
C GLN A 94 -2.48 2.34 11.72
N ASP A 95 -1.49 3.15 11.35
CA ASP A 95 -1.23 4.39 12.08
C ASP A 95 -1.30 5.57 11.10
N VAL A 96 -1.25 6.76 11.68
CA VAL A 96 -1.31 7.98 10.89
C VAL A 96 0.04 8.20 10.21
N PRO A 97 1.12 8.10 11.02
CA PRO A 97 2.47 8.29 10.52
C PRO A 97 2.92 7.07 9.71
N SER A 98 2.23 5.97 9.92
CA SER A 98 2.55 4.74 9.22
C SER A 98 2.07 4.81 7.77
N ALA A 99 0.91 5.43 7.60
CA ALA A 99 0.34 5.59 6.28
C ALA A 99 1.19 6.55 5.45
N GLN A 100 1.42 7.71 6.03
CA GLN A 100 2.22 8.73 5.35
C GLN A 100 3.49 8.10 4.76
N GLN A 101 4.13 7.26 5.56
CA GLN A 101 5.34 6.58 5.14
C GLN A 101 5.06 5.73 3.90
N TRP A 102 3.93 5.04 3.93
CA TRP A 102 3.53 4.19 2.83
C TRP A 102 3.43 5.05 1.57
N VAL A 103 2.57 6.06 1.65
CA VAL A 103 2.36 6.96 0.53
C VAL A 103 3.72 7.40 -0.01
N ASP A 104 4.51 8.02 0.86
CA ASP A 104 5.83 8.49 0.48
C ASP A 104 6.55 7.40 -0.32
N ARG A 105 6.65 6.23 0.29
CA ARG A 105 7.30 5.10 -0.35
C ARG A 105 6.75 4.91 -1.76
N ILE A 106 5.47 4.56 -1.82
CA ILE A 106 4.81 4.33 -3.09
C ILE A 106 5.08 5.53 -4.01
N GLN A 107 4.72 6.70 -3.53
CA GLN A 107 4.91 7.93 -4.29
C GLN A 107 6.35 8.04 -4.75
N SER A 108 7.24 7.49 -3.94
CA SER A 108 8.66 7.52 -4.25
C SER A 108 8.99 6.49 -5.33
N CYS A 109 7.97 5.71 -5.69
CA CYS A 109 8.14 4.69 -6.71
C CYS A 109 7.84 5.31 -8.07
N LEU A 110 6.59 5.74 -8.23
CA LEU A 110 6.16 6.35 -9.47
C LEU A 110 7.32 7.15 -10.06
N SER A 111 7.54 8.33 -9.51
CA SER A 111 8.60 9.19 -9.97
C SER A 111 9.96 8.54 -9.69
N SER A 112 10.95 8.97 -10.48
CA SER A 112 12.30 8.44 -10.33
C SER A 112 12.29 6.92 -10.54
N GLY A 113 13.43 6.40 -10.96
CA GLY A 113 13.58 4.99 -11.21
C GLY A 113 14.82 4.69 -12.05
N PRO A 114 14.70 3.65 -12.92
CA PRO A 114 15.80 3.27 -13.78
C PRO A 114 15.99 4.27 -14.92
N SER A 115 14.87 4.82 -15.37
CA SER A 115 14.89 5.78 -16.45
C SER A 115 15.82 5.30 -17.57
N SER A 116 15.24 4.56 -18.50
CA SER A 116 16.01 4.03 -19.62
C SER A 116 15.25 4.26 -20.93
N GLY A 117 14.05 3.72 -20.98
CA GLY A 117 13.20 3.85 -22.15
C GLY A 117 11.98 4.71 -21.86
N GLY A 1 12.55 10.80 9.15
CA GLY A 1 12.04 9.47 9.43
C GLY A 1 13.18 8.49 9.69
N SER A 2 12.90 7.21 9.46
CA SER A 2 13.89 6.17 9.67
C SER A 2 13.90 5.21 8.48
N SER A 3 14.90 4.35 8.45
CA SER A 3 15.04 3.38 7.38
C SER A 3 15.73 2.12 7.90
N GLY A 4 14.93 1.10 8.18
CA GLY A 4 15.46 -0.16 8.68
C GLY A 4 14.54 -1.32 8.31
N SER A 5 13.76 -1.76 9.29
CA SER A 5 12.84 -2.86 9.08
C SER A 5 13.60 -4.10 8.63
N SER A 6 12.90 -5.22 8.61
CA SER A 6 13.50 -6.48 8.19
C SER A 6 13.24 -6.71 6.71
N GLY A 7 14.31 -6.66 5.93
CA GLY A 7 14.21 -6.87 4.51
C GLY A 7 14.80 -5.68 3.74
N ARG A 8 14.78 -5.80 2.42
CA ARG A 8 15.30 -4.75 1.56
C ARG A 8 14.17 -3.85 1.09
N SER A 9 13.05 -3.93 1.79
CA SER A 9 11.89 -3.12 1.45
C SER A 9 11.19 -2.65 2.72
N TYR A 10 10.00 -2.10 2.53
CA TYR A 10 9.22 -1.60 3.65
C TYR A 10 7.93 -2.41 3.82
N GLU A 11 7.89 -3.15 4.92
CA GLU A 11 6.72 -3.98 5.21
C GLU A 11 5.90 -3.35 6.35
N GLY A 12 4.64 -3.74 6.41
CA GLY A 12 3.74 -3.23 7.43
C GLY A 12 2.29 -3.62 7.14
N ILE A 13 1.49 -3.64 8.19
CA ILE A 13 0.09 -4.00 8.06
C ILE A 13 -0.60 -3.01 7.12
N LEU A 14 -1.46 -3.56 6.27
CA LEU A 14 -2.20 -2.74 5.32
C LEU A 14 -3.56 -3.36 5.06
N TYR A 15 -4.60 -2.60 5.38
CA TYR A 15 -5.96 -3.05 5.20
C TYR A 15 -6.43 -2.79 3.77
N LYS A 16 -7.42 -3.58 3.36
CA LYS A 16 -7.97 -3.43 2.02
C LYS A 16 -9.49 -3.19 2.11
N LYS A 17 -10.04 -2.70 1.01
CA LYS A 17 -11.47 -2.42 0.96
C LYS A 17 -12.14 -3.39 -0.01
N GLY A 18 -13.37 -3.75 0.32
CA GLY A 18 -14.13 -4.67 -0.49
C GLY A 18 -13.95 -6.11 -0.03
N ALA A 19 -15.05 -6.72 0.39
CA ALA A 19 -15.02 -8.09 0.86
C ALA A 19 -16.45 -8.63 0.94
N PHE A 20 -16.57 -9.81 1.53
CA PHE A 20 -17.87 -10.45 1.67
C PHE A 20 -18.62 -9.90 2.89
N MET A 21 -19.32 -8.80 2.66
CA MET A 21 -20.08 -8.17 3.74
C MET A 21 -19.15 -7.55 4.78
N LYS A 22 -18.32 -8.40 5.35
CA LYS A 22 -17.38 -7.95 6.37
C LYS A 22 -16.78 -6.61 5.95
N PRO A 23 -16.22 -5.89 6.95
CA PRO A 23 -15.61 -4.59 6.70
C PRO A 23 -14.26 -4.75 6.00
N TRP A 24 -13.48 -3.68 6.05
CA TRP A 24 -12.16 -3.69 5.44
C TRP A 24 -11.40 -4.91 5.96
N LYS A 25 -10.58 -5.47 5.08
CA LYS A 25 -9.80 -6.64 5.43
C LYS A 25 -8.37 -6.20 5.76
N ALA A 26 -7.78 -6.90 6.73
CA ALA A 26 -6.42 -6.60 7.15
C ALA A 26 -5.50 -7.75 6.74
N ARG A 27 -4.46 -7.39 6.00
CA ARG A 27 -3.49 -8.38 5.54
C ARG A 27 -2.08 -7.79 5.58
N TRP A 28 -1.11 -8.69 5.53
CA TRP A 28 0.28 -8.28 5.55
C TRP A 28 0.72 -7.99 4.11
N PHE A 29 1.14 -6.75 3.90
CA PHE A 29 1.58 -6.33 2.58
C PHE A 29 3.10 -6.15 2.54
N VAL A 30 3.62 -6.01 1.33
CA VAL A 30 5.05 -5.83 1.14
C VAL A 30 5.29 -4.70 0.15
N LEU A 31 6.23 -3.83 0.50
CA LEU A 31 6.56 -2.70 -0.35
C LEU A 31 7.93 -2.94 -1.00
N ASP A 32 7.89 -3.66 -2.11
CA ASP A 32 9.11 -3.98 -2.84
C ASP A 32 9.60 -2.71 -3.56
N LYS A 33 10.92 -2.58 -3.61
CA LYS A 33 11.53 -1.42 -4.27
C LYS A 33 12.43 -1.91 -5.41
N THR A 34 13.15 -2.98 -5.12
CA THR A 34 14.05 -3.57 -6.10
C THR A 34 13.31 -3.82 -7.42
N LYS A 35 12.10 -4.34 -7.29
CA LYS A 35 11.29 -4.64 -8.46
C LYS A 35 10.02 -3.78 -8.41
N HIS A 36 9.98 -2.88 -7.45
CA HIS A 36 8.84 -1.99 -7.28
C HIS A 36 7.55 -2.77 -7.52
N GLN A 37 7.04 -3.36 -6.46
CA GLN A 37 5.82 -4.14 -6.54
C GLN A 37 5.14 -4.21 -5.16
N LEU A 38 3.91 -4.68 -5.17
CA LEU A 38 3.14 -4.80 -3.94
C LEU A 38 2.75 -6.27 -3.74
N ARG A 39 3.44 -6.91 -2.79
CA ARG A 39 3.16 -8.30 -2.49
C ARG A 39 2.51 -8.43 -1.11
N TYR A 40 1.34 -9.06 -1.11
CA TYR A 40 0.61 -9.25 0.13
C TYR A 40 0.28 -10.73 0.36
N TYR A 41 0.47 -11.16 1.59
CA TYR A 41 0.20 -12.56 1.95
C TYR A 41 -0.75 -12.64 3.14
N ASP A 42 -1.30 -13.83 3.33
CA ASP A 42 -2.23 -14.06 4.43
C ASP A 42 -1.45 -14.15 5.73
N HIS A 43 -0.30 -14.81 5.67
CA HIS A 43 0.54 -14.97 6.84
C HIS A 43 1.94 -14.43 6.54
N ARG A 44 2.65 -14.08 7.62
CA ARG A 44 3.99 -13.55 7.48
C ARG A 44 4.97 -14.67 7.12
N MET A 45 4.91 -15.75 7.89
CA MET A 45 5.78 -16.88 7.65
C MET A 45 5.21 -17.79 6.55
N ASP A 46 4.91 -17.18 5.41
CA ASP A 46 4.36 -17.91 4.28
C ASP A 46 5.34 -17.83 3.10
N THR A 47 5.17 -18.77 2.19
CA THR A 47 6.03 -18.82 1.02
C THR A 47 5.19 -18.94 -0.25
N GLU A 48 4.15 -18.12 -0.32
CA GLU A 48 3.26 -18.13 -1.48
C GLU A 48 2.65 -16.74 -1.67
N CYS A 49 3.02 -16.12 -2.78
CA CYS A 49 2.51 -14.80 -3.11
C CYS A 49 1.25 -14.97 -3.96
N LYS A 50 0.18 -14.31 -3.51
CA LYS A 50 -1.08 -14.38 -4.21
C LYS A 50 -1.50 -12.97 -4.64
N GLY A 51 -1.09 -12.61 -5.85
CA GLY A 51 -1.41 -11.30 -6.39
C GLY A 51 -0.22 -10.34 -6.24
N VAL A 52 -0.07 -9.50 -7.25
CA VAL A 52 1.03 -8.53 -7.25
C VAL A 52 0.53 -7.21 -7.83
N ILE A 53 1.09 -6.12 -7.33
CA ILE A 53 0.72 -4.80 -7.77
C ILE A 53 1.97 -4.05 -8.23
N ASP A 54 2.13 -3.97 -9.55
CA ASP A 54 3.27 -3.28 -10.12
C ASP A 54 3.19 -1.79 -9.77
N LEU A 55 4.15 -1.36 -8.95
CA LEU A 55 4.20 0.03 -8.53
C LEU A 55 4.48 0.91 -9.76
N ALA A 56 5.21 0.35 -10.70
CA ALA A 56 5.56 1.07 -11.91
C ALA A 56 4.28 1.35 -12.71
N GLU A 57 3.22 0.68 -12.32
CA GLU A 57 1.94 0.86 -12.98
C GLU A 57 1.10 1.91 -12.25
N VAL A 58 1.44 2.11 -10.99
CA VAL A 58 0.73 3.08 -10.16
C VAL A 58 0.86 4.48 -10.79
N GLU A 59 -0.28 5.13 -10.95
CA GLU A 59 -0.31 6.46 -11.54
C GLU A 59 -0.09 7.52 -10.46
N ALA A 60 -0.58 7.21 -9.27
CA ALA A 60 -0.46 8.13 -8.15
C ALA A 60 -1.38 7.67 -7.01
N VAL A 61 -1.20 8.29 -5.86
CA VAL A 61 -2.00 7.96 -4.70
C VAL A 61 -2.47 9.25 -4.02
N ALA A 62 -3.56 9.13 -3.27
CA ALA A 62 -4.12 10.27 -2.58
C ALA A 62 -4.72 9.81 -1.25
N PRO A 63 -4.59 10.69 -0.22
CA PRO A 63 -5.12 10.39 1.10
C PRO A 63 -6.64 10.52 1.13
N GLY A 64 -7.29 9.41 1.45
CA GLY A 64 -8.75 9.39 1.51
C GLY A 64 -9.23 9.52 2.96
N THR A 65 -10.54 9.46 3.12
CA THR A 65 -11.14 9.57 4.44
C THR A 65 -11.72 8.23 4.88
N PRO A 66 -11.92 8.09 6.21
CA PRO A 66 -12.46 6.86 6.77
C PRO A 66 -13.97 6.76 6.51
N THR A 67 -14.30 6.13 5.39
CA THR A 67 -15.69 5.95 5.01
C THR A 67 -16.34 4.85 5.84
N ILE A 68 -17.57 4.51 5.48
CA ILE A 68 -18.30 3.48 6.18
C ILE A 68 -17.70 2.11 5.85
N GLY A 69 -17.56 1.29 6.87
CA GLY A 69 -16.99 -0.04 6.69
C GLY A 69 -15.56 -0.10 7.22
N ALA A 70 -14.83 0.97 6.96
CA ALA A 70 -13.45 1.06 7.39
C ALA A 70 -13.36 0.69 8.87
N PRO A 71 -12.10 0.45 9.33
CA PRO A 71 -11.86 0.09 10.72
C PRO A 71 -11.99 1.31 11.63
N LYS A 72 -12.52 1.08 12.81
CA LYS A 72 -12.71 2.15 13.78
C LYS A 72 -11.44 2.28 14.63
N THR A 73 -10.30 2.31 13.94
CA THR A 73 -9.02 2.43 14.62
C THR A 73 -8.13 3.43 13.88
N VAL A 74 -7.98 3.20 12.58
CA VAL A 74 -7.17 4.06 11.75
C VAL A 74 -7.80 5.45 11.68
N ASP A 75 -6.94 6.46 11.65
CA ASP A 75 -7.42 7.83 11.58
C ASP A 75 -7.75 8.19 10.13
N GLU A 76 -8.08 9.44 9.92
CA GLU A 76 -8.42 9.92 8.57
C GLU A 76 -7.15 10.31 7.82
N LYS A 77 -6.12 10.64 8.57
CA LYS A 77 -4.85 11.02 7.98
C LYS A 77 -3.97 9.78 7.81
N ALA A 78 -4.54 8.77 7.19
CA ALA A 78 -3.82 7.53 6.96
C ALA A 78 -4.31 6.89 5.66
N PHE A 79 -5.64 6.76 5.56
CA PHE A 79 -6.24 6.18 4.38
C PHE A 79 -5.72 6.84 3.10
N PHE A 80 -5.20 6.00 2.21
CA PHE A 80 -4.66 6.49 0.95
C PHE A 80 -5.10 5.59 -0.21
N ASP A 81 -5.64 6.24 -1.24
CA ASP A 81 -6.10 5.51 -2.41
C ASP A 81 -4.94 5.39 -3.41
N VAL A 82 -4.77 4.18 -3.92
CA VAL A 82 -3.72 3.92 -4.88
C VAL A 82 -4.32 3.78 -6.28
N LYS A 83 -3.95 4.73 -7.14
CA LYS A 83 -4.45 4.73 -8.51
C LYS A 83 -3.48 3.95 -9.40
N THR A 84 -4.01 2.91 -10.03
CA THR A 84 -3.21 2.08 -10.90
C THR A 84 -3.91 1.88 -12.25
N THR A 85 -3.15 1.43 -13.23
CA THR A 85 -3.69 1.19 -14.56
C THR A 85 -4.85 0.20 -14.49
N ARG A 86 -4.58 -0.94 -13.87
CA ARG A 86 -5.59 -1.97 -13.73
C ARG A 86 -6.88 -1.38 -13.16
N ARG A 87 -6.81 -0.96 -11.91
CA ARG A 87 -7.96 -0.38 -11.24
C ARG A 87 -7.53 0.33 -9.96
N VAL A 88 -8.42 1.16 -9.44
CA VAL A 88 -8.15 1.90 -8.22
C VAL A 88 -8.23 0.94 -7.03
N TYR A 89 -7.32 1.15 -6.08
CA TYR A 89 -7.28 0.31 -4.89
C TYR A 89 -7.58 1.14 -3.64
N ASN A 90 -7.86 0.43 -2.55
CA ASN A 90 -8.16 1.08 -1.29
C ASN A 90 -7.25 0.51 -0.20
N PHE A 91 -6.24 1.30 0.16
CA PHE A 91 -5.30 0.88 1.19
C PHE A 91 -5.19 1.94 2.28
N CYS A 92 -4.75 1.50 3.45
CA CYS A 92 -4.59 2.39 4.58
C CYS A 92 -3.73 1.69 5.63
N ALA A 93 -2.92 2.50 6.32
CA ALA A 93 -2.04 1.96 7.34
C ALA A 93 -2.81 1.85 8.66
N GLN A 94 -2.08 1.45 9.69
CA GLN A 94 -2.68 1.30 11.01
C GLN A 94 -2.53 2.60 11.82
N ASP A 95 -1.61 3.44 11.35
CA ASP A 95 -1.36 4.70 12.02
C ASP A 95 -1.38 5.83 10.99
N VAL A 96 -1.36 7.06 11.50
CA VAL A 96 -1.38 8.22 10.63
C VAL A 96 0.00 8.38 9.97
N PRO A 97 1.06 8.27 10.82
CA PRO A 97 2.42 8.40 10.34
C PRO A 97 2.85 7.15 9.58
N SER A 98 2.15 6.06 9.85
CA SER A 98 2.46 4.80 9.19
C SER A 98 1.99 4.84 7.74
N ALA A 99 0.84 5.47 7.53
CA ALA A 99 0.28 5.57 6.20
C ALA A 99 1.16 6.49 5.35
N GLN A 100 1.43 7.67 5.88
CA GLN A 100 2.26 8.64 5.18
C GLN A 100 3.51 7.96 4.62
N GLN A 101 4.11 7.12 5.45
CA GLN A 101 5.31 6.40 5.05
C GLN A 101 5.03 5.57 3.79
N TRP A 102 3.85 4.98 3.76
CA TRP A 102 3.45 4.16 2.64
C TRP A 102 3.34 5.06 1.41
N VAL A 103 2.45 6.04 1.51
CA VAL A 103 2.24 6.98 0.43
C VAL A 103 3.60 7.41 -0.15
N ASP A 104 4.39 8.04 0.71
CA ASP A 104 5.71 8.50 0.31
C ASP A 104 6.41 7.40 -0.49
N ARG A 105 6.65 6.29 0.18
CA ARG A 105 7.31 5.15 -0.46
C ARG A 105 6.79 4.97 -1.89
N ILE A 106 5.52 4.57 -1.97
CA ILE A 106 4.89 4.36 -3.25
C ILE A 106 5.12 5.59 -4.14
N GLN A 107 4.75 6.74 -3.61
CA GLN A 107 4.91 7.98 -4.35
C GLN A 107 6.36 8.13 -4.83
N SER A 108 7.26 7.46 -4.12
CA SER A 108 8.67 7.51 -4.47
C SER A 108 8.94 6.65 -5.70
N CYS A 109 7.91 5.91 -6.10
CA CYS A 109 8.02 5.04 -7.25
C CYS A 109 6.69 5.06 -7.99
N LEU A 110 6.41 6.18 -8.65
CA LEU A 110 5.19 6.34 -9.40
C LEU A 110 5.44 6.01 -10.87
N SER A 111 5.46 7.06 -11.69
CA SER A 111 5.69 6.89 -13.11
C SER A 111 7.19 6.83 -13.39
N SER A 112 7.90 7.84 -12.92
CA SER A 112 9.33 7.92 -13.12
C SER A 112 10.02 8.26 -11.80
N GLY A 113 11.12 7.55 -11.54
CA GLY A 113 11.88 7.76 -10.32
C GLY A 113 12.60 9.10 -10.35
N PRO A 114 13.34 9.38 -9.25
CA PRO A 114 14.08 10.63 -9.14
C PRO A 114 15.35 10.59 -10.01
N SER A 115 15.89 11.78 -10.27
CA SER A 115 17.08 11.89 -11.08
C SER A 115 18.08 12.84 -10.42
N SER A 116 19.22 12.29 -10.04
CA SER A 116 20.25 13.06 -9.39
C SER A 116 20.76 14.16 -10.34
N GLY A 117 20.95 15.34 -9.79
CA GLY A 117 21.43 16.46 -10.57
C GLY A 117 22.66 17.11 -9.92
N GLY A 1 15.97 5.20 -7.26
CA GLY A 1 15.26 5.23 -5.99
C GLY A 1 16.21 5.55 -4.84
N SER A 2 16.91 4.52 -4.40
CA SER A 2 17.86 4.67 -3.30
C SER A 2 19.22 4.13 -3.70
N SER A 3 20.24 4.56 -2.96
CA SER A 3 21.60 4.13 -3.23
C SER A 3 22.04 3.10 -2.20
N GLY A 4 22.55 1.98 -2.70
CA GLY A 4 23.02 0.91 -1.83
C GLY A 4 23.23 -0.38 -2.61
N SER A 5 22.89 -1.49 -1.98
CA SER A 5 23.04 -2.79 -2.60
C SER A 5 22.18 -3.82 -1.88
N SER A 6 22.44 -3.97 -0.58
CA SER A 6 21.69 -4.92 0.23
C SER A 6 20.20 -4.82 -0.09
N GLY A 7 19.52 -5.95 0.02
CA GLY A 7 18.10 -6.01 -0.25
C GLY A 7 17.28 -5.76 1.03
N ARG A 8 16.35 -4.82 0.91
CA ARG A 8 15.51 -4.48 2.05
C ARG A 8 14.37 -3.56 1.60
N SER A 9 13.16 -3.98 1.92
CA SER A 9 11.98 -3.21 1.57
C SER A 9 11.22 -2.78 2.83
N TYR A 10 10.02 -2.27 2.61
CA TYR A 10 9.19 -1.82 3.71
C TYR A 10 7.94 -2.68 3.85
N GLU A 11 7.74 -3.21 5.04
CA GLU A 11 6.59 -4.06 5.31
C GLU A 11 5.77 -3.49 6.47
N GLY A 12 4.46 -3.62 6.35
CA GLY A 12 3.56 -3.13 7.37
C GLY A 12 2.11 -3.50 7.05
N ILE A 13 1.33 -3.68 8.11
CA ILE A 13 -0.08 -4.03 7.96
C ILE A 13 -0.73 -3.08 6.95
N LEU A 14 -1.57 -3.66 6.10
CA LEU A 14 -2.27 -2.88 5.10
C LEU A 14 -3.61 -3.55 4.78
N TYR A 15 -4.67 -2.80 5.04
CA TYR A 15 -6.01 -3.31 4.78
C TYR A 15 -6.40 -3.13 3.31
N LYS A 16 -7.36 -3.94 2.88
CA LYS A 16 -7.82 -3.88 1.50
C LYS A 16 -9.33 -4.11 1.47
N LYS A 17 -10.05 -3.03 1.21
CA LYS A 17 -11.51 -3.10 1.15
C LYS A 17 -11.92 -4.38 0.44
N GLY A 18 -13.08 -4.90 0.84
CA GLY A 18 -13.59 -6.11 0.24
C GLY A 18 -15.03 -5.91 -0.25
N ALA A 19 -15.95 -6.59 0.43
CA ALA A 19 -17.36 -6.49 0.06
C ALA A 19 -18.19 -7.30 1.06
N PHE A 20 -18.46 -6.68 2.21
CA PHE A 20 -19.23 -7.33 3.24
C PHE A 20 -19.30 -6.47 4.51
N MET A 21 -20.31 -6.73 5.32
CA MET A 21 -20.49 -6.00 6.55
C MET A 21 -19.17 -5.88 7.32
N LYS A 22 -18.55 -7.03 7.56
CA LYS A 22 -17.29 -7.07 8.28
C LYS A 22 -16.40 -5.92 7.80
N PRO A 23 -15.38 -5.59 8.64
CA PRO A 23 -14.46 -4.51 8.32
C PRO A 23 -13.48 -4.95 7.24
N TRP A 24 -12.79 -3.96 6.69
CA TRP A 24 -11.81 -4.23 5.64
C TRP A 24 -10.87 -5.33 6.14
N LYS A 25 -10.62 -6.30 5.27
CA LYS A 25 -9.76 -7.41 5.60
C LYS A 25 -8.32 -6.90 5.74
N ALA A 26 -7.72 -7.19 6.89
CA ALA A 26 -6.36 -6.77 7.15
C ALA A 26 -5.39 -7.89 6.74
N ARG A 27 -4.45 -7.53 5.89
CA ARG A 27 -3.47 -8.49 5.43
C ARG A 27 -2.06 -7.87 5.46
N TRP A 28 -1.07 -8.74 5.44
CA TRP A 28 0.32 -8.30 5.47
C TRP A 28 0.75 -7.99 4.04
N PHE A 29 1.23 -6.77 3.85
CA PHE A 29 1.67 -6.33 2.55
C PHE A 29 3.20 -6.18 2.50
N VAL A 30 3.71 -6.01 1.30
CA VAL A 30 5.15 -5.85 1.10
C VAL A 30 5.40 -4.75 0.07
N LEU A 31 6.21 -3.78 0.49
CA LEU A 31 6.54 -2.66 -0.38
C LEU A 31 7.96 -2.86 -0.93
N ASP A 32 8.03 -3.61 -2.03
CA ASP A 32 9.30 -3.88 -2.66
C ASP A 32 9.82 -2.60 -3.33
N LYS A 33 11.13 -2.57 -3.54
CA LYS A 33 11.76 -1.42 -4.16
C LYS A 33 12.57 -1.88 -5.37
N THR A 34 13.29 -2.98 -5.19
CA THR A 34 14.10 -3.53 -6.27
C THR A 34 13.29 -3.60 -7.56
N LYS A 35 12.07 -4.10 -7.43
CA LYS A 35 11.18 -4.22 -8.58
C LYS A 35 9.94 -3.34 -8.38
N HIS A 36 9.93 -2.65 -7.23
CA HIS A 36 8.83 -1.77 -6.91
C HIS A 36 7.50 -2.49 -7.20
N GLN A 37 7.02 -3.21 -6.21
CA GLN A 37 5.78 -3.94 -6.35
C GLN A 37 5.10 -4.09 -4.98
N LEU A 38 3.83 -4.44 -5.03
CA LEU A 38 3.05 -4.61 -3.81
C LEU A 38 2.66 -6.09 -3.67
N ARG A 39 3.31 -6.76 -2.74
CA ARG A 39 3.04 -8.16 -2.49
C ARG A 39 2.43 -8.36 -1.11
N TYR A 40 1.26 -8.98 -1.09
CA TYR A 40 0.56 -9.22 0.16
C TYR A 40 0.26 -10.71 0.32
N TYR A 41 0.51 -11.21 1.53
CA TYR A 41 0.26 -12.60 1.83
C TYR A 41 -0.70 -12.75 3.01
N ASP A 42 -1.17 -13.98 3.20
CA ASP A 42 -2.11 -14.26 4.28
C ASP A 42 -1.34 -14.31 5.60
N HIS A 43 -0.07 -14.69 5.50
CA HIS A 43 0.77 -14.78 6.68
C HIS A 43 1.68 -13.54 6.76
N ARG A 44 2.61 -13.60 7.71
CA ARG A 44 3.53 -12.50 7.90
C ARG A 44 4.82 -12.74 7.10
N MET A 45 4.96 -13.98 6.63
CA MET A 45 6.13 -14.35 5.86
C MET A 45 5.75 -15.27 4.70
N ASP A 46 4.93 -16.26 5.03
CA ASP A 46 4.48 -17.22 4.03
C ASP A 46 5.65 -17.57 3.11
N THR A 47 5.30 -18.05 1.92
CA THR A 47 6.29 -18.42 0.93
C THR A 47 5.87 -17.96 -0.46
N GLU A 48 4.65 -18.33 -0.82
CA GLU A 48 4.11 -17.97 -2.12
C GLU A 48 3.41 -16.61 -2.04
N CYS A 49 3.61 -15.82 -3.09
CA CYS A 49 3.01 -14.49 -3.15
C CYS A 49 1.57 -14.65 -3.62
N LYS A 50 0.69 -13.87 -3.01
CA LYS A 50 -0.72 -13.91 -3.35
C LYS A 50 -1.17 -12.51 -3.81
N GLY A 51 -1.07 -12.30 -5.11
CA GLY A 51 -1.47 -11.02 -5.68
C GLY A 51 -0.31 -10.02 -5.62
N VAL A 52 0.00 -9.44 -6.77
CA VAL A 52 1.07 -8.47 -6.86
C VAL A 52 0.54 -7.19 -7.50
N ILE A 53 1.07 -6.07 -7.03
CA ILE A 53 0.66 -4.78 -7.54
C ILE A 53 1.88 -4.03 -8.10
N ASP A 54 2.00 -4.04 -9.41
CA ASP A 54 3.10 -3.37 -10.07
C ASP A 54 3.08 -1.88 -9.73
N LEU A 55 4.00 -1.49 -8.85
CA LEU A 55 4.09 -0.10 -8.43
C LEU A 55 4.34 0.77 -9.66
N ALA A 56 4.97 0.18 -10.67
CA ALA A 56 5.27 0.90 -11.89
C ALA A 56 3.97 1.22 -12.63
N GLU A 57 2.95 0.42 -12.32
CA GLU A 57 1.65 0.61 -12.94
C GLU A 57 0.87 1.70 -12.22
N VAL A 58 1.35 2.05 -11.03
CA VAL A 58 0.70 3.07 -10.23
C VAL A 58 0.82 4.42 -10.95
N GLU A 59 -0.26 5.19 -10.88
CA GLU A 59 -0.29 6.50 -11.51
C GLU A 59 -0.15 7.59 -10.46
N ALA A 60 -0.64 7.31 -9.27
CA ALA A 60 -0.57 8.26 -8.17
C ALA A 60 -1.50 7.81 -7.05
N VAL A 61 -1.28 8.39 -5.88
CA VAL A 61 -2.09 8.06 -4.71
C VAL A 61 -2.57 9.35 -4.04
N ALA A 62 -3.65 9.21 -3.28
CA ALA A 62 -4.22 10.35 -2.58
C ALA A 62 -4.78 9.89 -1.25
N PRO A 63 -4.64 10.78 -0.22
CA PRO A 63 -5.13 10.47 1.11
C PRO A 63 -6.64 10.60 1.18
N GLY A 64 -7.30 9.45 1.26
CA GLY A 64 -8.75 9.41 1.33
C GLY A 64 -9.24 9.49 2.78
N THR A 65 -10.54 9.35 2.95
CA THR A 65 -11.14 9.40 4.27
C THR A 65 -11.71 8.04 4.66
N PRO A 66 -11.89 7.85 5.99
CA PRO A 66 -12.44 6.59 6.50
C PRO A 66 -13.95 6.52 6.24
N THR A 67 -14.34 5.46 5.53
CA THR A 67 -15.74 5.26 5.21
C THR A 67 -16.32 4.12 6.05
N ILE A 68 -17.50 3.67 5.65
CA ILE A 68 -18.16 2.59 6.35
C ILE A 68 -17.43 1.27 6.07
N GLY A 69 -17.19 0.52 7.14
CA GLY A 69 -16.51 -0.75 7.01
C GLY A 69 -15.05 -0.64 7.47
N ALA A 70 -14.46 0.50 7.20
CA ALA A 70 -13.08 0.75 7.58
C ALA A 70 -12.93 0.52 9.08
N PRO A 71 -11.66 0.27 9.49
CA PRO A 71 -11.36 0.02 10.90
C PRO A 71 -11.40 1.33 11.70
N LYS A 72 -11.22 1.19 13.01
CA LYS A 72 -11.24 2.35 13.89
C LYS A 72 -9.80 2.71 14.27
N THR A 73 -9.02 1.67 14.53
CA THR A 73 -7.63 1.86 14.91
C THR A 73 -7.01 3.00 14.10
N VAL A 74 -6.91 2.77 12.80
CA VAL A 74 -6.34 3.77 11.91
C VAL A 74 -7.23 5.02 11.91
N ASP A 75 -6.59 6.16 11.67
CA ASP A 75 -7.30 7.43 11.65
C ASP A 75 -7.68 7.77 10.20
N GLU A 76 -8.04 9.02 10.00
CA GLU A 76 -8.42 9.49 8.67
C GLU A 76 -7.18 9.96 7.91
N LYS A 77 -6.19 10.42 8.66
CA LYS A 77 -4.96 10.90 8.06
C LYS A 77 -4.01 9.72 7.85
N ALA A 78 -4.55 8.67 7.24
CA ALA A 78 -3.77 7.48 6.96
C ALA A 78 -4.26 6.83 5.67
N PHE A 79 -5.58 6.70 5.57
CA PHE A 79 -6.18 6.12 4.39
C PHE A 79 -5.68 6.80 3.11
N PHE A 80 -5.23 5.97 2.18
CA PHE A 80 -4.73 6.48 0.92
C PHE A 80 -5.12 5.56 -0.23
N ASP A 81 -5.65 6.18 -1.29
CA ASP A 81 -6.08 5.43 -2.45
C ASP A 81 -4.91 5.33 -3.44
N VAL A 82 -4.68 4.12 -3.91
CA VAL A 82 -3.60 3.88 -4.86
C VAL A 82 -4.19 3.69 -6.26
N LYS A 83 -3.89 4.66 -7.12
CA LYS A 83 -4.39 4.62 -8.49
C LYS A 83 -3.38 3.88 -9.37
N THR A 84 -3.86 2.87 -10.07
CA THR A 84 -3.01 2.08 -10.95
C THR A 84 -3.68 1.91 -12.31
N THR A 85 -2.86 1.58 -13.30
CA THR A 85 -3.36 1.38 -14.65
C THR A 85 -4.55 0.43 -14.64
N ARG A 86 -4.38 -0.67 -13.91
CA ARG A 86 -5.43 -1.67 -13.81
C ARG A 86 -6.72 -1.04 -13.29
N ARG A 87 -6.71 -0.71 -12.01
CA ARG A 87 -7.86 -0.10 -11.38
C ARG A 87 -7.43 0.71 -10.14
N VAL A 88 -8.42 1.13 -9.38
CA VAL A 88 -8.16 1.91 -8.18
C VAL A 88 -8.29 1.00 -6.96
N TYR A 89 -7.49 1.31 -5.94
CA TYR A 89 -7.51 0.53 -4.71
C TYR A 89 -7.83 1.42 -3.51
N ASN A 90 -8.24 0.78 -2.42
CA ASN A 90 -8.57 1.50 -1.21
C ASN A 90 -7.72 0.95 -0.05
N PHE A 91 -6.48 1.41 -0.01
CA PHE A 91 -5.57 0.97 1.04
C PHE A 91 -5.52 1.98 2.19
N CYS A 92 -5.03 1.51 3.33
CA CYS A 92 -4.92 2.36 4.50
C CYS A 92 -4.01 1.68 5.51
N ALA A 93 -3.18 2.48 6.16
CA ALA A 93 -2.26 1.97 7.15
C ALA A 93 -2.98 1.84 8.51
N GLN A 94 -2.22 1.46 9.51
CA GLN A 94 -2.76 1.31 10.85
C GLN A 94 -2.47 2.56 11.68
N ASP A 95 -1.55 3.37 11.19
CA ASP A 95 -1.18 4.59 11.87
C ASP A 95 -1.21 5.76 10.89
N VAL A 96 -1.30 6.96 11.44
CA VAL A 96 -1.34 8.16 10.62
C VAL A 96 0.05 8.42 10.04
N PRO A 97 1.08 8.34 10.93
CA PRO A 97 2.45 8.57 10.54
C PRO A 97 3.00 7.36 9.76
N SER A 98 2.28 6.25 9.87
CA SER A 98 2.69 5.03 9.19
C SER A 98 2.21 5.06 7.74
N ALA A 99 1.04 5.66 7.54
CA ALA A 99 0.47 5.77 6.21
C ALA A 99 1.34 6.69 5.35
N GLN A 100 1.62 7.86 5.90
CA GLN A 100 2.43 8.84 5.20
C GLN A 100 3.69 8.17 4.64
N GLN A 101 4.22 7.23 5.41
CA GLN A 101 5.42 6.52 5.00
C GLN A 101 5.13 5.65 3.78
N TRP A 102 3.91 5.12 3.75
CA TRP A 102 3.49 4.28 2.65
C TRP A 102 3.38 5.15 1.39
N VAL A 103 2.61 6.21 1.52
CA VAL A 103 2.42 7.14 0.40
C VAL A 103 3.78 7.47 -0.21
N ASP A 104 4.62 8.11 0.59
CA ASP A 104 5.95 8.49 0.14
C ASP A 104 6.56 7.33 -0.66
N ARG A 105 6.71 6.19 0.02
CA ARG A 105 7.28 5.02 -0.62
C ARG A 105 6.71 4.84 -2.02
N ILE A 106 5.43 4.46 -2.06
CA ILE A 106 4.76 4.26 -3.33
C ILE A 106 5.01 5.46 -4.24
N GLN A 107 4.81 6.64 -3.67
CA GLN A 107 5.01 7.87 -4.42
C GLN A 107 6.45 7.94 -4.94
N SER A 108 7.33 7.22 -4.27
CA SER A 108 8.73 7.19 -4.66
C SER A 108 8.92 6.31 -5.90
N CYS A 109 7.83 5.65 -6.28
CA CYS A 109 7.87 4.77 -7.44
C CYS A 109 6.51 4.86 -8.15
N LEU A 110 6.25 6.02 -8.71
CA LEU A 110 5.00 6.25 -9.42
C LEU A 110 5.18 5.89 -10.89
N SER A 111 5.25 6.93 -11.72
CA SER A 111 5.42 6.74 -13.15
C SER A 111 6.90 6.49 -13.47
N SER A 112 7.74 7.43 -13.05
CA SER A 112 9.16 7.31 -13.29
C SER A 112 9.42 6.86 -14.73
N GLY A 113 9.42 7.84 -15.63
CA GLY A 113 9.66 7.54 -17.04
C GLY A 113 10.53 8.63 -17.68
N PRO A 114 10.72 8.49 -19.02
CA PRO A 114 11.53 9.45 -19.76
C PRO A 114 10.76 10.76 -19.98
N SER A 115 10.41 11.39 -18.85
CA SER A 115 9.68 12.64 -18.91
C SER A 115 10.51 13.71 -19.62
N SER A 116 11.70 13.95 -19.09
CA SER A 116 12.59 14.93 -19.67
C SER A 116 13.96 14.29 -19.96
N GLY A 117 14.00 13.58 -21.07
CA GLY A 117 15.23 12.92 -21.48
C GLY A 117 15.10 12.32 -22.88
N GLY A 1 10.76 13.90 4.26
CA GLY A 1 11.08 12.49 4.40
C GLY A 1 12.32 12.29 5.28
N SER A 2 12.67 11.03 5.48
CA SER A 2 13.82 10.69 6.30
C SER A 2 14.17 9.22 6.14
N SER A 3 15.35 8.86 6.63
CA SER A 3 15.80 7.48 6.54
C SER A 3 15.79 6.84 7.93
N GLY A 4 15.58 5.53 7.94
CA GLY A 4 15.55 4.78 9.19
C GLY A 4 15.92 3.32 8.96
N SER A 5 15.23 2.45 9.70
CA SER A 5 15.49 1.02 9.58
C SER A 5 14.73 0.45 8.38
N SER A 6 15.49 0.00 7.40
CA SER A 6 14.90 -0.58 6.20
C SER A 6 15.59 -1.91 5.88
N GLY A 7 14.78 -2.82 5.33
CA GLY A 7 15.28 -4.14 4.98
C GLY A 7 15.03 -4.43 3.49
N ARG A 8 15.65 -3.62 2.65
CA ARG A 8 15.51 -3.78 1.22
C ARG A 8 14.06 -3.53 0.79
N SER A 9 13.30 -2.97 1.72
CA SER A 9 11.90 -2.68 1.46
C SER A 9 11.18 -2.34 2.77
N TYR A 10 9.95 -1.88 2.64
CA TYR A 10 9.15 -1.52 3.79
C TYR A 10 7.97 -2.47 3.96
N GLU A 11 7.85 -3.02 5.17
CA GLU A 11 6.78 -3.95 5.47
C GLU A 11 5.92 -3.41 6.62
N GLY A 12 4.62 -3.63 6.49
CA GLY A 12 3.69 -3.17 7.51
C GLY A 12 2.26 -3.61 7.17
N ILE A 13 1.39 -3.49 8.17
CA ILE A 13 0.00 -3.86 7.99
C ILE A 13 -0.67 -2.89 7.01
N LEU A 14 -1.49 -3.46 6.13
CA LEU A 14 -2.19 -2.66 5.14
C LEU A 14 -3.51 -3.34 4.79
N TYR A 15 -4.59 -2.62 5.05
CA TYR A 15 -5.92 -3.13 4.76
C TYR A 15 -6.28 -2.93 3.28
N LYS A 16 -7.32 -3.65 2.86
CA LYS A 16 -7.78 -3.55 1.49
C LYS A 16 -9.29 -3.77 1.44
N LYS A 17 -9.96 -2.86 0.75
CA LYS A 17 -11.41 -2.95 0.62
C LYS A 17 -11.77 -4.15 -0.26
N GLY A 18 -13.02 -4.57 -0.14
CA GLY A 18 -13.51 -5.72 -0.91
C GLY A 18 -13.54 -6.97 -0.05
N ALA A 19 -14.73 -7.30 0.44
CA ALA A 19 -14.91 -8.47 1.27
C ALA A 19 -16.36 -8.54 1.73
N PHE A 20 -16.73 -9.70 2.25
CA PHE A 20 -18.09 -9.91 2.74
C PHE A 20 -18.48 -8.83 3.74
N MET A 21 -19.64 -9.02 4.35
CA MET A 21 -20.14 -8.07 5.33
C MET A 21 -19.00 -7.54 6.21
N LYS A 22 -18.19 -8.46 6.69
CA LYS A 22 -17.06 -8.10 7.53
C LYS A 22 -16.39 -6.85 6.98
N PRO A 23 -15.61 -6.17 7.86
CA PRO A 23 -14.91 -4.96 7.47
C PRO A 23 -13.70 -5.28 6.59
N TRP A 24 -13.06 -4.22 6.12
CA TRP A 24 -11.89 -4.38 5.28
C TRP A 24 -10.94 -5.36 5.96
N LYS A 25 -10.62 -6.43 5.24
CA LYS A 25 -9.72 -7.44 5.76
C LYS A 25 -8.31 -6.86 5.88
N ALA A 26 -7.70 -7.11 7.02
CA ALA A 26 -6.35 -6.61 7.27
C ALA A 26 -5.35 -7.74 7.00
N ARG A 27 -4.42 -7.46 6.10
CA ARG A 27 -3.41 -8.44 5.75
C ARG A 27 -2.02 -7.79 5.75
N TRP A 28 -1.00 -8.63 5.81
CA TRP A 28 0.36 -8.15 5.82
C TRP A 28 0.78 -7.85 4.38
N PHE A 29 1.27 -6.63 4.18
CA PHE A 29 1.70 -6.21 2.86
C PHE A 29 3.22 -6.08 2.79
N VAL A 30 3.71 -5.88 1.57
CA VAL A 30 5.15 -5.74 1.36
C VAL A 30 5.40 -4.62 0.33
N LEU A 31 6.41 -3.82 0.63
CA LEU A 31 6.77 -2.72 -0.26
C LEU A 31 8.14 -2.98 -0.86
N ASP A 32 8.14 -3.74 -1.95
CA ASP A 32 9.38 -4.07 -2.63
C ASP A 32 9.86 -2.86 -3.43
N LYS A 33 11.17 -2.67 -3.43
CA LYS A 33 11.77 -1.55 -4.13
C LYS A 33 12.52 -2.08 -5.36
N THR A 34 13.13 -3.25 -5.18
CA THR A 34 13.89 -3.87 -6.24
C THR A 34 12.97 -4.21 -7.43
N LYS A 35 11.77 -4.67 -7.08
CA LYS A 35 10.81 -5.04 -8.09
C LYS A 35 9.72 -3.95 -8.17
N HIS A 36 9.74 -3.08 -7.18
CA HIS A 36 8.77 -2.00 -7.12
C HIS A 36 7.36 -2.56 -7.32
N GLN A 37 6.99 -3.47 -6.43
CA GLN A 37 5.68 -4.09 -6.49
C GLN A 37 5.09 -4.23 -5.09
N LEU A 38 3.80 -4.49 -5.05
CA LEU A 38 3.10 -4.66 -3.78
C LEU A 38 2.73 -6.13 -3.59
N ARG A 39 3.42 -6.76 -2.65
CA ARG A 39 3.18 -8.16 -2.36
C ARG A 39 2.41 -8.30 -1.05
N TYR A 40 1.25 -8.93 -1.14
CA TYR A 40 0.42 -9.14 0.03
C TYR A 40 0.02 -10.61 0.17
N TYR A 41 -0.15 -11.04 1.42
CA TYR A 41 -0.53 -12.41 1.70
C TYR A 41 -1.58 -12.48 2.79
N ASP A 42 -2.21 -13.64 2.90
CA ASP A 42 -3.24 -13.84 3.91
C ASP A 42 -2.64 -13.67 5.30
N HIS A 43 -1.39 -14.12 5.42
CA HIS A 43 -0.69 -14.02 6.70
C HIS A 43 0.56 -13.15 6.52
N ARG A 44 1.33 -13.06 7.59
CA ARG A 44 2.55 -12.27 7.59
C ARG A 44 3.74 -13.14 7.17
N MET A 45 4.34 -12.76 6.05
CA MET A 45 5.50 -13.49 5.53
C MET A 45 5.09 -14.91 5.12
N ASP A 46 4.06 -14.99 4.31
CA ASP A 46 3.57 -16.27 3.83
C ASP A 46 4.31 -16.65 2.54
N THR A 47 4.37 -17.94 2.29
CA THR A 47 5.03 -18.45 1.10
C THR A 47 4.04 -18.59 -0.05
N GLU A 48 3.10 -17.67 -0.09
CA GLU A 48 2.08 -17.67 -1.13
C GLU A 48 1.57 -16.26 -1.38
N CYS A 49 1.96 -15.71 -2.52
CA CYS A 49 1.55 -14.37 -2.90
C CYS A 49 0.41 -14.48 -3.90
N LYS A 50 -0.56 -13.59 -3.76
CA LYS A 50 -1.71 -13.58 -4.65
C LYS A 50 -1.69 -12.29 -5.48
N GLY A 51 -1.05 -12.38 -6.63
CA GLY A 51 -0.95 -11.25 -7.52
C GLY A 51 -0.22 -10.08 -6.85
N VAL A 52 0.68 -9.48 -7.60
CA VAL A 52 1.45 -8.35 -7.09
C VAL A 52 0.95 -7.06 -7.73
N ILE A 53 1.19 -5.96 -7.03
CA ILE A 53 0.76 -4.65 -7.51
C ILE A 53 1.99 -3.88 -8.00
N ASP A 54 2.21 -3.94 -9.31
CA ASP A 54 3.33 -3.25 -9.92
C ASP A 54 3.19 -1.75 -9.67
N LEU A 55 4.02 -1.25 -8.76
CA LEU A 55 4.00 0.17 -8.43
C LEU A 55 4.30 0.99 -9.68
N ALA A 56 4.85 0.31 -10.68
CA ALA A 56 5.19 0.96 -11.94
C ALA A 56 3.90 1.27 -12.71
N GLU A 57 2.84 0.54 -12.36
CA GLU A 57 1.56 0.72 -13.01
C GLU A 57 0.75 1.81 -12.30
N VAL A 58 1.06 1.99 -11.03
CA VAL A 58 0.37 2.99 -10.22
C VAL A 58 0.49 4.35 -10.91
N GLU A 59 -0.66 4.95 -11.16
CA GLU A 59 -0.71 6.25 -11.80
C GLU A 59 -0.43 7.36 -10.78
N ALA A 60 -0.83 7.09 -9.55
CA ALA A 60 -0.64 8.06 -8.48
C ALA A 60 -1.56 7.70 -7.30
N VAL A 61 -1.19 8.23 -6.13
CA VAL A 61 -1.96 7.96 -4.93
C VAL A 61 -2.41 9.29 -4.32
N ALA A 62 -3.48 9.23 -3.55
CA ALA A 62 -4.02 10.41 -2.91
C ALA A 62 -4.59 10.03 -1.55
N PRO A 63 -4.44 10.96 -0.57
CA PRO A 63 -4.94 10.74 0.78
C PRO A 63 -6.46 10.89 0.83
N GLY A 64 -7.14 9.78 0.58
CA GLY A 64 -8.60 9.78 0.61
C GLY A 64 -9.12 9.78 2.04
N THR A 65 -10.44 9.65 2.15
CA THR A 65 -11.09 9.63 3.45
C THR A 65 -11.74 8.27 3.70
N PRO A 66 -11.99 7.98 5.01
CA PRO A 66 -12.62 6.73 5.39
C PRO A 66 -14.12 6.73 5.06
N THR A 67 -14.57 5.61 4.51
CA THR A 67 -15.97 5.48 4.15
C THR A 67 -16.64 4.40 5.01
N ILE A 68 -17.92 4.19 4.75
CA ILE A 68 -18.69 3.20 5.49
C ILE A 68 -18.17 1.80 5.15
N GLY A 69 -17.59 1.17 6.16
CA GLY A 69 -17.05 -0.17 5.99
C GLY A 69 -15.64 -0.27 6.55
N ALA A 70 -14.88 0.79 6.36
CA ALA A 70 -13.51 0.84 6.85
C ALA A 70 -13.49 0.43 8.32
N PRO A 71 -12.26 0.12 8.81
CA PRO A 71 -12.09 -0.29 10.20
C PRO A 71 -12.20 0.91 11.14
N LYS A 72 -12.85 0.67 12.28
CA LYS A 72 -13.04 1.72 13.26
C LYS A 72 -11.78 1.82 14.13
N THR A 73 -10.65 1.96 13.45
CA THR A 73 -9.37 2.07 14.15
C THR A 73 -8.47 3.08 13.44
N VAL A 74 -8.33 2.88 12.13
CA VAL A 74 -7.50 3.75 11.33
C VAL A 74 -8.07 5.17 11.36
N ASP A 75 -7.25 6.12 10.95
CA ASP A 75 -7.65 7.51 10.92
C ASP A 75 -7.70 8.01 9.48
N GLU A 76 -8.59 8.95 9.23
CA GLU A 76 -8.72 9.51 7.89
C GLU A 76 -7.37 9.99 7.37
N LYS A 77 -6.46 10.21 8.31
CA LYS A 77 -5.12 10.67 7.95
C LYS A 77 -4.21 9.46 7.75
N ALA A 78 -4.81 8.37 7.28
CA ALA A 78 -4.08 7.14 7.03
C ALA A 78 -4.76 6.35 5.92
N PHE A 79 -5.53 7.07 5.12
CA PHE A 79 -6.24 6.45 4.01
C PHE A 79 -5.81 7.05 2.67
N PHE A 80 -5.06 6.26 1.93
CA PHE A 80 -4.58 6.69 0.63
C PHE A 80 -5.07 5.76 -0.48
N ASP A 81 -5.62 6.37 -1.52
CA ASP A 81 -6.13 5.61 -2.65
C ASP A 81 -5.03 5.49 -3.72
N VAL A 82 -4.63 4.26 -3.96
CA VAL A 82 -3.59 3.99 -4.95
C VAL A 82 -4.25 3.74 -6.31
N LYS A 83 -4.11 4.74 -7.18
CA LYS A 83 -4.68 4.64 -8.52
C LYS A 83 -3.74 3.82 -9.40
N THR A 84 -4.32 2.84 -10.08
CA THR A 84 -3.56 1.98 -10.96
C THR A 84 -4.31 1.75 -12.27
N THR A 85 -3.63 1.09 -13.20
CA THR A 85 -4.22 0.81 -14.50
C THR A 85 -5.41 -0.16 -14.34
N ARG A 86 -5.14 -1.26 -13.65
CA ARG A 86 -6.16 -2.27 -13.43
C ARG A 86 -7.43 -1.62 -12.88
N ARG A 87 -7.32 -1.07 -11.68
CA ARG A 87 -8.44 -0.42 -11.04
C ARG A 87 -7.97 0.48 -9.90
N VAL A 88 -8.92 0.96 -9.12
CA VAL A 88 -8.61 1.83 -8.00
C VAL A 88 -8.54 0.99 -6.72
N TYR A 89 -7.48 1.22 -5.95
CA TYR A 89 -7.29 0.49 -4.71
C TYR A 89 -7.58 1.39 -3.51
N ASN A 90 -8.04 0.75 -2.43
CA ASN A 90 -8.35 1.47 -1.21
C ASN A 90 -7.48 0.95 -0.07
N PHE A 91 -6.25 1.46 -0.03
CA PHE A 91 -5.32 1.05 1.01
C PHE A 91 -5.28 2.08 2.14
N CYS A 92 -4.82 1.62 3.30
CA CYS A 92 -4.72 2.48 4.46
C CYS A 92 -3.82 1.79 5.50
N ALA A 93 -2.99 2.60 6.13
CA ALA A 93 -2.07 2.09 7.14
C ALA A 93 -2.81 1.94 8.46
N GLN A 94 -2.12 1.37 9.44
CA GLN A 94 -2.69 1.16 10.75
C GLN A 94 -2.50 2.41 11.63
N ASP A 95 -1.56 3.24 11.20
CA ASP A 95 -1.26 4.47 11.93
C ASP A 95 -1.26 5.65 10.95
N VAL A 96 -1.35 6.84 11.52
CA VAL A 96 -1.38 8.05 10.72
C VAL A 96 0.01 8.27 10.11
N PRO A 97 1.05 8.14 10.97
CA PRO A 97 2.43 8.33 10.52
C PRO A 97 2.90 7.12 9.72
N SER A 98 2.19 6.01 9.88
CA SER A 98 2.53 4.79 9.18
C SER A 98 2.08 4.88 7.73
N ALA A 99 0.94 5.53 7.52
CA ALA A 99 0.39 5.70 6.19
C ALA A 99 1.29 6.63 5.38
N GLN A 100 1.55 7.80 5.96
CA GLN A 100 2.41 8.77 5.30
C GLN A 100 3.64 8.10 4.72
N GLN A 101 4.22 7.20 5.52
CA GLN A 101 5.41 6.48 5.09
C GLN A 101 5.11 5.65 3.85
N TRP A 102 3.99 4.94 3.91
CA TRP A 102 3.58 4.10 2.79
C TRP A 102 3.49 4.98 1.54
N VAL A 103 2.66 6.00 1.63
CA VAL A 103 2.47 6.91 0.53
C VAL A 103 3.83 7.28 -0.06
N ASP A 104 4.63 7.97 0.75
CA ASP A 104 5.96 8.38 0.32
C ASP A 104 6.61 7.25 -0.48
N ARG A 105 6.74 6.11 0.17
CA ARG A 105 7.34 4.96 -0.48
C ARG A 105 6.77 4.76 -1.88
N ILE A 106 5.50 4.38 -1.92
CA ILE A 106 4.83 4.16 -3.18
C ILE A 106 5.07 5.36 -4.10
N GLN A 107 4.74 6.53 -3.60
CA GLN A 107 4.92 7.76 -4.36
C GLN A 107 6.35 7.83 -4.90
N SER A 108 7.27 7.28 -4.13
CA SER A 108 8.67 7.28 -4.52
C SER A 108 8.86 6.45 -5.80
N CYS A 109 7.82 5.72 -6.14
CA CYS A 109 7.85 4.88 -7.34
C CYS A 109 6.46 4.86 -7.95
N LEU A 110 6.07 6.01 -8.49
CA LEU A 110 4.77 6.14 -9.12
C LEU A 110 4.82 5.54 -10.53
N SER A 111 4.95 6.42 -11.51
CA SER A 111 5.01 6.00 -12.89
C SER A 111 6.47 5.81 -13.32
N SER A 112 7.28 6.79 -12.96
CA SER A 112 8.70 6.75 -13.29
C SER A 112 9.53 7.28 -12.12
N GLY A 113 9.33 8.55 -11.82
CA GLY A 113 10.06 9.18 -10.73
C GLY A 113 11.42 9.69 -11.20
N PRO A 114 12.41 9.66 -10.26
CA PRO A 114 13.75 10.10 -10.56
C PRO A 114 14.49 9.07 -11.42
N SER A 115 15.11 9.57 -12.48
CA SER A 115 15.85 8.71 -13.38
C SER A 115 17.01 8.03 -12.63
N SER A 116 17.23 6.77 -12.97
CA SER A 116 18.30 6.01 -12.34
C SER A 116 18.00 5.84 -10.85
N GLY A 117 17.66 4.61 -10.48
CA GLY A 117 17.35 4.30 -9.09
C GLY A 117 18.08 3.04 -8.63
N GLY A 1 11.83 8.10 1.43
CA GLY A 1 11.84 9.15 2.42
C GLY A 1 13.24 9.37 2.97
N SER A 2 13.74 8.37 3.68
CA SER A 2 15.07 8.44 4.26
C SER A 2 15.51 7.06 4.74
N SER A 3 16.28 6.39 3.89
CA SER A 3 16.76 5.06 4.21
C SER A 3 17.98 4.73 3.33
N GLY A 4 19.13 4.70 3.97
CA GLY A 4 20.37 4.40 3.28
C GLY A 4 20.83 2.97 3.57
N SER A 5 20.68 2.11 2.56
CA SER A 5 21.08 0.72 2.70
C SER A 5 20.78 -0.04 1.41
N SER A 6 21.76 -0.83 0.99
CA SER A 6 21.62 -1.61 -0.23
C SER A 6 20.46 -2.60 -0.08
N GLY A 7 19.80 -2.87 -1.21
CA GLY A 7 18.69 -3.78 -1.21
C GLY A 7 17.76 -3.54 -0.02
N ARG A 8 17.03 -4.58 0.36
CA ARG A 8 16.11 -4.49 1.47
C ARG A 8 14.95 -3.56 1.12
N SER A 9 13.75 -4.04 1.41
CA SER A 9 12.55 -3.26 1.13
C SER A 9 11.79 -3.00 2.44
N TYR A 10 10.56 -2.53 2.29
CA TYR A 10 9.73 -2.23 3.43
C TYR A 10 8.56 -3.22 3.54
N GLU A 11 7.87 -3.17 4.68
CA GLU A 11 6.75 -4.05 4.91
C GLU A 11 5.97 -3.60 6.15
N GLY A 12 4.66 -3.61 6.03
CA GLY A 12 3.79 -3.21 7.13
C GLY A 12 2.34 -3.64 6.88
N ILE A 13 1.55 -3.57 7.93
CA ILE A 13 0.15 -3.94 7.83
C ILE A 13 -0.58 -2.95 6.92
N LEU A 14 -1.48 -3.50 6.11
CA LEU A 14 -2.25 -2.68 5.20
C LEU A 14 -3.61 -3.34 4.96
N TYR A 15 -4.66 -2.60 5.31
CA TYR A 15 -6.01 -3.12 5.14
C TYR A 15 -6.54 -2.78 3.74
N LYS A 16 -7.54 -3.54 3.32
CA LYS A 16 -8.14 -3.35 2.01
C LYS A 16 -9.67 -3.42 2.15
N LYS A 17 -10.32 -2.54 1.40
CA LYS A 17 -11.79 -2.50 1.42
C LYS A 17 -12.34 -3.84 0.97
N GLY A 18 -13.41 -4.25 1.64
CA GLY A 18 -14.04 -5.52 1.32
C GLY A 18 -15.39 -5.31 0.64
N ALA A 19 -15.33 -5.10 -0.67
CA ALA A 19 -16.54 -4.87 -1.45
C ALA A 19 -17.39 -3.81 -0.76
N PHE A 20 -18.62 -3.67 -1.26
CA PHE A 20 -19.54 -2.69 -0.70
C PHE A 20 -20.52 -3.36 0.27
N MET A 21 -19.96 -4.12 1.20
CA MET A 21 -20.77 -4.82 2.18
C MET A 21 -19.91 -5.29 3.36
N LYS A 22 -18.79 -5.92 3.01
CA LYS A 22 -17.88 -6.42 4.03
C LYS A 22 -16.92 -5.30 4.45
N PRO A 23 -16.35 -5.46 5.68
CA PRO A 23 -15.42 -4.47 6.21
C PRO A 23 -14.06 -4.58 5.51
N TRP A 24 -13.10 -3.84 6.05
CA TRP A 24 -11.75 -3.85 5.51
C TRP A 24 -10.94 -4.90 6.26
N LYS A 25 -10.52 -5.92 5.52
CA LYS A 25 -9.74 -6.99 6.11
C LYS A 25 -8.26 -6.57 6.16
N ALA A 26 -7.64 -6.86 7.28
CA ALA A 26 -6.24 -6.53 7.47
C ALA A 26 -5.37 -7.60 6.80
N ARG A 27 -4.37 -7.12 6.06
CA ARG A 27 -3.46 -8.03 5.37
C ARG A 27 -2.02 -7.52 5.48
N TRP A 28 -1.09 -8.43 5.24
CA TRP A 28 0.32 -8.09 5.31
C TRP A 28 0.80 -7.73 3.90
N PHE A 29 1.19 -6.48 3.75
CA PHE A 29 1.66 -5.99 2.46
C PHE A 29 3.19 -5.94 2.43
N VAL A 30 3.72 -5.76 1.22
CA VAL A 30 5.16 -5.69 1.04
C VAL A 30 5.48 -4.62 0.00
N LEU A 31 6.18 -3.59 0.46
CA LEU A 31 6.58 -2.50 -0.42
C LEU A 31 7.99 -2.76 -0.96
N ASP A 32 8.05 -3.54 -2.03
CA ASP A 32 9.32 -3.86 -2.65
C ASP A 32 9.79 -2.67 -3.49
N LYS A 33 11.05 -2.31 -3.27
CA LYS A 33 11.63 -1.19 -4.00
C LYS A 33 12.53 -1.73 -5.11
N THR A 34 13.09 -2.90 -4.87
CA THR A 34 13.97 -3.53 -5.84
C THR A 34 13.16 -4.07 -7.02
N LYS A 35 11.97 -4.57 -6.70
CA LYS A 35 11.09 -5.11 -7.72
C LYS A 35 9.95 -4.12 -7.98
N HIS A 36 9.92 -3.08 -7.17
CA HIS A 36 8.88 -2.06 -7.30
C HIS A 36 7.53 -2.73 -7.50
N GLN A 37 7.07 -3.39 -6.45
CA GLN A 37 5.79 -4.08 -6.50
C GLN A 37 5.18 -4.16 -5.11
N LEU A 38 3.85 -4.27 -5.08
CA LEU A 38 3.14 -4.36 -3.82
C LEU A 38 2.61 -5.79 -3.63
N ARG A 39 3.34 -6.55 -2.84
CA ARG A 39 2.97 -7.92 -2.57
C ARG A 39 2.27 -8.04 -1.21
N TYR A 40 1.10 -8.64 -1.23
CA TYR A 40 0.32 -8.82 -0.01
C TYR A 40 0.01 -10.29 0.25
N TYR A 41 0.11 -10.68 1.50
CA TYR A 41 -0.16 -12.05 1.89
C TYR A 41 -1.18 -12.12 3.02
N ASP A 42 -1.78 -13.29 3.16
CA ASP A 42 -2.79 -13.50 4.19
C ASP A 42 -2.10 -13.86 5.50
N HIS A 43 -1.04 -14.65 5.38
CA HIS A 43 -0.28 -15.07 6.55
C HIS A 43 1.19 -14.67 6.37
N ARG A 44 1.72 -14.03 7.40
CA ARG A 44 3.10 -13.59 7.38
C ARG A 44 4.01 -14.73 6.94
N MET A 45 3.87 -15.86 7.61
CA MET A 45 4.67 -17.03 7.29
C MET A 45 4.14 -17.73 6.04
N ASP A 46 4.22 -17.01 4.92
CA ASP A 46 3.76 -17.54 3.66
C ASP A 46 4.92 -17.55 2.66
N THR A 47 5.05 -18.67 1.97
CA THR A 47 6.12 -18.82 0.98
C THR A 47 5.54 -18.80 -0.43
N GLU A 48 4.53 -17.96 -0.61
CA GLU A 48 3.88 -17.83 -1.90
C GLU A 48 3.18 -16.48 -2.02
N CYS A 49 3.53 -15.75 -3.06
CA CYS A 49 2.94 -14.44 -3.30
C CYS A 49 1.52 -14.64 -3.82
N LYS A 50 0.62 -13.78 -3.36
CA LYS A 50 -0.77 -13.86 -3.77
C LYS A 50 -1.17 -12.52 -4.42
N GLY A 51 -1.00 -12.46 -5.73
CA GLY A 51 -1.34 -11.26 -6.47
C GLY A 51 -0.30 -10.17 -6.25
N VAL A 52 0.29 -9.71 -7.35
CA VAL A 52 1.29 -8.66 -7.28
C VAL A 52 0.73 -7.38 -7.91
N ILE A 53 1.21 -6.26 -7.40
CA ILE A 53 0.76 -4.96 -7.91
C ILE A 53 1.98 -4.16 -8.37
N ASP A 54 2.13 -4.08 -9.68
CA ASP A 54 3.25 -3.35 -10.26
C ASP A 54 3.14 -1.88 -9.87
N LEU A 55 4.00 -1.49 -8.94
CA LEU A 55 4.02 -0.11 -8.46
C LEU A 55 4.40 0.81 -9.62
N ALA A 56 5.05 0.23 -10.61
CA ALA A 56 5.46 1.00 -11.77
C ALA A 56 4.24 1.33 -12.63
N GLU A 57 3.10 0.76 -12.23
CA GLU A 57 1.87 0.99 -12.95
C GLU A 57 1.01 2.01 -12.21
N VAL A 58 1.41 2.29 -10.98
CA VAL A 58 0.68 3.24 -10.15
C VAL A 58 0.78 4.63 -10.79
N GLU A 59 -0.38 5.21 -11.05
CA GLU A 59 -0.44 6.53 -11.66
C GLU A 59 -0.27 7.61 -10.59
N ALA A 60 -0.70 7.28 -9.38
CA ALA A 60 -0.59 8.20 -8.26
C ALA A 60 -1.52 7.74 -7.14
N VAL A 61 -1.27 8.28 -5.95
CA VAL A 61 -2.07 7.93 -4.79
C VAL A 61 -2.57 9.21 -4.12
N ALA A 62 -3.67 9.07 -3.39
CA ALA A 62 -4.27 10.20 -2.70
C ALA A 62 -4.81 9.75 -1.35
N PRO A 63 -4.67 10.65 -0.34
CA PRO A 63 -5.14 10.34 1.00
C PRO A 63 -6.67 10.43 1.07
N GLY A 64 -7.30 9.26 1.08
CA GLY A 64 -8.74 9.19 1.16
C GLY A 64 -9.23 9.33 2.60
N THR A 65 -10.53 9.12 2.77
CA THR A 65 -11.12 9.22 4.09
C THR A 65 -11.71 7.87 4.52
N PRO A 66 -11.93 7.73 5.85
CA PRO A 66 -12.48 6.50 6.39
C PRO A 66 -13.98 6.40 6.09
N THR A 67 -14.35 5.29 5.46
CA THR A 67 -15.74 5.05 5.11
C THR A 67 -16.30 3.88 5.93
N ILE A 68 -17.54 3.53 5.62
CA ILE A 68 -18.20 2.44 6.31
C ILE A 68 -17.46 1.14 6.04
N GLY A 69 -17.26 0.36 7.10
CA GLY A 69 -16.56 -0.90 6.98
C GLY A 69 -15.12 -0.79 7.47
N ALA A 70 -14.51 0.33 7.13
CA ALA A 70 -13.13 0.59 7.53
C ALA A 70 -12.94 0.18 8.99
N PRO A 71 -11.66 -0.03 9.37
CA PRO A 71 -11.34 -0.43 10.74
C PRO A 71 -11.47 0.76 11.69
N LYS A 72 -12.09 0.49 12.83
CA LYS A 72 -12.28 1.53 13.84
C LYS A 72 -11.01 1.66 14.68
N THR A 73 -9.95 2.10 14.02
CA THR A 73 -8.67 2.28 14.70
C THR A 73 -7.86 3.39 14.03
N VAL A 74 -7.57 3.18 12.75
CA VAL A 74 -6.81 4.16 11.99
C VAL A 74 -7.63 5.43 11.84
N ASP A 75 -6.92 6.54 11.67
CA ASP A 75 -7.58 7.83 11.51
C ASP A 75 -7.90 8.06 10.04
N GLU A 76 -8.25 9.30 9.73
CA GLU A 76 -8.59 9.65 8.36
C GLU A 76 -7.32 10.06 7.60
N LYS A 77 -6.36 10.58 8.34
CA LYS A 77 -5.10 11.01 7.75
C LYS A 77 -4.17 9.80 7.62
N ALA A 78 -4.70 8.73 7.04
CA ALA A 78 -3.93 7.52 6.86
C ALA A 78 -4.38 6.82 5.57
N PHE A 79 -5.70 6.71 5.42
CA PHE A 79 -6.26 6.08 4.25
C PHE A 79 -5.76 6.73 2.97
N PHE A 80 -5.20 5.91 2.09
CA PHE A 80 -4.67 6.39 0.83
C PHE A 80 -5.03 5.44 -0.31
N ASP A 81 -5.59 6.02 -1.36
CA ASP A 81 -5.99 5.25 -2.53
C ASP A 81 -4.82 5.18 -3.50
N VAL A 82 -4.58 3.98 -4.01
CA VAL A 82 -3.50 3.76 -4.96
C VAL A 82 -4.09 3.62 -6.36
N LYS A 83 -3.83 4.65 -7.17
CA LYS A 83 -4.32 4.65 -8.54
C LYS A 83 -3.34 3.89 -9.43
N THR A 84 -3.86 2.84 -10.06
CA THR A 84 -3.04 2.02 -10.94
C THR A 84 -3.69 1.94 -12.33
N THR A 85 -3.08 1.12 -13.17
CA THR A 85 -3.57 0.94 -14.53
C THR A 85 -4.78 0.00 -14.54
N ARG A 86 -4.61 -1.13 -13.85
CA ARG A 86 -5.68 -2.12 -13.78
C ARG A 86 -6.95 -1.49 -13.21
N ARG A 87 -6.90 -1.17 -11.93
CA ARG A 87 -8.04 -0.56 -11.26
C ARG A 87 -7.58 0.18 -10.00
N VAL A 88 -8.50 0.95 -9.43
CA VAL A 88 -8.21 1.70 -8.23
C VAL A 88 -8.26 0.76 -7.02
N TYR A 89 -7.36 1.02 -6.07
CA TYR A 89 -7.31 0.21 -4.87
C TYR A 89 -7.62 1.04 -3.63
N ASN A 90 -8.11 0.36 -2.60
CA ASN A 90 -8.46 1.03 -1.37
C ASN A 90 -7.57 0.49 -0.23
N PHE A 91 -6.51 1.23 0.05
CA PHE A 91 -5.59 0.84 1.10
C PHE A 91 -5.56 1.88 2.23
N CYS A 92 -5.09 1.44 3.38
CA CYS A 92 -5.01 2.31 4.54
C CYS A 92 -4.10 1.65 5.58
N ALA A 93 -3.25 2.47 6.17
CA ALA A 93 -2.31 1.98 7.18
C ALA A 93 -3.06 1.78 8.50
N GLN A 94 -2.29 1.57 9.55
CA GLN A 94 -2.86 1.35 10.87
C GLN A 94 -2.80 2.65 11.68
N ASP A 95 -1.85 3.50 11.32
CA ASP A 95 -1.68 4.76 12.01
C ASP A 95 -1.68 5.90 10.98
N VAL A 96 -1.62 7.12 11.50
CA VAL A 96 -1.63 8.30 10.64
C VAL A 96 -0.23 8.48 10.04
N PRO A 97 0.80 8.42 10.93
CA PRO A 97 2.18 8.58 10.49
C PRO A 97 2.68 7.33 9.79
N SER A 98 2.00 6.22 10.05
CA SER A 98 2.36 4.95 9.45
C SER A 98 1.93 4.93 7.98
N ALA A 99 0.84 5.64 7.70
CA ALA A 99 0.31 5.71 6.35
C ALA A 99 1.21 6.61 5.50
N GLN A 100 1.52 7.77 6.04
CA GLN A 100 2.37 8.72 5.36
C GLN A 100 3.64 8.04 4.86
N GLN A 101 4.14 7.13 5.68
CA GLN A 101 5.35 6.39 5.34
C GLN A 101 5.11 5.52 4.11
N TRP A 102 3.89 5.03 4.00
CA TRP A 102 3.52 4.17 2.88
C TRP A 102 3.44 5.05 1.63
N VAL A 103 2.72 6.15 1.75
CA VAL A 103 2.56 7.07 0.63
C VAL A 103 3.94 7.41 0.06
N ASP A 104 4.78 8.00 0.91
CA ASP A 104 6.12 8.37 0.49
C ASP A 104 6.74 7.22 -0.30
N ARG A 105 6.67 6.03 0.29
CA ARG A 105 7.21 4.85 -0.35
C ARG A 105 6.64 4.69 -1.75
N ILE A 106 5.37 4.30 -1.79
CA ILE A 106 4.70 4.10 -3.07
C ILE A 106 4.96 5.30 -3.98
N GLN A 107 4.73 6.48 -3.42
CA GLN A 107 4.95 7.71 -4.16
C GLN A 107 6.37 7.76 -4.73
N SER A 108 7.26 7.05 -4.06
CA SER A 108 8.64 6.99 -4.49
C SER A 108 8.78 6.07 -5.71
N CYS A 109 7.68 5.42 -6.04
CA CYS A 109 7.67 4.52 -7.18
C CYS A 109 6.29 4.62 -7.86
N LEU A 110 5.97 5.83 -8.27
CA LEU A 110 4.70 6.09 -8.93
C LEU A 110 4.76 5.51 -10.35
N SER A 111 4.93 6.41 -11.31
CA SER A 111 4.99 6.01 -12.72
C SER A 111 6.32 5.29 -12.99
N SER A 112 6.37 4.63 -14.14
CA SER A 112 7.57 3.91 -14.53
C SER A 112 8.80 4.79 -14.36
N GLY A 113 8.78 5.91 -15.08
CA GLY A 113 9.89 6.85 -15.01
C GLY A 113 10.20 7.25 -13.57
N PRO A 114 11.47 7.65 -13.34
CA PRO A 114 11.90 8.07 -12.01
C PRO A 114 11.36 9.45 -11.67
N SER A 115 11.75 10.42 -12.48
CA SER A 115 11.31 11.80 -12.26
C SER A 115 11.88 12.33 -10.95
N SER A 116 12.97 13.08 -11.08
CA SER A 116 13.62 13.66 -9.91
C SER A 116 13.16 15.12 -9.73
N GLY A 117 13.31 15.59 -8.50
CA GLY A 117 12.93 16.95 -8.18
C GLY A 117 13.71 17.96 -9.03
N GLY A 1 23.00 5.25 0.53
CA GLY A 1 22.15 4.82 1.63
C GLY A 1 22.19 5.83 2.78
N SER A 2 21.10 5.88 3.52
CA SER A 2 21.00 6.80 4.65
C SER A 2 20.60 6.03 5.91
N SER A 3 21.55 5.86 6.79
CA SER A 3 21.32 5.15 8.04
C SER A 3 20.55 3.85 7.76
N GLY A 4 21.30 2.80 7.47
CA GLY A 4 20.69 1.51 7.17
C GLY A 4 19.86 1.02 8.36
N SER A 5 18.73 0.43 8.03
CA SER A 5 17.83 -0.09 9.04
C SER A 5 16.94 -1.20 8.45
N SER A 6 16.15 -0.80 7.46
CA SER A 6 15.26 -1.74 6.80
C SER A 6 16.04 -2.67 5.88
N GLY A 7 16.80 -2.06 4.98
CA GLY A 7 17.61 -2.81 4.04
C GLY A 7 17.09 -2.64 2.62
N ARG A 8 15.84 -3.04 2.42
CA ARG A 8 15.23 -2.94 1.11
C ARG A 8 13.71 -3.18 1.21
N SER A 9 12.96 -2.27 0.61
CA SER A 9 11.52 -2.37 0.63
C SER A 9 11.00 -2.22 2.06
N TYR A 10 9.72 -1.89 2.16
CA TYR A 10 9.09 -1.71 3.46
C TYR A 10 8.04 -2.79 3.71
N GLU A 11 7.62 -2.89 4.97
CA GLU A 11 6.62 -3.88 5.35
C GLU A 11 5.78 -3.33 6.51
N GLY A 12 4.46 -3.47 6.35
CA GLY A 12 3.54 -3.01 7.37
C GLY A 12 2.11 -3.46 7.06
N ILE A 13 1.24 -3.27 8.03
CA ILE A 13 -0.16 -3.66 7.88
C ILE A 13 -0.82 -2.74 6.84
N LEU A 14 -1.65 -3.36 6.01
CA LEU A 14 -2.35 -2.61 4.97
C LEU A 14 -3.68 -3.31 4.67
N TYR A 15 -4.76 -2.58 4.88
CA TYR A 15 -6.09 -3.11 4.63
C TYR A 15 -6.47 -2.95 3.16
N LYS A 16 -7.40 -3.80 2.73
CA LYS A 16 -7.86 -3.76 1.35
C LYS A 16 -9.39 -3.78 1.33
N LYS A 17 -9.96 -2.74 0.71
CA LYS A 17 -11.40 -2.62 0.62
C LYS A 17 -11.99 -3.95 0.17
N GLY A 18 -13.19 -4.23 0.64
CA GLY A 18 -13.88 -5.46 0.28
C GLY A 18 -15.24 -5.17 -0.35
N ALA A 19 -16.21 -4.90 0.51
CA ALA A 19 -17.56 -4.61 0.05
C ALA A 19 -18.16 -3.51 0.92
N PHE A 20 -19.43 -3.23 0.67
CA PHE A 20 -20.14 -2.21 1.43
C PHE A 20 -20.92 -2.82 2.59
N MET A 21 -20.32 -3.83 3.20
CA MET A 21 -20.95 -4.51 4.32
C MET A 21 -19.91 -5.04 5.31
N LYS A 22 -18.88 -5.66 4.75
CA LYS A 22 -17.82 -6.23 5.56
C LYS A 22 -16.63 -5.24 5.57
N PRO A 23 -15.77 -5.40 6.62
CA PRO A 23 -14.61 -4.54 6.77
C PRO A 23 -13.52 -4.93 5.76
N TRP A 24 -12.67 -3.96 5.46
CA TRP A 24 -11.59 -4.18 4.52
C TRP A 24 -10.74 -5.35 5.03
N LYS A 25 -10.10 -6.03 4.10
CA LYS A 25 -9.27 -7.17 4.44
C LYS A 25 -7.91 -6.67 4.96
N ALA A 26 -7.64 -6.99 6.21
CA ALA A 26 -6.38 -6.57 6.82
C ALA A 26 -5.35 -7.68 6.65
N ARG A 27 -4.31 -7.35 5.89
CA ARG A 27 -3.25 -8.31 5.63
C ARG A 27 -1.89 -7.59 5.61
N TRP A 28 -0.84 -8.40 5.72
CA TRP A 28 0.52 -7.86 5.73
C TRP A 28 0.93 -7.62 4.27
N PHE A 29 1.26 -6.37 3.99
CA PHE A 29 1.67 -5.99 2.65
C PHE A 29 3.19 -5.81 2.58
N VAL A 30 3.68 -5.69 1.36
CA VAL A 30 5.11 -5.52 1.13
C VAL A 30 5.33 -4.49 0.02
N LEU A 31 6.26 -3.57 0.27
CA LEU A 31 6.58 -2.54 -0.70
C LEU A 31 7.90 -2.88 -1.38
N ASP A 32 7.80 -3.68 -2.42
CA ASP A 32 8.98 -4.09 -3.17
C ASP A 32 9.46 -2.92 -4.03
N LYS A 33 10.78 -2.72 -4.03
CA LYS A 33 11.37 -1.64 -4.79
C LYS A 33 12.28 -2.24 -5.88
N THR A 34 12.98 -3.29 -5.50
CA THR A 34 13.89 -3.95 -6.42
C THR A 34 13.14 -4.36 -7.70
N LYS A 35 11.93 -4.86 -7.50
CA LYS A 35 11.11 -5.29 -8.61
C LYS A 35 9.97 -4.30 -8.82
N HIS A 36 9.72 -3.51 -7.78
CA HIS A 36 8.66 -2.51 -7.84
C HIS A 36 7.31 -3.21 -7.96
N GLN A 37 6.89 -3.79 -6.84
CA GLN A 37 5.61 -4.49 -6.81
C GLN A 37 5.02 -4.45 -5.40
N LEU A 38 3.76 -4.85 -5.30
CA LEU A 38 3.08 -4.87 -4.02
C LEU A 38 2.69 -6.31 -3.68
N ARG A 39 3.47 -6.90 -2.79
CA ARG A 39 3.22 -8.27 -2.36
C ARG A 39 2.60 -8.29 -0.96
N TYR A 40 1.48 -8.98 -0.86
CA TYR A 40 0.77 -9.08 0.40
C TYR A 40 0.49 -10.55 0.75
N TYR A 41 0.64 -10.86 2.03
CA TYR A 41 0.40 -12.21 2.51
C TYR A 41 -0.65 -12.23 3.62
N ASP A 42 -1.12 -13.42 3.93
CA ASP A 42 -2.13 -13.58 4.96
C ASP A 42 -1.46 -13.49 6.33
N HIS A 43 -0.29 -14.10 6.43
CA HIS A 43 0.46 -14.09 7.68
C HIS A 43 1.77 -13.33 7.47
N ARG A 44 2.51 -13.20 8.57
CA ARG A 44 3.78 -12.50 8.53
C ARG A 44 4.91 -13.48 8.22
N MET A 45 4.79 -14.67 8.78
CA MET A 45 5.79 -15.70 8.59
C MET A 45 5.35 -16.70 7.52
N ASP A 46 4.79 -16.16 6.45
CA ASP A 46 4.33 -16.99 5.34
C ASP A 46 5.37 -16.99 4.22
N THR A 47 5.45 -18.12 3.55
CA THR A 47 6.41 -18.27 2.45
C THR A 47 5.67 -18.48 1.13
N GLU A 48 4.63 -17.69 0.93
CA GLU A 48 3.83 -17.78 -0.29
C GLU A 48 3.24 -16.41 -0.63
N CYS A 49 3.57 -15.96 -1.84
CA CYS A 49 3.09 -14.68 -2.31
C CYS A 49 1.76 -14.90 -3.04
N LYS A 50 0.71 -14.31 -2.48
CA LYS A 50 -0.62 -14.44 -3.07
C LYS A 50 -1.12 -13.06 -3.50
N GLY A 51 -0.85 -12.74 -4.77
CA GLY A 51 -1.26 -11.47 -5.31
C GLY A 51 -0.06 -10.54 -5.50
N VAL A 52 -0.16 -9.69 -6.51
CA VAL A 52 0.91 -8.75 -6.80
C VAL A 52 0.31 -7.48 -7.42
N ILE A 53 1.00 -6.37 -7.18
CA ILE A 53 0.55 -5.09 -7.70
C ILE A 53 1.76 -4.30 -8.21
N ASP A 54 1.96 -4.35 -9.52
CA ASP A 54 3.06 -3.65 -10.13
C ASP A 54 3.01 -2.17 -9.74
N LEU A 55 4.03 -1.74 -9.02
CA LEU A 55 4.11 -0.36 -8.59
C LEU A 55 4.32 0.55 -9.79
N ALA A 56 5.01 0.00 -10.79
CA ALA A 56 5.29 0.75 -12.00
C ALA A 56 3.97 1.10 -12.70
N GLU A 57 2.92 0.40 -12.29
CA GLU A 57 1.61 0.63 -12.87
C GLU A 57 0.88 1.73 -12.10
N VAL A 58 1.25 1.88 -10.84
CA VAL A 58 0.65 2.90 -9.99
C VAL A 58 0.93 4.29 -10.58
N GLU A 59 -0.15 5.05 -10.74
CA GLU A 59 -0.02 6.40 -11.29
C GLU A 59 0.19 7.41 -10.17
N ALA A 60 -0.38 7.11 -9.01
CA ALA A 60 -0.25 7.98 -7.86
C ALA A 60 -1.23 7.52 -6.76
N VAL A 61 -1.16 8.20 -5.64
CA VAL A 61 -2.03 7.89 -4.52
C VAL A 61 -2.51 9.18 -3.86
N ALA A 62 -3.62 9.07 -3.15
CA ALA A 62 -4.19 10.22 -2.47
C ALA A 62 -4.85 9.76 -1.17
N PRO A 63 -4.75 10.63 -0.13
CA PRO A 63 -5.34 10.33 1.16
C PRO A 63 -6.86 10.50 1.12
N GLY A 64 -7.55 9.36 1.16
CA GLY A 64 -9.00 9.37 1.13
C GLY A 64 -9.58 9.41 2.54
N THR A 65 -10.88 9.17 2.63
CA THR A 65 -11.56 9.16 3.92
C THR A 65 -12.24 7.82 4.16
N PRO A 66 -12.50 7.54 5.47
CA PRO A 66 -13.16 6.29 5.84
C PRO A 66 -14.65 6.34 5.52
N THR A 67 -15.13 5.24 4.94
CA THR A 67 -16.53 5.14 4.58
C THR A 67 -17.14 3.87 5.15
N ILE A 68 -18.17 3.39 4.48
CA ILE A 68 -18.86 2.18 4.91
C ILE A 68 -17.86 1.02 4.93
N GLY A 69 -18.20 -0.01 5.70
CA GLY A 69 -17.35 -1.18 5.82
C GLY A 69 -15.89 -0.78 5.89
N ALA A 70 -15.59 0.10 6.84
CA ALA A 70 -14.22 0.57 7.04
C ALA A 70 -13.45 -0.44 7.89
N PRO A 71 -12.20 -0.06 8.24
CA PRO A 71 -11.35 -0.91 9.05
C PRO A 71 -11.80 -0.90 10.52
N LYS A 72 -10.88 -1.31 11.38
CA LYS A 72 -11.17 -1.34 12.80
C LYS A 72 -11.19 0.08 13.35
N THR A 73 -10.01 0.68 13.39
CA THR A 73 -9.87 2.04 13.88
C THR A 73 -8.68 2.73 13.23
N VAL A 74 -8.86 3.15 11.99
CA VAL A 74 -7.81 3.81 11.25
C VAL A 74 -8.14 5.30 11.15
N ASP A 75 -7.08 6.10 11.09
CA ASP A 75 -7.23 7.54 10.99
C ASP A 75 -7.51 7.92 9.54
N GLU A 76 -8.63 8.61 9.33
CA GLU A 76 -9.01 9.04 8.00
C GLU A 76 -7.77 9.44 7.20
N LYS A 77 -6.81 10.01 7.90
CA LYS A 77 -5.57 10.44 7.27
C LYS A 77 -4.86 9.23 6.67
N ALA A 78 -4.60 8.25 7.53
CA ALA A 78 -3.93 7.03 7.11
C ALA A 78 -4.46 6.62 5.73
N PHE A 79 -5.75 6.33 5.69
CA PHE A 79 -6.39 5.93 4.44
C PHE A 79 -5.75 6.62 3.24
N PHE A 80 -5.55 5.85 2.19
CA PHE A 80 -4.95 6.37 0.97
C PHE A 80 -5.28 5.49 -0.23
N ASP A 81 -5.86 6.12 -1.25
CA ASP A 81 -6.23 5.41 -2.46
C ASP A 81 -5.02 5.32 -3.38
N VAL A 82 -4.78 4.12 -3.87
CA VAL A 82 -3.65 3.89 -4.77
C VAL A 82 -4.17 3.73 -6.20
N LYS A 83 -3.97 4.78 -6.98
CA LYS A 83 -4.40 4.77 -8.37
C LYS A 83 -3.44 3.94 -9.20
N THR A 84 -4.00 2.99 -9.93
CA THR A 84 -3.21 2.12 -10.77
C THR A 84 -3.80 2.05 -12.19
N THR A 85 -3.21 1.18 -13.00
CA THR A 85 -3.67 1.02 -14.37
C THR A 85 -4.91 0.13 -14.41
N ARG A 86 -4.89 -0.91 -13.60
CA ARG A 86 -6.01 -1.84 -13.54
C ARG A 86 -7.25 -1.14 -13.00
N ARG A 87 -7.19 -0.82 -11.72
CA ARG A 87 -8.30 -0.14 -11.06
C ARG A 87 -7.82 0.57 -9.79
N VAL A 88 -8.64 1.51 -9.34
CA VAL A 88 -8.30 2.28 -8.15
C VAL A 88 -8.41 1.37 -6.92
N TYR A 89 -7.44 1.51 -6.03
CA TYR A 89 -7.41 0.72 -4.81
C TYR A 89 -7.68 1.58 -3.59
N ASN A 90 -7.98 0.91 -2.48
CA ASN A 90 -8.26 1.61 -1.24
C ASN A 90 -7.46 0.97 -0.11
N PHE A 91 -6.24 1.48 0.09
CA PHE A 91 -5.38 0.98 1.12
C PHE A 91 -5.23 1.98 2.27
N CYS A 92 -4.85 1.47 3.43
CA CYS A 92 -4.68 2.31 4.60
C CYS A 92 -3.73 1.59 5.56
N ALA A 93 -3.07 2.40 6.39
CA ALA A 93 -2.14 1.86 7.36
C ALA A 93 -2.81 1.78 8.73
N GLN A 94 -2.13 1.11 9.65
CA GLN A 94 -2.65 0.95 11.00
C GLN A 94 -2.33 2.18 11.85
N ASP A 95 -1.65 3.13 11.22
CA ASP A 95 -1.26 4.36 11.91
C ASP A 95 -1.27 5.52 10.92
N VAL A 96 -1.22 6.72 11.46
CA VAL A 96 -1.22 7.92 10.63
C VAL A 96 0.16 8.09 9.99
N PRO A 97 1.21 7.96 10.85
CA PRO A 97 2.58 8.10 10.38
C PRO A 97 3.02 6.86 9.58
N SER A 98 2.27 5.79 9.77
CA SER A 98 2.57 4.54 9.09
C SER A 98 2.08 4.61 7.64
N ALA A 99 0.91 5.21 7.47
CA ALA A 99 0.32 5.35 6.15
C ALA A 99 1.16 6.32 5.32
N GLN A 100 1.41 7.49 5.90
CA GLN A 100 2.19 8.51 5.24
C GLN A 100 3.45 7.89 4.62
N GLN A 101 4.09 7.02 5.39
CA GLN A 101 5.30 6.37 4.94
C GLN A 101 5.02 5.56 3.67
N TRP A 102 3.88 4.87 3.70
CA TRP A 102 3.48 4.05 2.57
C TRP A 102 3.37 4.95 1.33
N VAL A 103 2.52 5.97 1.46
CA VAL A 103 2.31 6.92 0.38
C VAL A 103 3.66 7.43 -0.10
N ASP A 104 4.38 8.08 0.81
CA ASP A 104 5.69 8.63 0.48
C ASP A 104 6.48 7.60 -0.33
N ARG A 105 6.60 6.42 0.24
CA ARG A 105 7.33 5.34 -0.41
C ARG A 105 6.78 5.11 -1.82
N ILE A 106 5.55 4.64 -1.88
CA ILE A 106 4.90 4.38 -3.15
C ILE A 106 5.11 5.58 -4.08
N GLN A 107 4.83 6.76 -3.56
CA GLN A 107 4.99 7.98 -4.32
C GLN A 107 6.43 8.13 -4.79
N SER A 108 7.33 7.59 -3.99
CA SER A 108 8.75 7.65 -4.30
C SER A 108 9.13 6.54 -5.28
N CYS A 109 8.15 5.69 -5.56
CA CYS A 109 8.36 4.58 -6.47
C CYS A 109 7.15 4.49 -7.40
N LEU A 110 6.94 5.55 -8.15
CA LEU A 110 5.82 5.61 -9.08
C LEU A 110 6.33 5.37 -10.51
N SER A 111 5.83 6.18 -11.43
CA SER A 111 6.22 6.07 -12.82
C SER A 111 7.17 7.22 -13.18
N SER A 112 8.03 6.95 -14.16
CA SER A 112 8.99 7.93 -14.61
C SER A 112 8.90 8.11 -16.12
N GLY A 113 8.02 9.02 -16.53
CA GLY A 113 7.82 9.29 -17.94
C GLY A 113 7.84 10.80 -18.21
N PRO A 114 7.49 11.16 -19.47
CA PRO A 114 7.47 12.55 -19.88
C PRO A 114 6.24 13.27 -19.30
N SER A 115 6.48 13.98 -18.22
CA SER A 115 5.41 14.72 -17.56
C SER A 115 5.97 15.52 -16.38
N SER A 116 5.48 16.74 -16.25
CA SER A 116 5.92 17.61 -15.17
C SER A 116 5.60 16.98 -13.82
N GLY A 117 6.65 16.62 -13.09
CA GLY A 117 6.49 16.01 -11.78
C GLY A 117 7.09 16.90 -10.68
N GLY A 1 18.70 9.78 -5.75
CA GLY A 1 19.26 9.20 -4.54
C GLY A 1 20.66 8.64 -4.81
N SER A 2 21.14 7.86 -3.85
CA SER A 2 22.46 7.26 -3.96
C SER A 2 22.45 5.86 -3.34
N SER A 3 21.92 5.80 -2.12
CA SER A 3 21.85 4.55 -1.39
C SER A 3 20.42 4.00 -1.43
N GLY A 4 20.31 2.70 -1.21
CA GLY A 4 19.02 2.04 -1.22
C GLY A 4 19.05 0.78 -2.09
N SER A 5 19.32 0.99 -3.37
CA SER A 5 19.39 -0.11 -4.32
C SER A 5 20.09 -1.32 -3.67
N SER A 6 19.54 -2.49 -3.96
CA SER A 6 20.10 -3.72 -3.42
C SER A 6 19.86 -3.78 -1.90
N GLY A 7 19.39 -4.94 -1.46
CA GLY A 7 19.12 -5.14 -0.05
C GLY A 7 17.70 -5.69 0.16
N ARG A 8 16.96 -5.02 1.03
CA ARG A 8 15.60 -5.43 1.34
C ARG A 8 14.61 -4.35 0.88
N SER A 9 13.43 -4.39 1.47
CA SER A 9 12.39 -3.43 1.14
C SER A 9 11.67 -2.98 2.41
N TYR A 10 10.41 -2.59 2.23
CA TYR A 10 9.60 -2.15 3.35
C TYR A 10 8.43 -3.10 3.60
N GLU A 11 7.94 -3.06 4.83
CA GLU A 11 6.82 -3.91 5.22
C GLU A 11 5.93 -3.20 6.24
N GLY A 12 4.73 -3.73 6.40
CA GLY A 12 3.78 -3.16 7.33
C GLY A 12 2.35 -3.55 6.97
N ILE A 13 1.51 -3.61 7.99
CA ILE A 13 0.12 -3.98 7.80
C ILE A 13 -0.53 -3.00 6.81
N LEU A 14 -1.42 -3.54 6.00
CA LEU A 14 -2.11 -2.74 5.00
C LEU A 14 -3.50 -3.34 4.73
N TYR A 15 -4.52 -2.55 5.02
CA TYR A 15 -5.89 -2.99 4.81
C TYR A 15 -6.30 -2.82 3.35
N LYS A 16 -7.43 -3.43 3.01
CA LYS A 16 -7.94 -3.36 1.65
C LYS A 16 -9.47 -3.34 1.68
N LYS A 17 -10.03 -2.27 1.15
CA LYS A 17 -11.48 -2.11 1.12
C LYS A 17 -12.09 -3.28 0.34
N GLY A 18 -13.38 -3.48 0.56
CA GLY A 18 -14.10 -4.55 -0.11
C GLY A 18 -14.23 -5.78 0.79
N ALA A 19 -15.41 -5.94 1.36
CA ALA A 19 -15.68 -7.05 2.25
C ALA A 19 -17.07 -6.92 2.84
N PHE A 20 -17.60 -8.03 3.33
CA PHE A 20 -18.92 -8.04 3.92
C PHE A 20 -19.04 -6.96 5.00
N MET A 21 -20.18 -6.99 5.69
CA MET A 21 -20.44 -6.02 6.75
C MET A 21 -19.16 -5.74 7.55
N LYS A 22 -18.44 -6.81 7.84
CA LYS A 22 -17.21 -6.69 8.60
C LYS A 22 -16.38 -5.55 8.03
N PRO A 23 -15.41 -5.05 8.86
CA PRO A 23 -14.54 -3.97 8.45
C PRO A 23 -13.48 -4.47 7.47
N TRP A 24 -12.82 -3.51 6.83
CA TRP A 24 -11.78 -3.84 5.86
C TRP A 24 -10.85 -4.88 6.50
N LYS A 25 -10.35 -5.77 5.65
CA LYS A 25 -9.46 -6.81 6.11
C LYS A 25 -8.03 -6.26 6.20
N ALA A 26 -7.27 -6.82 7.13
CA ALA A 26 -5.89 -6.40 7.32
C ALA A 26 -4.95 -7.47 6.77
N ARG A 27 -4.15 -7.07 5.80
CA ARG A 27 -3.20 -7.98 5.19
C ARG A 27 -1.77 -7.45 5.35
N TRP A 28 -0.81 -8.35 5.17
CA TRP A 28 0.59 -7.99 5.28
C TRP A 28 1.12 -7.70 3.89
N PHE A 29 1.30 -6.41 3.60
CA PHE A 29 1.80 -5.99 2.31
C PHE A 29 3.33 -5.91 2.30
N VAL A 30 3.87 -5.72 1.12
CA VAL A 30 5.32 -5.63 0.97
C VAL A 30 5.65 -4.62 -0.13
N LEU A 31 6.27 -3.53 0.27
CA LEU A 31 6.65 -2.49 -0.66
C LEU A 31 8.06 -2.77 -1.20
N ASP A 32 8.10 -3.62 -2.22
CA ASP A 32 9.36 -3.98 -2.84
C ASP A 32 9.80 -2.88 -3.80
N LYS A 33 11.03 -2.44 -3.62
CA LYS A 33 11.58 -1.38 -4.47
C LYS A 33 12.40 -2.02 -5.58
N THR A 34 13.08 -3.10 -5.24
CA THR A 34 13.91 -3.81 -6.20
C THR A 34 13.03 -4.53 -7.24
N LYS A 35 11.86 -4.92 -6.79
CA LYS A 35 10.92 -5.61 -7.67
C LYS A 35 9.93 -4.60 -8.25
N HIS A 36 9.66 -3.57 -7.47
CA HIS A 36 8.74 -2.53 -7.89
C HIS A 36 7.32 -3.11 -7.98
N GLN A 37 7.00 -3.95 -7.01
CA GLN A 37 5.69 -4.58 -6.97
C GLN A 37 5.14 -4.56 -5.54
N LEU A 38 3.84 -4.78 -5.44
CA LEU A 38 3.18 -4.80 -4.15
C LEU A 38 2.77 -6.24 -3.81
N ARG A 39 3.54 -6.85 -2.92
CA ARG A 39 3.27 -8.21 -2.51
C ARG A 39 2.56 -8.23 -1.16
N TYR A 40 1.39 -8.84 -1.13
CA TYR A 40 0.61 -8.93 0.08
C TYR A 40 0.14 -10.36 0.34
N TYR A 41 0.10 -10.72 1.61
CA TYR A 41 -0.31 -12.06 2.00
C TYR A 41 -1.49 -12.00 2.98
N ASP A 42 -2.14 -13.14 3.14
CA ASP A 42 -3.28 -13.23 4.04
C ASP A 42 -2.79 -13.15 5.49
N HIS A 43 -1.61 -13.68 5.71
CA HIS A 43 -1.01 -13.66 7.04
C HIS A 43 0.34 -12.95 7.00
N ARG A 44 1.04 -13.02 8.12
CA ARG A 44 2.35 -12.39 8.22
C ARG A 44 3.45 -13.46 8.23
N MET A 45 3.05 -14.68 7.89
CA MET A 45 3.99 -15.78 7.86
C MET A 45 3.66 -16.75 6.71
N ASP A 46 3.23 -16.16 5.60
CA ASP A 46 2.88 -16.96 4.44
C ASP A 46 4.08 -17.02 3.49
N THR A 47 4.40 -18.24 3.08
CA THR A 47 5.52 -18.44 2.17
C THR A 47 5.12 -18.09 0.73
N GLU A 48 3.84 -18.31 0.44
CA GLU A 48 3.32 -18.03 -0.88
C GLU A 48 2.51 -16.74 -0.87
N CYS A 49 2.70 -15.96 -1.92
CA CYS A 49 2.00 -14.68 -2.04
C CYS A 49 0.77 -14.89 -2.93
N LYS A 50 -0.31 -14.22 -2.56
CA LYS A 50 -1.54 -14.33 -3.32
C LYS A 50 -1.94 -12.95 -3.84
N GLY A 51 -1.48 -12.65 -5.05
CA GLY A 51 -1.77 -11.37 -5.68
C GLY A 51 -0.53 -10.47 -5.68
N VAL A 52 -0.48 -9.60 -6.67
CA VAL A 52 0.63 -8.67 -6.80
C VAL A 52 0.13 -7.37 -7.44
N ILE A 53 0.87 -6.29 -7.15
CA ILE A 53 0.52 -4.99 -7.68
C ILE A 53 1.79 -4.29 -8.17
N ASP A 54 1.96 -4.31 -9.49
CA ASP A 54 3.12 -3.68 -10.10
C ASP A 54 3.16 -2.20 -9.70
N LEU A 55 4.26 -1.83 -9.06
CA LEU A 55 4.44 -0.46 -8.61
C LEU A 55 4.71 0.44 -9.83
N ALA A 56 5.27 -0.19 -10.86
CA ALA A 56 5.58 0.54 -12.09
C ALA A 56 4.28 0.89 -12.81
N GLU A 57 3.19 0.33 -12.31
CA GLU A 57 1.88 0.58 -12.90
C GLU A 57 1.14 1.66 -12.11
N VAL A 58 1.54 1.81 -10.85
CA VAL A 58 0.92 2.81 -9.98
C VAL A 58 1.08 4.19 -10.62
N GLU A 59 -0.04 4.89 -10.72
CA GLU A 59 -0.04 6.22 -11.31
C GLU A 59 0.17 7.28 -10.21
N ALA A 60 -0.31 6.95 -9.02
CA ALA A 60 -0.18 7.86 -7.89
C ALA A 60 -1.16 7.44 -6.79
N VAL A 61 -1.06 8.13 -5.67
CA VAL A 61 -1.92 7.84 -4.53
C VAL A 61 -2.39 9.15 -3.91
N ALA A 62 -3.51 9.08 -3.20
CA ALA A 62 -4.07 10.25 -2.55
C ALA A 62 -4.71 9.84 -1.23
N PRO A 63 -4.58 10.74 -0.21
CA PRO A 63 -5.14 10.48 1.10
C PRO A 63 -6.66 10.65 1.09
N GLY A 64 -7.35 9.56 1.45
CA GLY A 64 -8.80 9.58 1.48
C GLY A 64 -9.31 9.72 2.92
N THR A 65 -10.62 9.60 3.06
CA THR A 65 -11.24 9.72 4.36
C THR A 65 -11.86 8.38 4.78
N PRO A 66 -12.10 8.25 6.11
CA PRO A 66 -12.69 7.02 6.64
C PRO A 66 -14.18 6.94 6.33
N THR A 67 -14.53 5.95 5.53
CA THR A 67 -15.91 5.74 5.14
C THR A 67 -16.56 4.68 6.02
N ILE A 68 -17.80 4.34 5.68
CA ILE A 68 -18.54 3.34 6.42
C ILE A 68 -17.91 1.96 6.18
N GLY A 69 -17.78 1.21 7.27
CA GLY A 69 -17.19 -0.11 7.18
C GLY A 69 -15.74 -0.12 7.66
N ALA A 70 -15.03 0.94 7.30
CA ALA A 70 -13.63 1.07 7.68
C ALA A 70 -13.50 0.79 9.18
N PRO A 71 -12.23 0.58 9.61
CA PRO A 71 -11.95 0.30 11.01
C PRO A 71 -12.07 1.57 11.85
N LYS A 72 -11.91 1.39 13.16
CA LYS A 72 -11.99 2.51 14.08
C LYS A 72 -10.58 2.92 14.50
N THR A 73 -9.79 1.93 14.86
CA THR A 73 -8.42 2.17 15.29
C THR A 73 -7.76 3.20 14.38
N VAL A 74 -7.78 2.92 13.09
CA VAL A 74 -7.19 3.82 12.11
C VAL A 74 -7.92 5.16 12.15
N ASP A 75 -7.20 6.20 11.74
CA ASP A 75 -7.77 7.54 11.73
C ASP A 75 -8.13 7.92 10.29
N GLU A 76 -8.26 9.22 10.07
CA GLU A 76 -8.59 9.73 8.76
C GLU A 76 -7.32 10.11 7.98
N LYS A 77 -6.31 10.51 8.74
CA LYS A 77 -5.04 10.90 8.14
C LYS A 77 -4.19 9.65 7.92
N ALA A 78 -4.79 8.67 7.28
CA ALA A 78 -4.11 7.41 7.00
C ALA A 78 -4.62 6.84 5.68
N PHE A 79 -5.93 6.82 5.55
CA PHE A 79 -6.56 6.30 4.35
C PHE A 79 -5.93 6.90 3.09
N PHE A 80 -5.52 6.02 2.19
CA PHE A 80 -4.90 6.46 0.95
C PHE A 80 -5.27 5.52 -0.20
N ASP A 81 -5.72 6.14 -1.29
CA ASP A 81 -6.11 5.37 -2.47
C ASP A 81 -4.90 5.20 -3.39
N VAL A 82 -4.74 3.98 -3.88
CA VAL A 82 -3.63 3.67 -4.77
C VAL A 82 -4.15 3.54 -6.20
N LYS A 83 -3.70 4.46 -7.04
CA LYS A 83 -4.11 4.46 -8.44
C LYS A 83 -3.10 3.66 -9.27
N THR A 84 -3.62 2.81 -10.13
CA THR A 84 -2.79 1.98 -10.98
C THR A 84 -3.35 1.93 -12.41
N THR A 85 -2.76 1.06 -13.21
CA THR A 85 -3.19 0.91 -14.59
C THR A 85 -4.46 0.05 -14.67
N ARG A 86 -4.47 -1.00 -13.86
CA ARG A 86 -5.61 -1.91 -13.82
C ARG A 86 -6.85 -1.17 -13.32
N ARG A 87 -6.85 -0.89 -12.01
CA ARG A 87 -7.97 -0.20 -11.40
C ARG A 87 -7.50 0.55 -10.15
N VAL A 88 -8.43 1.28 -9.56
CA VAL A 88 -8.13 2.04 -8.35
C VAL A 88 -8.28 1.13 -7.14
N TYR A 89 -7.41 1.36 -6.16
CA TYR A 89 -7.43 0.57 -4.94
C TYR A 89 -7.65 1.46 -3.71
N ASN A 90 -8.05 0.81 -2.62
CA ASN A 90 -8.30 1.53 -1.38
C ASN A 90 -7.58 0.83 -0.24
N PHE A 91 -6.37 1.29 0.04
CA PHE A 91 -5.57 0.71 1.10
C PHE A 91 -5.54 1.63 2.33
N CYS A 92 -5.07 1.07 3.43
CA CYS A 92 -4.99 1.83 4.67
C CYS A 92 -3.85 1.23 5.51
N ALA A 93 -3.38 2.03 6.46
CA ALA A 93 -2.31 1.61 7.33
C ALA A 93 -2.84 1.47 8.77
N GLN A 94 -1.97 1.00 9.65
CA GLN A 94 -2.35 0.82 11.04
C GLN A 94 -1.91 2.03 11.87
N ASP A 95 -1.99 3.20 11.24
CA ASP A 95 -1.61 4.43 11.91
C ASP A 95 -1.63 5.58 10.90
N VAL A 96 -1.62 6.80 11.43
CA VAL A 96 -1.64 7.97 10.59
C VAL A 96 -0.26 8.19 9.98
N PRO A 97 0.78 8.08 10.86
CA PRO A 97 2.15 8.26 10.43
C PRO A 97 2.64 7.04 9.64
N SER A 98 1.92 5.94 9.79
CA SER A 98 2.26 4.71 9.11
C SER A 98 1.82 4.78 7.65
N ALA A 99 0.68 5.44 7.44
CA ALA A 99 0.13 5.58 6.11
C ALA A 99 1.02 6.52 5.29
N GLN A 100 1.27 7.69 5.86
CA GLN A 100 2.10 8.67 5.19
C GLN A 100 3.37 8.03 4.65
N GLN A 101 3.99 7.21 5.50
CA GLN A 101 5.20 6.52 5.12
C GLN A 101 4.94 5.58 3.93
N TRP A 102 3.75 5.00 3.94
CA TRP A 102 3.37 4.08 2.88
C TRP A 102 3.24 4.88 1.59
N VAL A 103 2.47 5.95 1.67
CA VAL A 103 2.26 6.82 0.52
C VAL A 103 3.60 7.39 0.05
N ASP A 104 4.29 8.04 0.97
CA ASP A 104 5.58 8.63 0.68
C ASP A 104 6.42 7.63 -0.10
N ARG A 105 6.43 6.40 0.40
CA ARG A 105 7.20 5.34 -0.24
C ARG A 105 6.68 5.10 -1.67
N ILE A 106 5.42 4.71 -1.75
CA ILE A 106 4.80 4.44 -3.04
C ILE A 106 5.03 5.65 -3.96
N GLN A 107 4.70 6.82 -3.44
CA GLN A 107 4.85 8.04 -4.20
C GLN A 107 6.32 8.23 -4.60
N SER A 108 7.18 7.47 -3.96
CA SER A 108 8.61 7.53 -4.25
C SER A 108 9.00 6.43 -5.23
N CYS A 109 8.03 5.58 -5.54
CA CYS A 109 8.26 4.48 -6.45
C CYS A 109 7.75 4.90 -7.84
N LEU A 110 6.78 5.79 -7.83
CA LEU A 110 6.20 6.28 -9.07
C LEU A 110 7.31 6.43 -10.13
N SER A 111 8.48 6.83 -9.66
CA SER A 111 9.62 7.01 -10.54
C SER A 111 10.92 6.80 -9.77
N SER A 112 11.75 5.91 -10.29
CA SER A 112 13.02 5.60 -9.66
C SER A 112 13.70 4.44 -10.39
N GLY A 113 14.45 4.79 -11.42
CA GLY A 113 15.15 3.80 -12.21
C GLY A 113 16.35 3.24 -11.44
N PRO A 114 16.75 1.99 -11.81
CA PRO A 114 17.87 1.34 -11.16
C PRO A 114 19.20 1.93 -11.63
N SER A 115 19.27 2.19 -12.92
CA SER A 115 20.47 2.77 -13.51
C SER A 115 20.13 3.45 -14.83
N SER A 116 19.51 2.68 -15.72
CA SER A 116 19.12 3.19 -17.03
C SER A 116 18.05 2.30 -17.65
N GLY A 117 17.38 2.85 -18.65
CA GLY A 117 16.33 2.11 -19.33
C GLY A 117 16.00 2.74 -20.69
N GLY A 1 20.77 10.43 -4.24
CA GLY A 1 20.44 9.03 -4.02
C GLY A 1 19.41 8.55 -5.04
N SER A 2 19.81 7.54 -5.79
CA SER A 2 18.93 6.97 -6.81
C SER A 2 19.14 5.46 -6.90
N SER A 3 20.37 5.07 -7.20
CA SER A 3 20.71 3.66 -7.31
C SER A 3 20.44 2.95 -5.99
N GLY A 4 20.16 1.66 -6.09
CA GLY A 4 19.88 0.86 -4.92
C GLY A 4 21.16 0.24 -4.35
N SER A 5 20.99 -0.58 -3.33
CA SER A 5 22.13 -1.23 -2.69
C SER A 5 21.64 -2.12 -1.55
N SER A 6 22.13 -3.35 -1.56
CA SER A 6 21.76 -4.32 -0.53
C SER A 6 20.26 -4.60 -0.61
N GLY A 7 19.91 -5.83 -0.24
CA GLY A 7 18.51 -6.25 -0.27
C GLY A 7 17.77 -5.77 0.99
N ARG A 8 16.70 -5.02 0.75
CA ARG A 8 15.90 -4.50 1.85
C ARG A 8 14.77 -3.63 1.31
N SER A 9 13.62 -3.74 1.96
CA SER A 9 12.45 -2.97 1.55
C SER A 9 11.62 -2.60 2.79
N TYR A 10 10.42 -2.10 2.52
CA TYR A 10 9.52 -1.71 3.59
C TYR A 10 8.32 -2.67 3.67
N GLU A 11 7.73 -2.72 4.86
CA GLU A 11 6.59 -3.58 5.09
C GLU A 11 5.74 -3.05 6.25
N GLY A 12 4.46 -3.37 6.20
CA GLY A 12 3.54 -2.93 7.23
C GLY A 12 2.12 -3.41 6.94
N ILE A 13 1.27 -3.33 7.95
CA ILE A 13 -0.11 -3.75 7.82
C ILE A 13 -0.83 -2.81 6.84
N LEU A 14 -1.68 -3.41 6.02
CA LEU A 14 -2.44 -2.65 5.03
C LEU A 14 -3.76 -3.36 4.75
N TYR A 15 -4.84 -2.65 5.04
CA TYR A 15 -6.18 -3.21 4.82
C TYR A 15 -6.64 -2.97 3.38
N LYS A 16 -7.44 -3.90 2.89
CA LYS A 16 -7.95 -3.82 1.54
C LYS A 16 -9.49 -3.84 1.58
N LYS A 17 -10.07 -2.77 1.08
CA LYS A 17 -11.52 -2.65 1.05
C LYS A 17 -12.12 -3.94 0.47
N GLY A 18 -13.13 -4.44 1.16
CA GLY A 18 -13.80 -5.65 0.72
C GLY A 18 -15.33 -5.48 0.73
N ALA A 19 -15.99 -6.40 0.05
CA ALA A 19 -17.44 -6.36 -0.05
C ALA A 19 -18.04 -6.81 1.28
N PHE A 20 -19.35 -7.00 1.26
CA PHE A 20 -20.07 -7.44 2.46
C PHE A 20 -19.33 -8.58 3.14
N MET A 21 -19.81 -8.92 4.33
CA MET A 21 -19.21 -9.99 5.10
C MET A 21 -17.96 -9.52 5.83
N LYS A 22 -18.18 -8.85 6.95
CA LYS A 22 -17.08 -8.33 7.75
C LYS A 22 -16.52 -7.08 7.07
N PRO A 23 -15.74 -6.30 7.87
CA PRO A 23 -15.14 -5.08 7.36
C PRO A 23 -13.94 -5.39 6.45
N TRP A 24 -13.20 -4.36 6.12
CA TRP A 24 -12.04 -4.50 5.25
C TRP A 24 -11.16 -5.59 5.85
N LYS A 25 -10.68 -6.48 4.98
CA LYS A 25 -9.81 -7.56 5.40
C LYS A 25 -8.41 -7.03 5.67
N ALA A 26 -7.89 -7.36 6.84
CA ALA A 26 -6.56 -6.91 7.22
C ALA A 26 -5.54 -7.99 6.86
N ARG A 27 -4.56 -7.60 6.07
CA ARG A 27 -3.52 -8.51 5.63
C ARG A 27 -2.16 -7.82 5.67
N TRP A 28 -1.12 -8.64 5.65
CA TRP A 28 0.24 -8.14 5.68
C TRP A 28 0.69 -7.88 4.24
N PHE A 29 1.00 -6.62 3.96
CA PHE A 29 1.45 -6.23 2.63
C PHE A 29 2.96 -6.01 2.60
N VAL A 30 3.47 -5.85 1.39
CA VAL A 30 4.91 -5.64 1.20
C VAL A 30 5.11 -4.51 0.20
N LEU A 31 6.18 -3.75 0.42
CA LEU A 31 6.51 -2.63 -0.46
C LEU A 31 7.88 -2.87 -1.09
N ASP A 32 7.87 -3.62 -2.18
CA ASP A 32 9.10 -3.93 -2.89
C ASP A 32 9.62 -2.67 -3.57
N LYS A 33 10.93 -2.59 -3.68
CA LYS A 33 11.58 -1.44 -4.30
C LYS A 33 12.44 -1.91 -5.47
N THR A 34 13.14 -3.02 -5.24
CA THR A 34 14.01 -3.59 -6.26
C THR A 34 13.24 -3.76 -7.57
N LYS A 35 12.02 -4.28 -7.44
CA LYS A 35 11.19 -4.50 -8.61
C LYS A 35 9.94 -3.61 -8.51
N HIS A 36 9.89 -2.84 -7.43
CA HIS A 36 8.77 -1.94 -7.22
C HIS A 36 7.45 -2.68 -7.46
N GLN A 37 7.00 -3.35 -6.41
CA GLN A 37 5.76 -4.10 -6.48
C GLN A 37 5.12 -4.22 -5.10
N LEU A 38 3.81 -4.42 -5.10
CA LEU A 38 3.06 -4.55 -3.86
C LEU A 38 2.62 -6.01 -3.69
N ARG A 39 3.33 -6.71 -2.82
CA ARG A 39 3.02 -8.10 -2.55
C ARG A 39 2.39 -8.25 -1.16
N TYR A 40 1.31 -9.00 -1.11
CA TYR A 40 0.62 -9.24 0.14
C TYR A 40 0.42 -10.73 0.40
N TYR A 41 0.76 -11.14 1.62
CA TYR A 41 0.62 -12.54 1.99
C TYR A 41 -0.27 -12.69 3.23
N ASP A 42 -0.63 -13.92 3.51
CA ASP A 42 -1.48 -14.21 4.67
C ASP A 42 -0.61 -14.31 5.91
N HIS A 43 0.57 -14.90 5.73
CA HIS A 43 1.50 -15.07 6.84
C HIS A 43 2.76 -14.26 6.57
N ARG A 44 3.33 -13.74 7.66
CA ARG A 44 4.55 -12.94 7.54
C ARG A 44 5.70 -13.80 7.02
N MET A 45 5.63 -15.09 7.34
CA MET A 45 6.66 -16.01 6.91
C MET A 45 6.11 -16.99 5.86
N ASP A 46 5.93 -16.47 4.66
CA ASP A 46 5.42 -17.28 3.57
C ASP A 46 6.38 -17.19 2.38
N THR A 47 6.52 -18.32 1.69
CA THR A 47 7.40 -18.38 0.53
C THR A 47 6.58 -18.49 -0.76
N GLU A 48 5.45 -17.79 -0.77
CA GLU A 48 4.58 -17.80 -1.92
C GLU A 48 3.87 -16.45 -2.06
N CYS A 49 4.08 -15.82 -3.21
CA CYS A 49 3.47 -14.53 -3.48
C CYS A 49 2.04 -14.77 -3.96
N LYS A 50 1.13 -14.02 -3.36
CA LYS A 50 -0.29 -14.14 -3.72
C LYS A 50 -0.79 -12.80 -4.22
N GLY A 51 -0.69 -12.60 -5.53
CA GLY A 51 -1.13 -11.37 -6.15
C GLY A 51 -0.05 -10.29 -6.06
N VAL A 52 0.24 -9.69 -7.21
CA VAL A 52 1.24 -8.65 -7.27
C VAL A 52 0.63 -7.39 -7.89
N ILE A 53 1.15 -6.25 -7.47
CA ILE A 53 0.67 -4.98 -7.97
C ILE A 53 1.85 -4.14 -8.47
N ASP A 54 2.01 -4.13 -9.78
CA ASP A 54 3.10 -3.39 -10.40
C ASP A 54 3.00 -1.92 -9.99
N LEU A 55 3.78 -1.57 -8.98
CA LEU A 55 3.79 -0.20 -8.47
C LEU A 55 4.15 0.75 -9.62
N ALA A 56 4.80 0.19 -10.63
CA ALA A 56 5.21 0.97 -11.78
C ALA A 56 3.97 1.36 -12.60
N GLU A 57 2.87 0.66 -12.32
CA GLU A 57 1.63 0.92 -13.01
C GLU A 57 0.79 1.96 -12.25
N VAL A 58 1.19 2.19 -11.01
CA VAL A 58 0.49 3.15 -10.18
C VAL A 58 0.57 4.53 -10.81
N GLU A 59 -0.59 5.10 -11.07
CA GLU A 59 -0.66 6.42 -11.68
C GLU A 59 -0.40 7.51 -10.63
N ALA A 60 -0.82 7.21 -9.41
CA ALA A 60 -0.64 8.15 -8.32
C ALA A 60 -1.55 7.76 -7.15
N VAL A 61 -1.17 8.20 -5.96
CA VAL A 61 -1.94 7.91 -4.76
C VAL A 61 -2.43 9.21 -4.13
N ALA A 62 -3.57 9.13 -3.48
CA ALA A 62 -4.16 10.29 -2.84
C ALA A 62 -4.77 9.87 -1.50
N PRO A 63 -4.66 10.79 -0.50
CA PRO A 63 -5.19 10.52 0.83
C PRO A 63 -6.72 10.65 0.83
N GLY A 64 -7.37 9.53 0.55
CA GLY A 64 -8.83 9.51 0.52
C GLY A 64 -9.41 9.56 1.94
N THR A 65 -10.71 9.39 2.01
CA THR A 65 -11.40 9.42 3.30
C THR A 65 -11.84 8.01 3.69
N PRO A 66 -12.07 7.83 5.02
CA PRO A 66 -12.49 6.54 5.55
C PRO A 66 -13.97 6.29 5.23
N THR A 67 -14.19 5.52 4.18
CA THR A 67 -15.54 5.19 3.77
C THR A 67 -16.17 4.17 4.73
N ILE A 68 -17.42 3.83 4.45
CA ILE A 68 -18.13 2.87 5.27
C ILE A 68 -17.55 1.47 5.04
N GLY A 69 -17.27 0.80 6.15
CA GLY A 69 -16.72 -0.54 6.09
C GLY A 69 -15.28 -0.56 6.64
N ALA A 70 -14.53 0.46 6.26
CA ALA A 70 -13.15 0.57 6.70
C ALA A 70 -13.09 0.43 8.23
N PRO A 71 -11.85 0.19 8.73
CA PRO A 71 -11.65 0.03 10.16
C PRO A 71 -11.70 1.38 10.87
N LYS A 72 -12.26 1.36 12.08
CA LYS A 72 -12.39 2.56 12.87
C LYS A 72 -11.01 2.98 13.39
N THR A 73 -10.20 1.97 13.70
CA THR A 73 -8.86 2.22 14.20
C THR A 73 -8.15 3.25 13.35
N VAL A 74 -7.90 2.88 12.10
CA VAL A 74 -7.22 3.77 11.18
C VAL A 74 -7.94 5.12 11.16
N ASP A 75 -7.14 6.17 10.99
CA ASP A 75 -7.69 7.52 10.96
C ASP A 75 -7.74 8.01 9.51
N GLU A 76 -8.65 8.95 9.27
CA GLU A 76 -8.81 9.50 7.93
C GLU A 76 -7.47 9.99 7.39
N LYS A 77 -6.54 10.23 8.30
CA LYS A 77 -5.22 10.69 7.93
C LYS A 77 -4.30 9.49 7.74
N ALA A 78 -4.90 8.39 7.31
CA ALA A 78 -4.16 7.16 7.08
C ALA A 78 -4.82 6.36 5.96
N PHE A 79 -5.60 7.07 5.16
CA PHE A 79 -6.30 6.44 4.04
C PHE A 79 -5.83 7.03 2.71
N PHE A 80 -5.12 6.20 1.95
CA PHE A 80 -4.61 6.62 0.66
C PHE A 80 -5.05 5.65 -0.44
N ASP A 81 -5.64 6.22 -1.48
CA ASP A 81 -6.11 5.42 -2.60
C ASP A 81 -5.00 5.31 -3.65
N VAL A 82 -4.61 4.08 -3.92
CA VAL A 82 -3.56 3.82 -4.88
C VAL A 82 -4.18 3.61 -6.26
N LYS A 83 -3.99 4.61 -7.12
CA LYS A 83 -4.53 4.55 -8.46
C LYS A 83 -3.55 3.80 -9.37
N THR A 84 -4.10 2.83 -10.09
CA THR A 84 -3.29 2.03 -11.00
C THR A 84 -3.97 1.93 -12.38
N THR A 85 -3.40 1.08 -13.21
CA THR A 85 -3.93 0.87 -14.55
C THR A 85 -5.17 -0.02 -14.50
N ARG A 86 -5.06 -1.07 -13.69
CA ARG A 86 -6.16 -2.01 -13.54
C ARG A 86 -7.40 -1.31 -12.98
N ARG A 87 -7.27 -0.88 -11.73
CA ARG A 87 -8.37 -0.19 -11.06
C ARG A 87 -7.84 0.61 -9.87
N VAL A 88 -8.77 1.22 -9.14
CA VAL A 88 -8.42 2.01 -7.99
C VAL A 88 -8.49 1.14 -6.73
N TYR A 89 -7.46 1.26 -5.90
CA TYR A 89 -7.40 0.50 -4.67
C TYR A 89 -7.67 1.39 -3.45
N ASN A 90 -8.03 0.74 -2.36
CA ASN A 90 -8.33 1.44 -1.12
C ASN A 90 -7.51 0.84 0.01
N PHE A 91 -6.33 1.42 0.23
CA PHE A 91 -5.45 0.95 1.29
C PHE A 91 -5.33 1.98 2.40
N CYS A 92 -4.94 1.50 3.58
CA CYS A 92 -4.77 2.38 4.73
C CYS A 92 -3.85 1.68 5.73
N ALA A 93 -2.94 2.48 6.29
CA ALA A 93 -2.00 1.95 7.26
C ALA A 93 -2.69 1.79 8.61
N GLN A 94 -1.94 1.27 9.57
CA GLN A 94 -2.46 1.06 10.90
C GLN A 94 -2.14 2.26 11.80
N ASP A 95 -1.72 3.34 11.17
CA ASP A 95 -1.38 4.55 11.90
C ASP A 95 -1.35 5.73 10.93
N VAL A 96 -1.48 6.92 11.50
CA VAL A 96 -1.48 8.14 10.70
C VAL A 96 -0.07 8.37 10.14
N PRO A 97 0.94 8.25 11.03
CA PRO A 97 2.32 8.43 10.64
C PRO A 97 2.83 7.23 9.84
N SER A 98 2.09 6.14 9.94
CA SER A 98 2.46 4.92 9.25
C SER A 98 2.03 5.00 7.78
N ALA A 99 0.94 5.74 7.55
CA ALA A 99 0.42 5.91 6.21
C ALA A 99 1.37 6.82 5.41
N GLN A 100 1.67 7.96 5.99
CA GLN A 100 2.55 8.91 5.35
C GLN A 100 3.80 8.21 4.81
N GLN A 101 4.29 7.27 5.61
CA GLN A 101 5.48 6.52 5.23
C GLN A 101 5.20 5.69 3.97
N TRP A 102 4.00 5.14 3.93
CA TRP A 102 3.60 4.32 2.79
C TRP A 102 3.57 5.22 1.55
N VAL A 103 2.71 6.24 1.62
CA VAL A 103 2.57 7.18 0.53
C VAL A 103 3.95 7.47 -0.07
N ASP A 104 4.80 8.08 0.77
CA ASP A 104 6.14 8.42 0.34
C ASP A 104 6.74 7.26 -0.44
N ARG A 105 6.95 6.16 0.28
CA ARG A 105 7.52 4.96 -0.33
C ARG A 105 6.94 4.75 -1.73
N ILE A 106 5.66 4.41 -1.76
CA ILE A 106 4.98 4.18 -3.02
C ILE A 106 5.30 5.32 -3.98
N GLN A 107 4.99 6.54 -3.54
CA GLN A 107 5.24 7.72 -4.35
C GLN A 107 6.69 7.74 -4.83
N SER A 108 7.54 7.08 -4.05
CA SER A 108 8.96 7.01 -4.39
C SER A 108 9.19 5.96 -5.47
N CYS A 109 8.22 5.08 -5.61
CA CYS A 109 8.30 4.01 -6.60
C CYS A 109 8.06 4.64 -7.99
N LEU A 110 6.86 5.17 -8.16
CA LEU A 110 6.50 5.78 -9.42
C LEU A 110 7.72 6.46 -10.02
N SER A 111 8.01 7.65 -9.52
CA SER A 111 9.16 8.41 -10.00
C SER A 111 9.91 9.02 -8.82
N SER A 112 9.26 9.97 -8.16
CA SER A 112 9.85 10.63 -7.01
C SER A 112 8.76 11.16 -6.09
N GLY A 113 9.13 11.32 -4.83
CA GLY A 113 8.20 11.81 -3.83
C GLY A 113 8.59 13.21 -3.35
N PRO A 114 7.65 13.84 -2.59
CA PRO A 114 7.88 15.17 -2.07
C PRO A 114 8.87 15.13 -0.88
N SER A 115 10.11 15.49 -1.18
CA SER A 115 11.13 15.50 -0.15
C SER A 115 12.23 16.52 -0.52
N SER A 116 12.79 16.32 -1.71
CA SER A 116 13.85 17.20 -2.18
C SER A 116 13.68 17.44 -3.69
N GLY A 117 13.41 18.69 -4.02
CA GLY A 117 13.23 19.06 -5.41
C GLY A 117 12.16 18.19 -6.08
N GLY A 1 14.95 14.10 -3.82
CA GLY A 1 15.03 12.83 -3.10
C GLY A 1 15.02 13.06 -1.58
N SER A 2 15.56 12.09 -0.86
CA SER A 2 15.62 12.18 0.58
C SER A 2 16.42 11.00 1.15
N SER A 3 15.96 9.80 0.84
CA SER A 3 16.62 8.59 1.30
C SER A 3 16.46 7.48 0.26
N GLY A 4 17.59 7.03 -0.25
CA GLY A 4 17.59 5.97 -1.24
C GLY A 4 18.98 5.34 -1.37
N SER A 5 19.18 4.65 -2.48
CA SER A 5 20.44 3.99 -2.75
C SER A 5 20.72 2.93 -1.68
N SER A 6 19.96 1.84 -1.77
CA SER A 6 20.11 0.75 -0.82
C SER A 6 19.09 -0.35 -1.11
N GLY A 7 19.37 -1.54 -0.61
CA GLY A 7 18.49 -2.67 -0.81
C GLY A 7 17.42 -2.73 0.29
N ARG A 8 16.81 -3.90 0.40
CA ARG A 8 15.77 -4.10 1.40
C ARG A 8 14.53 -3.27 1.07
N SER A 9 13.37 -3.87 1.28
CA SER A 9 12.11 -3.21 1.00
C SER A 9 11.39 -2.89 2.31
N TYR A 10 10.12 -2.56 2.18
CA TYR A 10 9.30 -2.24 3.33
C TYR A 10 8.26 -3.32 3.59
N GLU A 11 7.85 -3.43 4.86
CA GLU A 11 6.86 -4.41 5.24
C GLU A 11 6.11 -3.95 6.49
N GLY A 12 4.79 -3.85 6.35
CA GLY A 12 3.95 -3.43 7.45
C GLY A 12 2.48 -3.76 7.18
N ILE A 13 1.71 -3.75 8.26
CA ILE A 13 0.28 -4.05 8.15
C ILE A 13 -0.37 -3.06 7.20
N LEU A 14 -1.31 -3.56 6.41
CA LEU A 14 -2.01 -2.73 5.45
C LEU A 14 -3.41 -3.31 5.22
N TYR A 15 -4.42 -2.51 5.55
CA TYR A 15 -5.80 -2.92 5.38
C TYR A 15 -6.31 -2.53 3.99
N LYS A 16 -7.32 -3.27 3.55
CA LYS A 16 -7.93 -3.01 2.25
C LYS A 16 -9.45 -3.01 2.39
N LYS A 17 -10.10 -2.30 1.47
CA LYS A 17 -11.54 -2.21 1.48
C LYS A 17 -12.14 -3.58 1.17
N GLY A 18 -13.45 -3.66 1.28
CA GLY A 18 -14.15 -4.91 1.01
C GLY A 18 -15.61 -4.64 0.60
N ALA A 19 -16.36 -4.08 1.54
CA ALA A 19 -17.76 -3.77 1.29
C ALA A 19 -18.58 -5.06 1.38
N PHE A 20 -17.89 -6.14 1.69
CA PHE A 20 -18.54 -7.44 1.81
C PHE A 20 -17.74 -8.38 2.69
N MET A 21 -18.42 -9.39 3.20
CA MET A 21 -17.78 -10.38 4.06
C MET A 21 -16.77 -9.70 5.00
N LYS A 22 -17.28 -9.25 6.14
CA LYS A 22 -16.46 -8.59 7.12
C LYS A 22 -16.01 -7.23 6.59
N PRO A 23 -15.54 -6.36 7.53
CA PRO A 23 -15.09 -5.04 7.16
C PRO A 23 -13.72 -5.09 6.48
N TRP A 24 -13.07 -3.94 6.44
CA TRP A 24 -11.76 -3.84 5.82
C TRP A 24 -10.88 -4.97 6.37
N LYS A 25 -10.42 -5.82 5.46
CA LYS A 25 -9.58 -6.94 5.85
C LYS A 25 -8.16 -6.45 6.08
N ALA A 26 -7.48 -7.08 7.03
CA ALA A 26 -6.12 -6.72 7.36
C ALA A 26 -5.17 -7.82 6.88
N ARG A 27 -4.18 -7.40 6.09
CA ARG A 27 -3.21 -8.33 5.56
C ARG A 27 -1.80 -7.71 5.59
N TRP A 28 -0.81 -8.58 5.53
CA TRP A 28 0.57 -8.13 5.54
C TRP A 28 0.98 -7.80 4.11
N PHE A 29 1.45 -6.57 3.94
CA PHE A 29 1.88 -6.11 2.62
C PHE A 29 3.39 -6.01 2.54
N VAL A 30 3.88 -5.85 1.32
CA VAL A 30 5.32 -5.73 1.10
C VAL A 30 5.57 -4.67 0.03
N LEU A 31 6.39 -3.69 0.39
CA LEU A 31 6.73 -2.61 -0.53
C LEU A 31 8.08 -2.90 -1.17
N ASP A 32 8.02 -3.55 -2.34
CA ASP A 32 9.23 -3.89 -3.06
C ASP A 32 9.75 -2.66 -3.79
N LYS A 33 11.06 -2.64 -3.99
CA LYS A 33 11.70 -1.52 -4.67
C LYS A 33 12.49 -2.04 -5.87
N THR A 34 13.18 -3.15 -5.65
CA THR A 34 13.97 -3.76 -6.70
C THR A 34 13.14 -3.93 -7.97
N LYS A 35 11.85 -4.19 -7.77
CA LYS A 35 10.94 -4.38 -8.88
C LYS A 35 9.70 -3.50 -8.68
N HIS A 36 9.79 -2.65 -7.67
CA HIS A 36 8.68 -1.75 -7.35
C HIS A 36 7.35 -2.49 -7.54
N GLN A 37 6.98 -3.24 -6.51
CA GLN A 37 5.74 -3.99 -6.55
C GLN A 37 5.14 -4.11 -5.15
N LEU A 38 3.90 -4.54 -5.10
CA LEU A 38 3.20 -4.70 -3.83
C LEU A 38 2.82 -6.16 -3.65
N ARG A 39 3.52 -6.81 -2.72
CA ARG A 39 3.27 -8.21 -2.43
C ARG A 39 2.60 -8.35 -1.07
N TYR A 40 1.40 -8.93 -1.09
CA TYR A 40 0.65 -9.14 0.13
C TYR A 40 0.15 -10.58 0.23
N TYR A 41 0.06 -11.07 1.46
CA TYR A 41 -0.40 -12.43 1.70
C TYR A 41 -1.32 -12.48 2.92
N ASP A 42 -2.04 -13.59 3.03
CA ASP A 42 -2.96 -13.78 4.14
C ASP A 42 -2.17 -13.90 5.44
N HIS A 43 -0.91 -14.30 5.30
CA HIS A 43 -0.04 -14.47 6.44
C HIS A 43 1.12 -13.47 6.35
N ARG A 44 1.63 -13.09 7.51
CA ARG A 44 2.73 -12.15 7.58
C ARG A 44 3.83 -12.56 6.60
N MET A 45 4.22 -13.82 6.68
CA MET A 45 5.25 -14.35 5.80
C MET A 45 4.77 -15.58 5.06
N ASP A 46 4.07 -15.33 3.96
CA ASP A 46 3.54 -16.41 3.14
C ASP A 46 4.55 -16.74 2.04
N THR A 47 4.32 -17.88 1.40
CA THR A 47 5.18 -18.34 0.33
C THR A 47 4.57 -18.00 -1.03
N GLU A 48 3.26 -18.15 -1.11
CA GLU A 48 2.54 -17.87 -2.34
C GLU A 48 1.88 -16.50 -2.26
N CYS A 49 2.13 -15.71 -3.30
CA CYS A 49 1.57 -14.37 -3.36
C CYS A 49 0.22 -14.45 -4.08
N LYS A 50 -0.66 -13.53 -3.73
CA LYS A 50 -1.98 -13.48 -4.31
C LYS A 50 -2.19 -12.13 -5.00
N GLY A 51 -1.84 -12.08 -6.28
CA GLY A 51 -1.98 -10.86 -7.04
C GLY A 51 -0.99 -9.80 -6.58
N VAL A 52 -0.18 -9.32 -7.52
CA VAL A 52 0.81 -8.30 -7.20
C VAL A 52 0.33 -6.95 -7.76
N ILE A 53 0.88 -5.89 -7.18
CA ILE A 53 0.52 -4.55 -7.59
C ILE A 53 1.77 -3.84 -8.12
N ASP A 54 1.92 -3.85 -9.43
CA ASP A 54 3.06 -3.21 -10.07
C ASP A 54 3.01 -1.71 -9.80
N LEU A 55 3.83 -1.29 -8.85
CA LEU A 55 3.89 0.11 -8.49
C LEU A 55 4.26 0.94 -9.72
N ALA A 56 4.84 0.26 -10.70
CA ALA A 56 5.26 0.91 -11.93
C ALA A 56 4.02 1.30 -12.73
N GLU A 57 2.94 0.59 -12.47
CA GLU A 57 1.68 0.85 -13.16
C GLU A 57 0.86 1.90 -12.40
N VAL A 58 1.23 2.09 -11.15
CA VAL A 58 0.55 3.06 -10.31
C VAL A 58 0.68 4.45 -10.92
N GLU A 59 -0.47 5.05 -11.20
CA GLU A 59 -0.49 6.38 -11.79
C GLU A 59 -0.26 7.44 -10.71
N ALA A 60 -0.69 7.12 -9.51
CA ALA A 60 -0.54 8.03 -8.39
C ALA A 60 -1.45 7.59 -7.24
N VAL A 61 -1.23 8.18 -6.08
CA VAL A 61 -2.01 7.85 -4.91
C VAL A 61 -2.52 9.15 -4.27
N ALA A 62 -3.60 9.02 -3.51
CA ALA A 62 -4.18 10.16 -2.84
C ALA A 62 -4.80 9.71 -1.51
N PRO A 63 -4.71 10.61 -0.50
CA PRO A 63 -5.25 10.31 0.82
C PRO A 63 -6.78 10.43 0.81
N GLY A 64 -7.42 9.27 0.75
CA GLY A 64 -8.88 9.22 0.74
C GLY A 64 -9.44 9.40 2.15
N THR A 65 -10.73 9.11 2.28
CA THR A 65 -11.40 9.25 3.56
C THR A 65 -11.91 7.89 4.04
N PRO A 66 -12.12 7.79 5.39
CA PRO A 66 -12.60 6.56 5.98
C PRO A 66 -14.10 6.37 5.70
N THR A 67 -14.51 5.11 5.67
CA THR A 67 -15.91 4.78 5.42
C THR A 67 -16.39 3.74 6.42
N ILE A 68 -17.54 3.15 6.10
CA ILE A 68 -18.13 2.14 6.97
C ILE A 68 -17.35 0.83 6.82
N GLY A 69 -17.07 0.22 7.96
CA GLY A 69 -16.33 -1.04 7.98
C GLY A 69 -14.88 -0.80 8.39
N ALA A 70 -14.28 0.21 7.79
CA ALA A 70 -12.89 0.55 8.08
C ALA A 70 -12.68 0.52 9.60
N PRO A 71 -11.40 0.32 10.00
CA PRO A 71 -11.05 0.28 11.41
C PRO A 71 -11.05 1.69 12.02
N LYS A 72 -11.49 1.76 13.26
CA LYS A 72 -11.55 3.04 13.96
C LYS A 72 -10.12 3.50 14.27
N THR A 73 -9.29 2.52 14.63
CA THR A 73 -7.90 2.81 14.96
C THR A 73 -7.34 3.89 14.03
N VAL A 74 -7.16 3.51 12.77
CA VAL A 74 -6.63 4.43 11.78
C VAL A 74 -7.58 5.62 11.64
N ASP A 75 -7.03 6.73 11.16
CA ASP A 75 -7.83 7.93 10.97
C ASP A 75 -7.93 8.24 9.47
N GLU A 76 -8.64 9.31 9.17
CA GLU A 76 -8.83 9.72 7.79
C GLU A 76 -7.49 10.12 7.17
N LYS A 77 -6.66 10.75 7.98
CA LYS A 77 -5.34 11.18 7.52
C LYS A 77 -4.39 9.99 7.50
N ALA A 78 -4.82 8.95 6.78
CA ALA A 78 -4.01 7.75 6.67
C ALA A 78 -4.43 6.98 5.42
N PHE A 79 -5.74 6.87 5.24
CA PHE A 79 -6.28 6.17 4.09
C PHE A 79 -5.79 6.79 2.78
N PHE A 80 -5.10 5.98 2.00
CA PHE A 80 -4.57 6.44 0.72
C PHE A 80 -4.99 5.51 -0.41
N ASP A 81 -5.54 6.12 -1.46
CA ASP A 81 -6.00 5.35 -2.62
C ASP A 81 -4.82 5.16 -3.58
N VAL A 82 -4.72 3.96 -4.12
CA VAL A 82 -3.66 3.64 -5.06
C VAL A 82 -4.26 3.48 -6.46
N LYS A 83 -4.04 4.49 -7.29
CA LYS A 83 -4.55 4.47 -8.64
C LYS A 83 -3.56 3.73 -9.54
N THR A 84 -4.07 2.74 -10.26
CA THR A 84 -3.25 1.96 -11.16
C THR A 84 -3.86 1.92 -12.56
N THR A 85 -3.32 1.04 -13.39
CA THR A 85 -3.80 0.90 -14.75
C THR A 85 -4.99 -0.05 -14.79
N ARG A 86 -4.82 -1.20 -14.13
CA ARG A 86 -5.86 -2.20 -14.08
C ARG A 86 -7.14 -1.62 -13.46
N ARG A 87 -6.94 -0.94 -12.33
CA ARG A 87 -8.06 -0.33 -11.63
C ARG A 87 -7.55 0.58 -10.51
N VAL A 88 -8.38 0.72 -9.48
CA VAL A 88 -8.03 1.56 -8.35
C VAL A 88 -8.09 0.72 -7.07
N TYR A 89 -7.15 0.98 -6.19
CA TYR A 89 -7.08 0.27 -4.93
C TYR A 89 -7.25 1.22 -3.74
N ASN A 90 -7.88 0.72 -2.70
CA ASN A 90 -8.11 1.51 -1.50
C ASN A 90 -7.34 0.90 -0.33
N PHE A 91 -6.18 1.47 -0.06
CA PHE A 91 -5.34 1.00 1.02
C PHE A 91 -5.30 2.01 2.17
N CYS A 92 -4.92 1.51 3.33
CA CYS A 92 -4.82 2.37 4.51
C CYS A 92 -3.97 1.65 5.55
N ALA A 93 -3.14 2.44 6.24
CA ALA A 93 -2.26 1.90 7.26
C ALA A 93 -3.04 1.76 8.58
N GLN A 94 -2.30 1.48 9.63
CA GLN A 94 -2.90 1.33 10.95
C GLN A 94 -2.84 2.65 11.73
N ASP A 95 -1.98 3.54 11.24
CA ASP A 95 -1.81 4.84 11.88
C ASP A 95 -1.82 5.92 10.81
N VAL A 96 -1.90 7.16 11.28
CA VAL A 96 -1.92 8.31 10.38
C VAL A 96 -0.50 8.55 9.85
N PRO A 97 0.47 8.56 10.80
CA PRO A 97 1.87 8.79 10.45
C PRO A 97 2.47 7.55 9.79
N SER A 98 1.79 6.42 9.98
CA SER A 98 2.26 5.17 9.41
C SER A 98 1.88 5.10 7.92
N ALA A 99 0.72 5.66 7.62
CA ALA A 99 0.23 5.68 6.26
C ALA A 99 1.12 6.57 5.39
N GLN A 100 1.34 7.78 5.89
CA GLN A 100 2.18 8.73 5.18
C GLN A 100 3.49 8.07 4.75
N GLN A 101 4.06 7.31 5.67
CA GLN A 101 5.32 6.62 5.40
C GLN A 101 5.14 5.65 4.23
N TRP A 102 3.94 5.09 4.14
CA TRP A 102 3.63 4.14 3.07
C TRP A 102 3.52 4.93 1.76
N VAL A 103 2.55 5.83 1.73
CA VAL A 103 2.32 6.64 0.55
C VAL A 103 3.67 7.19 0.05
N ASP A 104 4.40 7.80 0.97
CA ASP A 104 5.70 8.37 0.64
C ASP A 104 6.53 7.33 -0.12
N ARG A 105 6.47 6.10 0.38
CA ARG A 105 7.21 5.01 -0.23
C ARG A 105 6.67 4.73 -1.63
N ILE A 106 5.38 4.45 -1.69
CA ILE A 106 4.72 4.15 -2.95
C ILE A 106 4.97 5.31 -3.93
N GLN A 107 4.76 6.52 -3.43
CA GLN A 107 4.95 7.71 -4.23
C GLN A 107 6.40 7.80 -4.70
N SER A 108 7.28 7.17 -3.94
CA SER A 108 8.70 7.17 -4.27
C SER A 108 8.97 6.22 -5.44
N CYS A 109 7.92 5.51 -5.83
CA CYS A 109 8.03 4.56 -6.92
C CYS A 109 6.70 4.56 -7.69
N LEU A 110 6.43 5.69 -8.34
CA LEU A 110 5.20 5.83 -9.11
C LEU A 110 5.43 5.29 -10.53
N SER A 111 5.52 6.21 -11.46
CA SER A 111 5.74 5.85 -12.85
C SER A 111 7.23 5.68 -13.12
N SER A 112 7.98 6.72 -12.81
CA SER A 112 9.42 6.71 -13.02
C SER A 112 9.74 6.48 -14.50
N GLY A 113 10.36 7.47 -15.10
CA GLY A 113 10.72 7.40 -16.50
C GLY A 113 10.44 8.73 -17.22
N PRO A 114 10.30 8.63 -18.57
CA PRO A 114 10.03 9.81 -19.37
C PRO A 114 8.58 10.25 -19.22
N SER A 115 8.41 11.56 -19.03
CA SER A 115 7.08 12.12 -18.87
C SER A 115 6.18 11.70 -20.04
N SER A 116 5.06 11.09 -19.69
CA SER A 116 4.12 10.63 -20.69
C SER A 116 3.05 11.71 -20.93
N GLY A 117 2.43 11.63 -22.10
CA GLY A 117 1.40 12.59 -22.47
C GLY A 117 0.31 11.92 -23.30
N GLY A 1 17.39 11.97 3.76
CA GLY A 1 16.78 10.72 4.18
C GLY A 1 17.86 9.72 4.64
N SER A 2 17.39 8.61 5.20
CA SER A 2 18.29 7.58 5.68
C SER A 2 17.60 6.21 5.63
N SER A 3 18.39 5.18 5.84
CA SER A 3 17.87 3.82 5.83
C SER A 3 18.72 2.92 6.71
N GLY A 4 18.14 1.81 7.12
CA GLY A 4 18.84 0.85 7.96
C GLY A 4 17.86 0.01 8.77
N SER A 5 17.20 -0.91 8.09
CA SER A 5 16.24 -1.78 8.73
C SER A 5 15.53 -2.65 7.68
N SER A 6 14.84 -3.66 8.17
CA SER A 6 14.12 -4.57 7.28
C SER A 6 15.04 -5.06 6.17
N GLY A 7 14.48 -5.89 5.29
CA GLY A 7 15.24 -6.44 4.18
C GLY A 7 15.72 -5.32 3.25
N ARG A 8 15.43 -5.50 1.97
CA ARG A 8 15.82 -4.52 0.97
C ARG A 8 14.62 -3.67 0.56
N SER A 9 13.58 -3.75 1.37
CA SER A 9 12.37 -2.99 1.10
C SER A 9 11.69 -2.61 2.42
N TYR A 10 10.46 -2.11 2.29
CA TYR A 10 9.69 -1.71 3.45
C TYR A 10 8.49 -2.62 3.65
N GLU A 11 7.83 -2.45 4.79
CA GLU A 11 6.66 -3.25 5.12
C GLU A 11 5.74 -2.47 6.05
N GLY A 12 4.62 -3.11 6.38
CA GLY A 12 3.65 -2.50 7.27
C GLY A 12 2.24 -3.07 7.02
N ILE A 13 1.37 -2.83 7.98
CA ILE A 13 0.00 -3.31 7.88
C ILE A 13 -0.73 -2.55 6.77
N LEU A 14 -1.52 -3.27 6.01
CA LEU A 14 -2.27 -2.67 4.92
C LEU A 14 -3.56 -3.48 4.68
N TYR A 15 -4.68 -2.79 4.85
CA TYR A 15 -5.98 -3.43 4.65
C TYR A 15 -6.43 -3.33 3.19
N LYS A 16 -7.47 -4.10 2.88
CA LYS A 16 -8.00 -4.12 1.53
C LYS A 16 -9.52 -4.27 1.60
N LYS A 17 -10.20 -3.31 0.98
CA LYS A 17 -11.66 -3.32 0.96
C LYS A 17 -12.14 -4.50 0.11
N GLY A 18 -12.66 -5.51 0.80
CA GLY A 18 -13.15 -6.70 0.13
C GLY A 18 -14.49 -6.41 -0.57
N ALA A 19 -15.49 -6.11 0.24
CA ALA A 19 -16.81 -5.81 -0.29
C ALA A 19 -17.53 -4.86 0.67
N PHE A 20 -18.76 -4.51 0.29
CA PHE A 20 -19.56 -3.61 1.10
C PHE A 20 -20.13 -4.33 2.32
N MET A 21 -20.61 -3.54 3.27
CA MET A 21 -21.18 -4.09 4.49
C MET A 21 -20.10 -4.70 5.37
N LYS A 22 -19.43 -5.71 4.83
CA LYS A 22 -18.37 -6.39 5.56
C LYS A 22 -17.21 -5.42 5.76
N PRO A 23 -16.40 -5.71 6.83
CA PRO A 23 -15.25 -4.88 7.14
C PRO A 23 -14.10 -5.13 6.16
N TRP A 24 -13.14 -4.22 6.17
CA TRP A 24 -11.99 -4.34 5.30
C TRP A 24 -11.09 -5.46 5.83
N LYS A 25 -10.41 -6.13 4.91
CA LYS A 25 -9.52 -7.22 5.28
C LYS A 25 -8.13 -6.66 5.56
N ALA A 26 -7.58 -7.08 6.69
CA ALA A 26 -6.25 -6.63 7.09
C ALA A 26 -5.23 -7.71 6.74
N ARG A 27 -4.23 -7.32 5.98
CA ARG A 27 -3.18 -8.24 5.58
C ARG A 27 -1.81 -7.56 5.65
N TRP A 28 -0.77 -8.38 5.65
CA TRP A 28 0.58 -7.87 5.71
C TRP A 28 1.07 -7.65 4.27
N PHE A 29 1.31 -6.38 3.95
CA PHE A 29 1.77 -6.02 2.63
C PHE A 29 3.30 -5.84 2.61
N VAL A 30 3.82 -5.68 1.41
CA VAL A 30 5.25 -5.49 1.24
C VAL A 30 5.50 -4.44 0.16
N LEU A 31 6.41 -3.53 0.46
CA LEU A 31 6.76 -2.47 -0.49
C LEU A 31 8.12 -2.77 -1.11
N ASP A 32 8.10 -3.60 -2.14
CA ASP A 32 9.32 -3.98 -2.82
C ASP A 32 9.70 -2.88 -3.82
N LYS A 33 10.92 -2.39 -3.69
CA LYS A 33 11.41 -1.34 -4.56
C LYS A 33 12.21 -1.97 -5.71
N THR A 34 12.83 -3.10 -5.41
CA THR A 34 13.62 -3.81 -6.39
C THR A 34 12.71 -4.49 -7.42
N LYS A 35 11.58 -4.98 -6.93
CA LYS A 35 10.62 -5.65 -7.79
C LYS A 35 9.53 -4.66 -8.20
N HIS A 36 9.51 -3.54 -7.50
CA HIS A 36 8.52 -2.50 -7.79
C HIS A 36 7.13 -3.13 -7.84
N GLN A 37 6.83 -3.93 -6.84
CA GLN A 37 5.54 -4.60 -6.77
C GLN A 37 5.02 -4.59 -5.32
N LEU A 38 3.73 -4.82 -5.19
CA LEU A 38 3.11 -4.85 -3.88
C LEU A 38 2.73 -6.29 -3.53
N ARG A 39 3.51 -6.86 -2.62
CA ARG A 39 3.27 -8.23 -2.19
C ARG A 39 2.59 -8.25 -0.82
N TYR A 40 1.44 -8.89 -0.78
CA TYR A 40 0.67 -8.99 0.45
C TYR A 40 0.17 -10.42 0.68
N TYR A 41 0.15 -10.82 1.94
CA TYR A 41 -0.30 -12.14 2.30
C TYR A 41 -1.20 -12.10 3.53
N ASP A 42 -1.93 -13.19 3.74
CA ASP A 42 -2.84 -13.29 4.87
C ASP A 42 -2.11 -12.86 6.14
N HIS A 43 -0.88 -13.33 6.26
CA HIS A 43 -0.07 -13.00 7.42
C HIS A 43 1.26 -12.40 6.98
N ARG A 44 2.14 -12.18 7.94
CA ARG A 44 3.45 -11.61 7.65
C ARG A 44 4.14 -12.40 6.55
N MET A 45 4.28 -13.70 6.79
CA MET A 45 4.92 -14.59 5.83
C MET A 45 4.09 -15.86 5.62
N ASP A 46 3.22 -15.79 4.62
CA ASP A 46 2.36 -16.92 4.29
C ASP A 46 2.94 -17.67 3.09
N THR A 47 4.18 -17.33 2.76
CA THR A 47 4.86 -17.95 1.64
C THR A 47 3.88 -18.17 0.49
N GLU A 48 2.90 -17.29 0.40
CA GLU A 48 1.90 -17.38 -0.65
C GLU A 48 1.32 -15.99 -0.94
N CYS A 49 1.75 -15.44 -2.07
CA CYS A 49 1.29 -14.13 -2.47
C CYS A 49 0.09 -14.31 -3.42
N LYS A 50 -1.00 -13.65 -3.07
CA LYS A 50 -2.20 -13.72 -3.87
C LYS A 50 -2.39 -12.42 -4.66
N GLY A 51 -1.84 -12.42 -5.86
CA GLY A 51 -1.93 -11.25 -6.72
C GLY A 51 -1.07 -10.10 -6.19
N VAL A 52 -0.16 -9.65 -7.02
CA VAL A 52 0.73 -8.56 -6.65
C VAL A 52 0.26 -7.26 -7.31
N ILE A 53 0.92 -6.17 -6.94
CA ILE A 53 0.58 -4.87 -7.48
C ILE A 53 1.83 -4.19 -8.02
N ASP A 54 2.00 -4.28 -9.33
CA ASP A 54 3.15 -3.68 -9.98
C ASP A 54 3.13 -2.17 -9.75
N LEU A 55 4.02 -1.72 -8.87
CA LEU A 55 4.11 -0.31 -8.56
C LEU A 55 4.38 0.47 -9.84
N ALA A 56 4.97 -0.21 -10.80
CA ALA A 56 5.29 0.41 -12.08
C ALA A 56 3.99 0.71 -12.83
N GLU A 57 2.91 0.14 -12.33
CA GLU A 57 1.61 0.35 -12.94
C GLU A 57 0.84 1.45 -12.21
N VAL A 58 1.28 1.73 -10.99
CA VAL A 58 0.65 2.75 -10.18
C VAL A 58 0.93 4.13 -10.79
N GLU A 59 -0.11 4.94 -10.83
CA GLU A 59 0.01 6.28 -11.39
C GLU A 59 0.25 7.30 -10.27
N ALA A 60 -0.28 6.98 -9.09
CA ALA A 60 -0.12 7.85 -7.94
C ALA A 60 -1.10 7.42 -6.86
N VAL A 61 -0.96 8.05 -5.69
CA VAL A 61 -1.82 7.75 -4.56
C VAL A 61 -2.28 9.05 -3.91
N ALA A 62 -3.39 8.96 -3.20
CA ALA A 62 -3.94 10.12 -2.52
C ALA A 62 -4.62 9.67 -1.22
N PRO A 63 -4.51 10.55 -0.19
CA PRO A 63 -5.11 10.25 1.10
C PRO A 63 -6.63 10.44 1.07
N GLY A 64 -7.33 9.44 1.56
CA GLY A 64 -8.79 9.49 1.59
C GLY A 64 -9.31 9.57 3.02
N THR A 65 -10.60 9.34 3.16
CA THR A 65 -11.23 9.39 4.47
C THR A 65 -11.73 8.00 4.87
N PRO A 66 -11.91 7.82 6.21
CA PRO A 66 -12.39 6.55 6.73
C PRO A 66 -13.88 6.36 6.46
N THR A 67 -14.18 5.51 5.50
CA THR A 67 -15.56 5.23 5.14
C THR A 67 -16.15 4.16 6.05
N ILE A 68 -17.37 3.77 5.75
CA ILE A 68 -18.05 2.75 6.53
C ILE A 68 -17.42 1.39 6.25
N GLY A 69 -17.27 0.61 7.31
CA GLY A 69 -16.68 -0.71 7.20
C GLY A 69 -15.24 -0.72 7.69
N ALA A 70 -14.54 0.38 7.40
CA ALA A 70 -13.15 0.51 7.81
C ALA A 70 -13.06 0.31 9.33
N PRO A 71 -11.82 0.00 9.79
CA PRO A 71 -11.57 -0.21 11.20
C PRO A 71 -11.56 1.12 11.96
N LYS A 72 -11.58 1.01 13.28
CA LYS A 72 -11.56 2.19 14.13
C LYS A 72 -10.12 2.51 14.54
N THR A 73 -9.39 1.45 14.84
CA THR A 73 -7.99 1.60 15.25
C THR A 73 -7.31 2.66 14.39
N VAL A 74 -7.32 2.42 13.08
CA VAL A 74 -6.70 3.33 12.15
C VAL A 74 -7.38 4.70 12.24
N ASP A 75 -6.72 5.71 11.69
CA ASP A 75 -7.25 7.06 11.71
C ASP A 75 -7.57 7.49 10.28
N GLU A 76 -8.04 8.73 10.17
CA GLU A 76 -8.40 9.27 8.86
C GLU A 76 -7.14 9.72 8.12
N LYS A 77 -6.14 10.12 8.89
CA LYS A 77 -4.88 10.58 8.32
C LYS A 77 -3.99 9.36 8.05
N ALA A 78 -4.56 8.38 7.38
CA ALA A 78 -3.83 7.17 7.05
C ALA A 78 -4.32 6.64 5.70
N PHE A 79 -5.61 6.37 5.63
CA PHE A 79 -6.20 5.87 4.41
C PHE A 79 -5.62 6.57 3.18
N PHE A 80 -5.25 5.76 2.19
CA PHE A 80 -4.66 6.28 0.98
C PHE A 80 -5.07 5.41 -0.23
N ASP A 81 -5.61 6.09 -1.24
CA ASP A 81 -6.03 5.39 -2.45
C ASP A 81 -4.85 5.31 -3.42
N VAL A 82 -4.72 4.15 -4.05
CA VAL A 82 -3.64 3.92 -5.00
C VAL A 82 -4.23 3.86 -6.41
N LYS A 83 -3.84 4.83 -7.22
CA LYS A 83 -4.31 4.90 -8.59
C LYS A 83 -3.40 4.05 -9.49
N THR A 84 -4.00 3.05 -10.10
CA THR A 84 -3.26 2.16 -10.98
C THR A 84 -3.94 2.06 -12.35
N THR A 85 -3.31 1.33 -13.25
CA THR A 85 -3.85 1.15 -14.59
C THR A 85 -5.10 0.29 -14.54
N ARG A 86 -4.98 -0.85 -13.87
CA ARG A 86 -6.10 -1.77 -13.75
C ARG A 86 -7.31 -1.06 -13.14
N ARG A 87 -7.20 -0.79 -11.85
CA ARG A 87 -8.28 -0.11 -11.13
C ARG A 87 -7.74 0.53 -9.85
N VAL A 88 -8.49 1.49 -9.36
CA VAL A 88 -8.10 2.20 -8.15
C VAL A 88 -8.23 1.25 -6.95
N TYR A 89 -7.23 1.34 -6.08
CA TYR A 89 -7.20 0.50 -4.88
C TYR A 89 -7.36 1.34 -3.62
N ASN A 90 -8.31 0.93 -2.79
CA ASN A 90 -8.58 1.64 -1.55
C ASN A 90 -7.83 0.94 -0.41
N PHE A 91 -6.58 1.34 -0.22
CA PHE A 91 -5.76 0.77 0.82
C PHE A 91 -5.75 1.66 2.08
N CYS A 92 -5.24 1.09 3.16
CA CYS A 92 -5.18 1.82 4.42
C CYS A 92 -4.45 0.95 5.44
N ALA A 93 -3.51 1.57 6.14
CA ALA A 93 -2.74 0.87 7.15
C ALA A 93 -3.52 0.84 8.47
N GLN A 94 -2.78 0.97 9.56
CA GLN A 94 -3.38 0.97 10.88
C GLN A 94 -2.78 2.07 11.74
N ASP A 95 -2.25 3.08 11.08
CA ASP A 95 -1.63 4.20 11.76
C ASP A 95 -1.65 5.43 10.86
N VAL A 96 -1.53 6.59 11.49
CA VAL A 96 -1.52 7.84 10.75
C VAL A 96 -0.17 8.03 10.06
N PRO A 97 0.91 7.79 10.85
CA PRO A 97 2.26 7.93 10.33
C PRO A 97 2.62 6.75 9.43
N SER A 98 2.43 5.55 9.97
CA SER A 98 2.74 4.33 9.23
C SER A 98 2.22 4.46 7.80
N ALA A 99 1.08 5.11 7.68
CA ALA A 99 0.46 5.30 6.37
C ALA A 99 1.30 6.28 5.55
N GLN A 100 1.53 7.45 6.14
CA GLN A 100 2.31 8.47 5.48
C GLN A 100 3.57 7.87 4.86
N GLN A 101 4.16 6.92 5.58
CA GLN A 101 5.35 6.26 5.10
C GLN A 101 5.07 5.50 3.80
N TRP A 102 3.87 4.93 3.74
CA TRP A 102 3.46 4.19 2.57
C TRP A 102 3.37 5.16 1.39
N VAL A 103 2.48 6.12 1.52
CA VAL A 103 2.30 7.11 0.48
C VAL A 103 3.66 7.53 -0.08
N ASP A 104 4.46 8.13 0.79
CA ASP A 104 5.77 8.58 0.39
C ASP A 104 6.46 7.48 -0.43
N ARG A 105 6.65 6.34 0.21
CA ARG A 105 7.28 5.21 -0.45
C ARG A 105 6.71 5.03 -1.86
N ILE A 106 5.47 4.54 -1.90
CA ILE A 106 4.80 4.31 -3.16
C ILE A 106 5.01 5.52 -4.08
N GLN A 107 4.64 6.68 -3.55
CA GLN A 107 4.79 7.91 -4.30
C GLN A 107 6.21 8.06 -4.83
N SER A 108 7.15 7.45 -4.11
CA SER A 108 8.54 7.50 -4.49
C SER A 108 8.78 6.60 -5.71
N CYS A 109 7.83 5.71 -5.94
CA CYS A 109 7.92 4.80 -7.06
C CYS A 109 6.56 4.72 -7.74
N LEU A 110 6.23 5.78 -8.47
CA LEU A 110 4.97 5.85 -9.18
C LEU A 110 5.17 5.41 -10.62
N SER A 111 5.07 6.38 -11.52
CA SER A 111 5.24 6.11 -12.95
C SER A 111 6.69 5.73 -13.24
N SER A 112 7.61 6.55 -12.72
CA SER A 112 9.02 6.30 -12.92
C SER A 112 9.80 6.73 -11.67
N GLY A 113 10.81 5.95 -11.34
CA GLY A 113 11.65 6.24 -10.19
C GLY A 113 13.07 5.73 -10.40
N PRO A 114 14.02 6.34 -9.63
CA PRO A 114 15.42 5.95 -9.72
C PRO A 114 15.67 4.61 -9.03
N SER A 115 15.61 3.55 -9.83
CA SER A 115 15.83 2.21 -9.30
C SER A 115 17.31 1.85 -9.40
N SER A 116 17.98 1.94 -8.25
CA SER A 116 19.40 1.63 -8.19
C SER A 116 19.89 1.70 -6.75
N GLY A 117 20.50 0.61 -6.31
CA GLY A 117 21.02 0.54 -4.95
C GLY A 117 22.22 -0.41 -4.87
N GLY A 1 11.74 12.95 4.10
CA GLY A 1 11.68 11.99 3.01
C GLY A 1 12.42 12.52 1.78
N SER A 2 13.50 11.83 1.42
CA SER A 2 14.28 12.22 0.27
C SER A 2 14.16 11.16 -0.83
N SER A 3 14.80 10.02 -0.59
CA SER A 3 14.75 8.93 -1.55
C SER A 3 15.26 7.65 -0.90
N GLY A 4 16.51 7.70 -0.44
CA GLY A 4 17.12 6.55 0.20
C GLY A 4 18.14 5.89 -0.73
N SER A 5 18.79 4.86 -0.20
CA SER A 5 19.79 4.13 -0.96
C SER A 5 20.42 3.04 -0.09
N SER A 6 19.70 1.92 0.02
CA SER A 6 20.18 0.80 0.81
C SER A 6 19.36 -0.45 0.48
N GLY A 7 20.07 -1.55 0.30
CA GLY A 7 19.43 -2.81 -0.02
C GLY A 7 18.44 -3.21 1.08
N ARG A 8 17.23 -2.68 0.97
CA ARG A 8 16.20 -2.98 1.94
C ARG A 8 14.89 -2.30 1.54
N SER A 9 13.81 -3.06 1.67
CA SER A 9 12.48 -2.55 1.32
C SER A 9 11.71 -2.20 2.59
N TYR A 10 10.39 -2.20 2.46
CA TYR A 10 9.53 -1.89 3.59
C TYR A 10 8.38 -2.89 3.68
N GLU A 11 7.77 -2.92 4.87
CA GLU A 11 6.66 -3.83 5.11
C GLU A 11 5.80 -3.31 6.27
N GLY A 12 4.52 -3.65 6.20
CA GLY A 12 3.59 -3.23 7.23
C GLY A 12 2.16 -3.67 6.88
N ILE A 13 1.30 -3.61 7.89
CA ILE A 13 -0.09 -3.99 7.71
C ILE A 13 -0.77 -3.02 6.75
N LEU A 14 -1.66 -3.57 5.93
CA LEU A 14 -2.37 -2.76 4.96
C LEU A 14 -3.75 -3.39 4.69
N TYR A 15 -4.79 -2.63 4.99
CA TYR A 15 -6.15 -3.10 4.79
C TYR A 15 -6.62 -2.81 3.36
N LYS A 16 -7.59 -3.60 2.92
CA LYS A 16 -8.14 -3.44 1.59
C LYS A 16 -9.64 -3.20 1.69
N LYS A 17 -10.21 -2.75 0.58
CA LYS A 17 -11.65 -2.49 0.52
C LYS A 17 -12.33 -3.55 -0.35
N GLY A 18 -13.60 -3.77 -0.05
CA GLY A 18 -14.37 -4.75 -0.80
C GLY A 18 -13.52 -5.98 -1.14
N ALA A 19 -13.78 -6.53 -2.32
CA ALA A 19 -13.05 -7.70 -2.77
C ALA A 19 -13.69 -8.96 -2.18
N PHE A 20 -14.67 -8.74 -1.31
CA PHE A 20 -15.36 -9.84 -0.68
C PHE A 20 -16.37 -9.32 0.35
N MET A 21 -17.45 -10.08 0.52
CA MET A 21 -18.49 -9.72 1.46
C MET A 21 -17.90 -9.10 2.72
N LYS A 22 -17.02 -9.85 3.35
CA LYS A 22 -16.37 -9.39 4.57
C LYS A 22 -15.96 -7.92 4.41
N PRO A 23 -15.69 -7.28 5.57
CA PRO A 23 -15.30 -5.88 5.57
C PRO A 23 -13.85 -5.72 5.10
N TRP A 24 -13.29 -4.56 5.41
CA TRP A 24 -11.91 -4.27 5.02
C TRP A 24 -11.01 -5.33 5.66
N LYS A 25 -10.54 -6.23 4.82
CA LYS A 25 -9.66 -7.31 5.29
C LYS A 25 -8.27 -6.73 5.57
N ALA A 26 -7.70 -7.18 6.68
CA ALA A 26 -6.38 -6.71 7.07
C ALA A 26 -5.35 -7.82 6.76
N ARG A 27 -4.52 -7.53 5.76
CA ARG A 27 -3.50 -8.48 5.35
C ARG A 27 -2.12 -7.81 5.41
N TRP A 28 -1.10 -8.66 5.41
CA TRP A 28 0.27 -8.17 5.46
C TRP A 28 0.72 -7.86 4.04
N PHE A 29 1.12 -6.62 3.83
CA PHE A 29 1.58 -6.18 2.53
C PHE A 29 3.10 -6.00 2.50
N VAL A 30 3.63 -5.83 1.30
CA VAL A 30 5.06 -5.64 1.13
C VAL A 30 5.30 -4.53 0.11
N LEU A 31 6.21 -3.63 0.46
CA LEU A 31 6.56 -2.52 -0.41
C LEU A 31 8.00 -2.67 -0.88
N ASP A 32 8.17 -3.45 -1.94
CA ASP A 32 9.49 -3.68 -2.50
C ASP A 32 9.94 -2.43 -3.27
N LYS A 33 11.25 -2.19 -3.24
CA LYS A 33 11.81 -1.04 -3.92
C LYS A 33 12.58 -1.53 -5.16
N THR A 34 13.24 -2.66 -5.00
CA THR A 34 14.02 -3.24 -6.08
C THR A 34 13.09 -3.81 -7.15
N LYS A 35 11.92 -4.24 -6.72
CA LYS A 35 10.94 -4.81 -7.62
C LYS A 35 9.80 -3.80 -7.83
N HIS A 36 9.73 -2.85 -6.93
CA HIS A 36 8.70 -1.83 -7.00
C HIS A 36 7.33 -2.48 -7.24
N GLN A 37 7.02 -3.43 -6.36
CA GLN A 37 5.75 -4.13 -6.46
C GLN A 37 5.06 -4.19 -5.09
N LEU A 38 3.81 -4.63 -5.11
CA LEU A 38 3.04 -4.75 -3.89
C LEU A 38 2.65 -6.21 -3.67
N ARG A 39 3.33 -6.85 -2.72
CA ARG A 39 3.06 -8.23 -2.41
C ARG A 39 2.37 -8.34 -1.04
N TYR A 40 1.20 -8.97 -1.06
CA TYR A 40 0.44 -9.15 0.16
C TYR A 40 0.15 -10.63 0.43
N TYR A 41 0.35 -11.03 1.67
CA TYR A 41 0.12 -12.41 2.06
C TYR A 41 -1.10 -12.53 2.99
N ASP A 42 -1.84 -13.62 2.81
CA ASP A 42 -3.02 -13.86 3.61
C ASP A 42 -2.65 -13.80 5.10
N HIS A 43 -1.40 -14.17 5.37
CA HIS A 43 -0.90 -14.17 6.74
C HIS A 43 0.56 -13.71 6.75
N ARG A 44 0.88 -12.88 7.74
CA ARG A 44 2.23 -12.37 7.87
C ARG A 44 3.25 -13.47 7.59
N MET A 45 3.75 -13.46 6.36
CA MET A 45 4.73 -14.46 5.95
C MET A 45 4.06 -15.78 5.60
N ASP A 46 3.26 -15.74 4.54
CA ASP A 46 2.56 -16.93 4.09
C ASP A 46 3.49 -17.76 3.20
N THR A 47 3.08 -19.00 2.98
CA THR A 47 3.86 -19.91 2.16
C THR A 47 4.49 -19.15 0.98
N GLU A 48 3.63 -18.49 0.23
CA GLU A 48 4.09 -17.73 -0.92
C GLU A 48 3.18 -16.52 -1.16
N CYS A 49 3.79 -15.45 -1.67
CA CYS A 49 3.05 -14.23 -1.94
C CYS A 49 1.83 -14.58 -2.80
N LYS A 50 0.72 -13.96 -2.46
CA LYS A 50 -0.52 -14.20 -3.19
C LYS A 50 -1.03 -12.87 -3.77
N GLY A 51 -0.61 -12.60 -4.99
CA GLY A 51 -1.00 -11.38 -5.67
C GLY A 51 0.15 -10.37 -5.70
N VAL A 52 0.14 -9.53 -6.73
CA VAL A 52 1.17 -8.53 -6.88
C VAL A 52 0.56 -7.27 -7.51
N ILE A 53 1.19 -6.14 -7.24
CA ILE A 53 0.72 -4.87 -7.77
C ILE A 53 1.91 -4.06 -8.28
N ASP A 54 2.11 -4.12 -9.59
CA ASP A 54 3.20 -3.40 -10.21
C ASP A 54 3.09 -1.91 -9.88
N LEU A 55 3.94 -1.47 -8.97
CA LEU A 55 3.94 -0.08 -8.55
C LEU A 55 4.19 0.81 -9.77
N ALA A 56 4.85 0.23 -10.76
CA ALA A 56 5.17 0.96 -11.99
C ALA A 56 3.87 1.26 -12.74
N GLU A 57 2.83 0.54 -12.37
CA GLU A 57 1.53 0.71 -13.00
C GLU A 57 0.72 1.77 -12.25
N VAL A 58 1.14 2.04 -11.02
CA VAL A 58 0.46 3.01 -10.19
C VAL A 58 0.60 4.39 -10.82
N GLU A 59 -0.55 5.00 -11.09
CA GLU A 59 -0.59 6.32 -11.69
C GLU A 59 -0.33 7.40 -10.63
N ALA A 60 -0.77 7.10 -9.42
CA ALA A 60 -0.59 8.03 -8.31
C ALA A 60 -1.54 7.64 -7.17
N VAL A 61 -1.22 8.13 -5.98
CA VAL A 61 -2.02 7.85 -4.81
C VAL A 61 -2.46 9.16 -4.16
N ALA A 62 -3.56 9.09 -3.44
CA ALA A 62 -4.09 10.26 -2.77
C ALA A 62 -4.66 9.85 -1.41
N PRO A 63 -4.50 10.77 -0.42
CA PRO A 63 -4.98 10.51 0.93
C PRO A 63 -6.51 10.66 1.00
N GLY A 64 -7.19 9.56 0.71
CA GLY A 64 -8.65 9.57 0.74
C GLY A 64 -9.17 9.60 2.17
N THR A 65 -10.49 9.60 2.29
CA THR A 65 -11.12 9.63 3.59
C THR A 65 -11.70 8.27 3.95
N PRO A 66 -11.85 8.03 5.27
CA PRO A 66 -12.39 6.76 5.75
C PRO A 66 -13.90 6.68 5.53
N THR A 67 -14.26 5.84 4.56
CA THR A 67 -15.66 5.66 4.23
C THR A 67 -16.31 4.66 5.19
N ILE A 68 -17.59 4.41 4.95
CA ILE A 68 -18.34 3.47 5.78
C ILE A 68 -17.82 2.05 5.53
N GLY A 69 -17.58 1.35 6.63
CA GLY A 69 -17.09 -0.02 6.55
C GLY A 69 -15.62 -0.09 6.99
N ALA A 70 -14.88 0.96 6.68
CA ALA A 70 -13.48 1.02 7.05
C ALA A 70 -13.35 0.95 8.56
N PRO A 71 -12.09 0.67 9.02
CA PRO A 71 -11.82 0.57 10.45
C PRO A 71 -11.79 1.96 11.10
N LYS A 72 -12.57 2.09 12.15
CA LYS A 72 -12.64 3.36 12.88
C LYS A 72 -11.29 3.64 13.54
N THR A 73 -10.77 2.63 14.21
CA THR A 73 -9.50 2.76 14.89
C THR A 73 -8.53 3.61 14.06
N VAL A 74 -8.33 3.18 12.82
CA VAL A 74 -7.44 3.90 11.92
C VAL A 74 -7.97 5.31 11.71
N ASP A 75 -7.05 6.22 11.41
CA ASP A 75 -7.40 7.60 11.18
C ASP A 75 -7.38 7.89 9.68
N GLU A 76 -8.16 8.90 9.28
CA GLU A 76 -8.22 9.28 7.89
C GLU A 76 -6.82 9.51 7.32
N LYS A 77 -5.92 9.90 8.21
CA LYS A 77 -4.54 10.14 7.81
C LYS A 77 -3.89 8.82 7.39
N ALA A 78 -4.61 7.74 7.65
CA ALA A 78 -4.11 6.42 7.31
C ALA A 78 -4.97 5.84 6.18
N PHE A 79 -5.44 6.73 5.32
CA PHE A 79 -6.27 6.32 4.20
C PHE A 79 -5.79 6.95 2.90
N PHE A 80 -5.22 6.11 2.05
CA PHE A 80 -4.71 6.57 0.76
C PHE A 80 -5.09 5.62 -0.37
N ASP A 81 -5.68 6.19 -1.41
CA ASP A 81 -6.10 5.39 -2.55
C ASP A 81 -4.93 5.26 -3.53
N VAL A 82 -4.83 4.07 -4.12
CA VAL A 82 -3.77 3.80 -5.07
C VAL A 82 -4.38 3.65 -6.47
N LYS A 83 -4.08 4.62 -7.32
CA LYS A 83 -4.58 4.60 -8.68
C LYS A 83 -3.61 3.83 -9.57
N THR A 84 -4.13 2.79 -10.20
CA THR A 84 -3.32 1.97 -11.08
C THR A 84 -3.99 1.84 -12.45
N THR A 85 -3.46 0.91 -13.25
CA THR A 85 -4.00 0.67 -14.58
C THR A 85 -5.22 -0.25 -14.52
N ARG A 86 -5.08 -1.29 -13.72
CA ARG A 86 -6.16 -2.26 -13.55
C ARG A 86 -7.41 -1.57 -12.99
N ARG A 87 -7.30 -1.12 -11.76
CA ARG A 87 -8.41 -0.44 -11.11
C ARG A 87 -7.90 0.41 -9.95
N VAL A 88 -8.85 0.97 -9.20
CA VAL A 88 -8.51 1.81 -8.06
C VAL A 88 -8.48 0.94 -6.79
N TYR A 89 -7.40 1.10 -6.03
CA TYR A 89 -7.23 0.35 -4.80
C TYR A 89 -7.34 1.26 -3.58
N ASN A 90 -8.23 0.89 -2.67
CA ASN A 90 -8.42 1.66 -1.46
C ASN A 90 -7.70 0.98 -0.29
N PHE A 91 -6.53 1.50 0.03
CA PHE A 91 -5.74 0.96 1.12
C PHE A 91 -5.72 1.91 2.31
N CYS A 92 -5.14 1.43 3.41
CA CYS A 92 -5.04 2.22 4.61
C CYS A 92 -4.17 1.47 5.61
N ALA A 93 -3.23 2.21 6.21
CA ALA A 93 -2.32 1.63 7.18
C ALA A 93 -3.02 1.55 8.54
N GLN A 94 -2.25 1.17 9.54
CA GLN A 94 -2.77 1.05 10.89
C GLN A 94 -2.43 2.29 11.71
N ASP A 95 -1.32 2.92 11.33
CA ASP A 95 -0.88 4.13 12.02
C ASP A 95 -0.99 5.33 11.07
N VAL A 96 -1.14 6.50 11.67
CA VAL A 96 -1.27 7.72 10.90
C VAL A 96 0.09 8.09 10.30
N PRO A 97 1.14 8.00 11.17
CA PRO A 97 2.49 8.33 10.75
C PRO A 97 3.07 7.21 9.88
N SER A 98 2.41 6.06 9.94
CA SER A 98 2.85 4.92 9.16
C SER A 98 2.39 5.05 7.71
N ALA A 99 1.22 5.64 7.55
CA ALA A 99 0.65 5.83 6.22
C ALA A 99 1.54 6.79 5.44
N GLN A 100 1.77 7.96 6.03
CA GLN A 100 2.59 8.97 5.39
C GLN A 100 3.85 8.34 4.79
N GLN A 101 4.38 7.36 5.52
CA GLN A 101 5.57 6.66 5.07
C GLN A 101 5.24 5.74 3.89
N TRP A 102 4.07 5.15 3.95
CA TRP A 102 3.62 4.25 2.90
C TRP A 102 3.49 5.06 1.62
N VAL A 103 2.79 6.17 1.71
CA VAL A 103 2.58 7.04 0.57
C VAL A 103 3.95 7.43 -0.02
N ASP A 104 4.72 8.14 0.78
CA ASP A 104 6.04 8.57 0.36
C ASP A 104 6.74 7.43 -0.37
N ARG A 105 6.60 6.24 0.19
CA ARG A 105 7.21 5.06 -0.39
C ARG A 105 6.66 4.82 -1.80
N ILE A 106 5.38 4.51 -1.85
CA ILE A 106 4.72 4.25 -3.12
C ILE A 106 4.98 5.43 -4.07
N GLN A 107 4.77 6.63 -3.54
CA GLN A 107 4.97 7.83 -4.33
C GLN A 107 6.44 7.94 -4.76
N SER A 108 7.31 7.45 -3.91
CA SER A 108 8.74 7.48 -4.18
C SER A 108 9.08 6.53 -5.33
N CYS A 109 8.07 5.76 -5.73
CA CYS A 109 8.24 4.81 -6.81
C CYS A 109 7.61 5.40 -8.07
N LEU A 110 6.32 5.13 -8.23
CA LEU A 110 5.59 5.63 -9.39
C LEU A 110 6.52 5.63 -10.60
N SER A 111 6.45 4.53 -11.35
CA SER A 111 7.27 4.39 -12.54
C SER A 111 8.76 4.39 -12.16
N SER A 112 9.45 3.35 -12.60
CA SER A 112 10.87 3.22 -12.31
C SER A 112 11.43 1.97 -13.00
N GLY A 113 12.74 1.89 -13.04
CA GLY A 113 13.41 0.75 -13.65
C GLY A 113 14.75 1.17 -14.25
N PRO A 114 15.52 0.15 -14.71
CA PRO A 114 16.82 0.39 -15.31
C PRO A 114 16.67 0.95 -16.73
N SER A 115 16.48 2.26 -16.80
CA SER A 115 16.32 2.93 -18.08
C SER A 115 17.41 3.98 -18.26
N SER A 116 18.38 3.65 -19.10
CA SER A 116 19.48 4.55 -19.37
C SER A 116 18.95 5.89 -19.89
N GLY A 117 18.19 5.80 -20.98
CA GLY A 117 17.62 6.98 -21.59
C GLY A 117 16.66 6.62 -22.73
N GLY A 1 12.22 15.67 11.30
CA GLY A 1 11.82 14.50 12.06
C GLY A 1 10.45 14.00 11.61
N SER A 2 10.46 12.90 10.88
CA SER A 2 9.22 12.31 10.38
C SER A 2 9.46 10.86 9.98
N SER A 3 10.42 10.66 9.09
CA SER A 3 10.76 9.33 8.62
C SER A 3 11.91 8.76 9.45
N GLY A 4 11.66 7.59 10.02
CA GLY A 4 12.66 6.93 10.85
C GLY A 4 12.53 5.40 10.74
N SER A 5 12.78 4.89 9.55
CA SER A 5 12.69 3.46 9.31
C SER A 5 13.03 3.15 7.86
N SER A 6 14.19 2.53 7.67
CA SER A 6 14.63 2.17 6.34
C SER A 6 15.61 0.99 6.42
N GLY A 7 15.33 -0.03 5.62
CA GLY A 7 16.17 -1.21 5.59
C GLY A 7 15.74 -2.16 4.48
N ARG A 8 16.04 -1.76 3.25
CA ARG A 8 15.70 -2.56 2.09
C ARG A 8 14.19 -2.83 2.05
N SER A 9 13.50 -1.99 1.29
CA SER A 9 12.05 -2.12 1.16
C SER A 9 11.39 -2.01 2.54
N TYR A 10 10.11 -1.67 2.53
CA TYR A 10 9.37 -1.53 3.76
C TYR A 10 8.31 -2.64 3.89
N GLU A 11 7.81 -2.78 5.11
CA GLU A 11 6.81 -3.80 5.38
C GLU A 11 5.98 -3.41 6.61
N GLY A 12 4.67 -3.40 6.42
CA GLY A 12 3.76 -3.04 7.50
C GLY A 12 2.35 -3.55 7.21
N ILE A 13 1.47 -3.33 8.17
CA ILE A 13 0.08 -3.75 8.04
C ILE A 13 -0.63 -2.85 7.03
N LEU A 14 -1.49 -3.46 6.24
CA LEU A 14 -2.25 -2.72 5.24
C LEU A 14 -3.58 -3.42 4.99
N TYR A 15 -4.65 -2.70 5.25
CA TYR A 15 -5.99 -3.23 5.06
C TYR A 15 -6.46 -3.03 3.62
N LYS A 16 -7.37 -3.90 3.19
CA LYS A 16 -7.91 -3.83 1.85
C LYS A 16 -9.43 -3.78 1.91
N LYS A 17 -9.99 -2.79 1.23
CA LYS A 17 -11.43 -2.62 1.20
C LYS A 17 -12.07 -3.81 0.49
N GLY A 18 -13.05 -4.41 1.17
CA GLY A 18 -13.74 -5.55 0.61
C GLY A 18 -15.25 -5.30 0.54
N ALA A 19 -15.77 -5.37 -0.68
CA ALA A 19 -17.19 -5.15 -0.90
C ALA A 19 -17.57 -3.76 -0.38
N PHE A 20 -18.88 -3.53 -0.32
CA PHE A 20 -19.39 -2.25 0.15
C PHE A 20 -20.10 -2.41 1.50
N MET A 21 -20.15 -1.31 2.23
CA MET A 21 -20.80 -1.32 3.54
C MET A 21 -20.34 -2.52 4.37
N LYS A 22 -19.17 -3.03 4.03
CA LYS A 22 -18.62 -4.18 4.72
C LYS A 22 -17.31 -3.78 5.41
N PRO A 23 -16.92 -4.59 6.43
CA PRO A 23 -15.70 -4.33 7.16
C PRO A 23 -14.47 -4.71 6.34
N TRP A 24 -13.53 -3.78 6.25
CA TRP A 24 -12.31 -4.00 5.49
C TRP A 24 -11.56 -5.15 6.16
N LYS A 25 -10.69 -5.79 5.38
CA LYS A 25 -9.90 -6.90 5.88
C LYS A 25 -8.46 -6.43 6.12
N ALA A 26 -7.87 -6.95 7.17
CA ALA A 26 -6.49 -6.60 7.52
C ALA A 26 -5.54 -7.67 6.97
N ARG A 27 -4.58 -7.21 6.19
CA ARG A 27 -3.60 -8.12 5.61
C ARG A 27 -2.20 -7.51 5.69
N TRP A 28 -1.20 -8.37 5.58
CA TRP A 28 0.18 -7.94 5.64
C TRP A 28 0.68 -7.75 4.22
N PHE A 29 1.06 -6.50 3.93
CA PHE A 29 1.56 -6.16 2.61
C PHE A 29 3.08 -6.01 2.61
N VAL A 30 3.63 -5.92 1.41
CA VAL A 30 5.08 -5.78 1.27
C VAL A 30 5.37 -4.73 0.20
N LEU A 31 6.09 -3.69 0.61
CA LEU A 31 6.45 -2.61 -0.29
C LEU A 31 7.86 -2.86 -0.83
N ASP A 32 7.92 -3.69 -1.87
CA ASP A 32 9.20 -4.01 -2.48
C ASP A 32 9.62 -2.87 -3.41
N LYS A 33 10.84 -2.40 -3.22
CA LYS A 33 11.37 -1.32 -4.03
C LYS A 33 12.18 -1.90 -5.18
N THR A 34 12.81 -3.04 -4.91
CA THR A 34 13.63 -3.70 -5.92
C THR A 34 12.74 -4.24 -7.05
N LYS A 35 11.57 -4.74 -6.65
CA LYS A 35 10.64 -5.29 -7.61
C LYS A 35 9.58 -4.24 -7.94
N HIS A 36 9.63 -3.13 -7.20
CA HIS A 36 8.68 -2.06 -7.39
C HIS A 36 7.28 -2.63 -7.55
N GLN A 37 6.97 -3.60 -6.70
CA GLN A 37 5.66 -4.24 -6.74
C GLN A 37 5.07 -4.31 -5.32
N LEU A 38 3.81 -4.72 -5.27
CA LEU A 38 3.12 -4.83 -4.00
C LEU A 38 2.77 -6.30 -3.74
N ARG A 39 3.51 -6.89 -2.81
CA ARG A 39 3.29 -8.29 -2.46
C ARG A 39 2.51 -8.39 -1.15
N TYR A 40 1.35 -9.02 -1.24
CA TYR A 40 0.50 -9.19 -0.07
C TYR A 40 0.01 -10.64 0.04
N TYR A 41 0.01 -11.14 1.26
CA TYR A 41 -0.44 -12.50 1.52
C TYR A 41 -1.43 -12.54 2.67
N ASP A 42 -2.04 -13.71 2.84
CA ASP A 42 -3.02 -13.89 3.91
C ASP A 42 -2.29 -13.94 5.25
N HIS A 43 -1.01 -14.26 5.19
CA HIS A 43 -0.20 -14.34 6.38
C HIS A 43 0.81 -13.18 6.40
N ARG A 44 1.63 -13.16 7.45
CA ARG A 44 2.63 -12.13 7.58
C ARG A 44 3.77 -12.34 6.58
N MET A 45 4.17 -13.60 6.45
CA MET A 45 5.24 -13.95 5.54
C MET A 45 4.69 -14.65 4.29
N ASP A 46 4.17 -15.85 4.51
CA ASP A 46 3.61 -16.63 3.42
C ASP A 46 4.68 -16.86 2.35
N THR A 47 4.44 -17.86 1.52
CA THR A 47 5.38 -18.19 0.46
C THR A 47 4.74 -17.94 -0.91
N GLU A 48 3.41 -18.04 -0.94
CA GLU A 48 2.68 -17.83 -2.17
C GLU A 48 1.92 -16.50 -2.12
N CYS A 49 2.30 -15.61 -3.01
CA CYS A 49 1.68 -14.30 -3.08
C CYS A 49 0.43 -14.41 -3.96
N LYS A 50 -0.52 -13.53 -3.70
CA LYS A 50 -1.76 -13.51 -4.45
C LYS A 50 -1.83 -12.24 -5.29
N GLY A 51 -1.31 -12.35 -6.51
CA GLY A 51 -1.30 -11.21 -7.42
C GLY A 51 -0.51 -10.04 -6.84
N VAL A 52 0.47 -9.59 -7.60
CA VAL A 52 1.31 -8.48 -7.18
C VAL A 52 0.83 -7.20 -7.86
N ILE A 53 1.13 -6.08 -7.22
CA ILE A 53 0.75 -4.78 -7.75
C ILE A 53 1.99 -4.03 -8.22
N ASP A 54 2.23 -4.10 -9.52
CA ASP A 54 3.39 -3.44 -10.11
C ASP A 54 3.26 -1.93 -9.89
N LEU A 55 4.08 -1.43 -8.96
CA LEU A 55 4.07 -0.01 -8.64
C LEU A 55 4.37 0.79 -9.90
N ALA A 56 4.97 0.11 -10.87
CA ALA A 56 5.33 0.74 -12.13
C ALA A 56 4.05 1.13 -12.88
N GLU A 57 2.95 0.49 -12.48
CA GLU A 57 1.67 0.76 -13.10
C GLU A 57 0.93 1.86 -12.33
N VAL A 58 1.30 2.02 -11.08
CA VAL A 58 0.70 3.04 -10.24
C VAL A 58 0.89 4.41 -10.88
N GLU A 59 -0.22 5.12 -11.03
CA GLU A 59 -0.18 6.44 -11.63
C GLU A 59 -0.06 7.51 -10.54
N ALA A 60 -0.60 7.18 -9.37
CA ALA A 60 -0.54 8.10 -8.24
C ALA A 60 -1.45 7.58 -7.12
N VAL A 61 -1.44 8.30 -6.01
CA VAL A 61 -2.26 7.92 -4.87
C VAL A 61 -2.99 9.16 -4.34
N ALA A 62 -4.11 8.90 -3.67
CA ALA A 62 -4.91 9.97 -3.12
C ALA A 62 -5.54 9.50 -1.80
N PRO A 63 -5.68 10.46 -0.85
CA PRO A 63 -6.27 10.16 0.45
C PRO A 63 -7.78 10.00 0.33
N GLY A 64 -8.25 8.81 0.68
CA GLY A 64 -9.68 8.53 0.63
C GLY A 64 -10.26 8.37 2.03
N THR A 65 -10.86 9.45 2.52
CA THR A 65 -11.46 9.45 3.85
C THR A 65 -12.11 8.10 4.13
N PRO A 66 -12.23 7.79 5.44
CA PRO A 66 -12.83 6.53 5.87
C PRO A 66 -14.35 6.58 5.70
N THR A 67 -14.91 5.42 5.38
CA THR A 67 -16.35 5.31 5.19
C THR A 67 -16.97 4.44 6.29
N ILE A 68 -18.23 4.09 6.08
CA ILE A 68 -18.94 3.25 7.03
C ILE A 68 -18.48 1.80 6.89
N GLY A 69 -17.88 1.30 7.95
CA GLY A 69 -17.40 -0.08 7.96
C GLY A 69 -15.88 -0.12 8.14
N ALA A 70 -15.23 0.93 7.67
CA ALA A 70 -13.78 1.03 7.77
C ALA A 70 -13.37 0.73 9.22
N PRO A 71 -12.03 0.49 9.39
CA PRO A 71 -11.50 0.19 10.70
C PRO A 71 -11.40 1.45 11.57
N LYS A 72 -11.91 1.33 12.78
CA LYS A 72 -11.91 2.45 13.71
C LYS A 72 -10.46 2.81 14.04
N THR A 73 -9.72 1.81 14.50
CA THR A 73 -8.33 2.01 14.87
C THR A 73 -7.66 3.00 13.90
N VAL A 74 -7.77 2.68 12.62
CA VAL A 74 -7.18 3.52 11.59
C VAL A 74 -7.84 4.90 11.63
N ASP A 75 -7.05 5.91 11.32
CA ASP A 75 -7.55 7.28 11.32
C ASP A 75 -7.65 7.77 9.87
N GLU A 76 -8.51 8.76 9.67
CA GLU A 76 -8.71 9.33 8.36
C GLU A 76 -7.40 9.87 7.80
N LYS A 77 -6.44 10.07 8.70
CA LYS A 77 -5.14 10.57 8.32
C LYS A 77 -4.20 9.40 8.04
N ALA A 78 -4.79 8.29 7.60
CA ALA A 78 -4.03 7.10 7.29
C ALA A 78 -4.71 6.34 6.14
N PHE A 79 -5.53 7.07 5.40
CA PHE A 79 -6.23 6.48 4.28
C PHE A 79 -5.71 7.02 2.95
N PHE A 80 -5.18 6.11 2.15
CA PHE A 80 -4.63 6.47 0.85
C PHE A 80 -4.98 5.42 -0.21
N ASP A 81 -5.44 5.90 -1.35
CA ASP A 81 -5.80 5.02 -2.45
C ASP A 81 -4.67 4.99 -3.47
N VAL A 82 -4.52 3.83 -4.10
CA VAL A 82 -3.48 3.65 -5.10
C VAL A 82 -4.11 3.60 -6.49
N LYS A 83 -3.81 4.63 -7.28
CA LYS A 83 -4.35 4.71 -8.63
C LYS A 83 -3.43 3.96 -9.59
N THR A 84 -3.90 2.82 -10.04
CA THR A 84 -3.14 2.00 -10.96
C THR A 84 -3.83 1.91 -12.32
N THR A 85 -3.24 1.14 -13.22
CA THR A 85 -3.79 0.97 -14.55
C THR A 85 -5.01 0.04 -14.50
N ARG A 86 -4.83 -1.08 -13.82
CA ARG A 86 -5.89 -2.07 -13.70
C ARG A 86 -7.13 -1.42 -13.09
N ARG A 87 -7.00 -0.99 -11.85
CA ARG A 87 -8.10 -0.35 -11.14
C ARG A 87 -7.59 0.33 -9.87
N VAL A 88 -8.42 1.22 -9.35
CA VAL A 88 -8.07 1.94 -8.13
C VAL A 88 -8.20 1.00 -6.93
N TYR A 89 -7.25 1.12 -6.02
CA TYR A 89 -7.25 0.30 -4.82
C TYR A 89 -7.42 1.15 -3.56
N ASN A 90 -7.83 0.48 -2.49
CA ASN A 90 -8.04 1.17 -1.23
C ASN A 90 -7.15 0.52 -0.15
N PHE A 91 -6.24 1.33 0.37
CA PHE A 91 -5.32 0.85 1.40
C PHE A 91 -5.18 1.89 2.52
N CYS A 92 -4.74 1.39 3.67
CA CYS A 92 -4.55 2.26 4.83
C CYS A 92 -3.66 1.54 5.83
N ALA A 93 -2.82 2.32 6.48
CA ALA A 93 -1.90 1.77 7.48
C ALA A 93 -2.59 1.70 8.83
N GLN A 94 -1.86 1.19 9.81
CA GLN A 94 -2.39 1.06 11.16
C GLN A 94 -1.96 2.26 12.01
N ASP A 95 -1.63 3.34 11.33
CA ASP A 95 -1.19 4.55 12.01
C ASP A 95 -1.21 5.73 11.03
N VAL A 96 -1.16 6.93 11.59
CA VAL A 96 -1.17 8.13 10.77
C VAL A 96 0.21 8.32 10.14
N PRO A 97 1.26 8.17 10.99
CA PRO A 97 2.63 8.33 10.52
C PRO A 97 3.07 7.11 9.70
N SER A 98 2.31 6.03 9.85
CA SER A 98 2.62 4.81 9.15
C SER A 98 2.12 4.89 7.71
N ALA A 99 0.99 5.55 7.54
CA ALA A 99 0.40 5.73 6.22
C ALA A 99 1.29 6.65 5.39
N GLN A 100 1.56 7.81 5.95
CA GLN A 100 2.39 8.79 5.27
C GLN A 100 3.62 8.11 4.66
N GLN A 101 4.21 7.23 5.45
CA GLN A 101 5.39 6.50 5.01
C GLN A 101 5.04 5.60 3.82
N TRP A 102 3.83 5.07 3.85
CA TRP A 102 3.37 4.18 2.80
C TRP A 102 3.24 5.01 1.52
N VAL A 103 2.47 6.09 1.62
CA VAL A 103 2.26 6.97 0.49
C VAL A 103 3.61 7.39 -0.09
N ASP A 104 4.37 8.11 0.72
CA ASP A 104 5.68 8.57 0.30
C ASP A 104 6.40 7.46 -0.45
N ARG A 105 6.42 6.29 0.16
CA ARG A 105 7.06 5.13 -0.44
C ARG A 105 6.54 4.91 -1.86
N ILE A 106 5.27 4.53 -1.94
CA ILE A 106 4.64 4.29 -3.23
C ILE A 106 4.87 5.50 -4.14
N GLN A 107 4.68 6.68 -3.57
CA GLN A 107 4.85 7.91 -4.31
C GLN A 107 6.31 8.05 -4.76
N SER A 108 7.19 7.39 -4.02
CA SER A 108 8.62 7.43 -4.33
C SER A 108 8.91 6.52 -5.52
N CYS A 109 7.90 5.80 -5.95
CA CYS A 109 8.05 4.90 -7.07
C CYS A 109 6.74 4.91 -7.87
N LEU A 110 6.48 6.05 -8.50
CA LEU A 110 5.27 6.21 -9.30
C LEU A 110 5.58 5.85 -10.75
N SER A 111 5.62 6.88 -11.59
CA SER A 111 5.89 6.67 -13.01
C SER A 111 4.82 5.80 -13.63
N SER A 112 4.90 5.67 -14.95
CA SER A 112 3.94 4.86 -15.69
C SER A 112 4.61 4.27 -16.93
N GLY A 113 3.92 3.29 -17.51
CA GLY A 113 4.43 2.63 -18.70
C GLY A 113 3.98 3.36 -19.97
N PRO A 114 4.37 2.79 -21.13
CA PRO A 114 4.02 3.38 -22.42
C PRO A 114 2.55 3.14 -22.75
N SER A 115 2.15 1.88 -22.62
CA SER A 115 0.77 1.51 -22.90
C SER A 115 -0.10 1.76 -21.67
N SER A 116 -1.00 2.71 -21.81
CA SER A 116 -1.90 3.06 -20.73
C SER A 116 -3.35 2.94 -21.19
N GLY A 117 -4.22 2.63 -20.23
CA GLY A 117 -5.64 2.47 -20.53
C GLY A 117 -6.50 3.24 -19.52
N GLY A 1 16.47 11.83 7.71
CA GLY A 1 17.56 10.94 7.38
C GLY A 1 17.16 9.47 7.59
N SER A 2 16.62 8.88 6.53
CA SER A 2 16.19 7.50 6.58
C SER A 2 17.38 6.58 6.33
N SER A 3 17.45 5.53 7.13
CA SER A 3 18.53 4.55 6.99
C SER A 3 18.12 3.45 6.02
N GLY A 4 19.04 3.12 5.13
CA GLY A 4 18.80 2.09 4.14
C GLY A 4 19.98 1.94 3.18
N SER A 5 20.78 0.92 3.44
CA SER A 5 21.95 0.67 2.61
C SER A 5 22.00 -0.81 2.21
N SER A 6 21.08 -1.17 1.33
CA SER A 6 21.00 -2.55 0.86
C SER A 6 20.67 -3.49 2.03
N GLY A 7 19.52 -4.13 1.92
CA GLY A 7 19.08 -5.05 2.95
C GLY A 7 17.73 -5.68 2.59
N ARG A 8 16.67 -4.91 2.80
CA ARG A 8 15.33 -5.39 2.51
C ARG A 8 14.39 -4.19 2.29
N SER A 9 13.30 -4.47 1.61
CA SER A 9 12.31 -3.44 1.32
C SER A 9 11.61 -3.02 2.62
N TYR A 10 10.38 -2.55 2.47
CA TYR A 10 9.59 -2.12 3.61
C TYR A 10 8.37 -3.03 3.81
N GLU A 11 7.71 -2.81 4.95
CA GLU A 11 6.54 -3.60 5.28
C GLU A 11 5.59 -2.79 6.15
N GLY A 12 4.53 -3.46 6.59
CA GLY A 12 3.54 -2.81 7.44
C GLY A 12 2.12 -3.26 7.07
N ILE A 13 1.29 -3.36 8.09
CA ILE A 13 -0.09 -3.78 7.90
C ILE A 13 -0.76 -2.87 6.86
N LEU A 14 -1.58 -3.48 6.03
CA LEU A 14 -2.28 -2.73 4.99
C LEU A 14 -3.61 -3.43 4.69
N TYR A 15 -4.69 -2.69 4.91
CA TYR A 15 -6.02 -3.22 4.68
C TYR A 15 -6.47 -2.95 3.23
N LYS A 16 -7.20 -3.91 2.68
CA LYS A 16 -7.70 -3.78 1.32
C LYS A 16 -9.20 -4.04 1.30
N LYS A 17 -9.95 -3.01 0.94
CA LYS A 17 -11.40 -3.12 0.88
C LYS A 17 -11.78 -4.31 -0.02
N GLY A 18 -12.51 -5.24 0.57
CA GLY A 18 -12.95 -6.42 -0.15
C GLY A 18 -14.47 -6.45 -0.30
N ALA A 19 -14.95 -7.51 -0.92
CA ALA A 19 -16.38 -7.67 -1.13
C ALA A 19 -17.00 -8.35 0.09
N PHE A 20 -18.26 -8.73 -0.05
CA PHE A 20 -18.97 -9.39 1.02
C PHE A 20 -18.04 -10.31 1.81
N MET A 21 -17.60 -9.81 2.97
CA MET A 21 -16.72 -10.57 3.82
C MET A 21 -16.02 -9.67 4.84
N LYS A 22 -16.75 -9.35 5.89
CA LYS A 22 -16.22 -8.49 6.94
C LYS A 22 -15.77 -7.16 6.33
N PRO A 23 -15.57 -6.15 7.22
CA PRO A 23 -15.14 -4.83 6.78
C PRO A 23 -13.66 -4.85 6.40
N TRP A 24 -13.41 -4.69 5.10
CA TRP A 24 -12.06 -4.69 4.59
C TRP A 24 -11.36 -5.98 5.04
N LYS A 25 -10.19 -6.21 4.49
CA LYS A 25 -9.42 -7.39 4.83
C LYS A 25 -8.00 -6.98 5.21
N ALA A 26 -7.71 -7.11 6.50
CA ALA A 26 -6.40 -6.75 7.02
C ALA A 26 -5.40 -7.84 6.64
N ARG A 27 -4.45 -7.48 5.79
CA ARG A 27 -3.43 -8.42 5.35
C ARG A 27 -2.04 -7.78 5.45
N TRP A 28 -1.03 -8.63 5.42
CA TRP A 28 0.34 -8.17 5.49
C TRP A 28 0.82 -7.88 4.07
N PHE A 29 1.20 -6.63 3.85
CA PHE A 29 1.68 -6.21 2.55
C PHE A 29 3.20 -6.04 2.55
N VAL A 30 3.75 -5.84 1.37
CA VAL A 30 5.18 -5.66 1.22
C VAL A 30 5.45 -4.59 0.16
N LEU A 31 6.21 -3.57 0.56
CA LEU A 31 6.55 -2.49 -0.33
C LEU A 31 7.95 -2.72 -0.91
N ASP A 32 8.00 -3.52 -1.96
CA ASP A 32 9.26 -3.83 -2.61
C ASP A 32 9.63 -2.70 -3.58
N LYS A 33 10.86 -2.22 -3.42
CA LYS A 33 11.34 -1.13 -4.26
C LYS A 33 12.16 -1.73 -5.41
N THR A 34 12.77 -2.86 -5.13
CA THR A 34 13.60 -3.54 -6.13
C THR A 34 12.71 -4.14 -7.21
N LYS A 35 11.57 -4.66 -6.79
CA LYS A 35 10.64 -5.28 -7.71
C LYS A 35 9.60 -4.24 -8.14
N HIS A 36 9.36 -3.28 -7.25
CA HIS A 36 8.40 -2.23 -7.53
C HIS A 36 6.99 -2.83 -7.63
N GLN A 37 6.73 -3.80 -6.76
CA GLN A 37 5.44 -4.46 -6.75
C GLN A 37 4.91 -4.54 -5.32
N LEU A 38 3.61 -4.80 -5.21
CA LEU A 38 2.97 -4.92 -3.91
C LEU A 38 2.65 -6.38 -3.62
N ARG A 39 3.43 -6.95 -2.70
CA ARG A 39 3.25 -8.34 -2.33
C ARG A 39 2.60 -8.44 -0.95
N TYR A 40 1.56 -9.25 -0.88
CA TYR A 40 0.86 -9.45 0.38
C TYR A 40 0.39 -10.90 0.54
N TYR A 41 0.50 -11.39 1.76
CA TYR A 41 0.11 -12.76 2.05
C TYR A 41 -0.94 -12.80 3.17
N ASP A 42 -1.68 -13.89 3.21
CA ASP A 42 -2.71 -14.07 4.22
C ASP A 42 -2.07 -14.00 5.61
N HIS A 43 -0.81 -14.39 5.66
CA HIS A 43 -0.08 -14.37 6.92
C HIS A 43 1.38 -13.99 6.67
N ARG A 44 2.04 -13.55 7.72
CA ARG A 44 3.43 -13.16 7.63
C ARG A 44 4.27 -14.31 7.08
N MET A 45 4.68 -14.16 5.82
CA MET A 45 5.49 -15.17 5.16
C MET A 45 4.68 -16.45 4.93
N ASP A 46 3.80 -16.38 3.95
CA ASP A 46 2.95 -17.52 3.62
C ASP A 46 3.63 -18.34 2.52
N THR A 47 3.10 -19.53 2.30
CA THR A 47 3.64 -20.42 1.30
C THR A 47 4.10 -19.63 0.08
N GLU A 48 3.19 -18.83 -0.45
CA GLU A 48 3.48 -18.01 -1.61
C GLU A 48 2.63 -16.74 -1.61
N CYS A 49 3.13 -15.72 -2.29
CA CYS A 49 2.42 -14.45 -2.37
C CYS A 49 1.12 -14.68 -3.14
N LYS A 50 0.08 -14.02 -2.67
CA LYS A 50 -1.23 -14.13 -3.31
C LYS A 50 -1.64 -12.77 -3.87
N GLY A 51 -1.28 -12.56 -5.13
CA GLY A 51 -1.62 -11.31 -5.79
C GLY A 51 -0.41 -10.35 -5.78
N VAL A 52 -0.32 -9.57 -6.85
CA VAL A 52 0.77 -8.62 -6.98
C VAL A 52 0.23 -7.31 -7.57
N ILE A 53 0.88 -6.22 -7.19
CA ILE A 53 0.47 -4.90 -7.68
C ILE A 53 1.70 -4.17 -8.20
N ASP A 54 1.88 -4.24 -9.52
CA ASP A 54 3.00 -3.58 -10.15
C ASP A 54 2.95 -2.08 -9.86
N LEU A 55 3.85 -1.65 -8.98
CA LEU A 55 3.92 -0.25 -8.60
C LEU A 55 4.23 0.60 -9.84
N ALA A 56 4.87 -0.04 -10.80
CA ALA A 56 5.24 0.64 -12.04
C ALA A 56 3.96 1.05 -12.78
N GLU A 57 2.88 0.38 -12.43
CA GLU A 57 1.59 0.65 -13.07
C GLU A 57 0.87 1.77 -12.32
N VAL A 58 1.21 1.92 -11.04
CA VAL A 58 0.60 2.94 -10.21
C VAL A 58 0.85 4.31 -10.84
N GLU A 59 -0.23 5.07 -10.95
CA GLU A 59 -0.15 6.40 -11.54
C GLU A 59 0.05 7.45 -10.44
N ALA A 60 -0.47 7.12 -9.26
CA ALA A 60 -0.36 8.02 -8.12
C ALA A 60 -1.28 7.53 -7.00
N VAL A 61 -1.28 8.29 -5.91
CA VAL A 61 -2.11 7.94 -4.77
C VAL A 61 -2.75 9.22 -4.20
N ALA A 62 -3.89 9.03 -3.55
CA ALA A 62 -4.60 10.14 -2.96
C ALA A 62 -5.25 9.70 -1.65
N PRO A 63 -5.28 10.63 -0.67
CA PRO A 63 -5.86 10.35 0.63
C PRO A 63 -7.39 10.33 0.56
N GLY A 64 -7.96 9.19 0.87
CA GLY A 64 -9.40 9.03 0.85
C GLY A 64 -10.00 9.25 2.23
N THR A 65 -11.23 8.79 2.40
CA THR A 65 -11.93 8.93 3.66
C THR A 65 -12.32 7.56 4.21
N PRO A 66 -12.32 7.46 5.57
CA PRO A 66 -12.68 6.21 6.23
C PRO A 66 -14.19 5.97 6.16
N THR A 67 -14.55 4.87 5.54
CA THR A 67 -15.96 4.50 5.41
C THR A 67 -16.37 3.56 6.54
N ILE A 68 -17.59 3.04 6.43
CA ILE A 68 -18.12 2.14 7.42
C ILE A 68 -17.46 0.77 7.26
N GLY A 69 -16.78 0.34 8.31
CA GLY A 69 -16.09 -0.94 8.30
C GLY A 69 -14.61 -0.77 8.62
N ALA A 70 -14.00 0.22 8.00
CA ALA A 70 -12.59 0.50 8.21
C ALA A 70 -12.30 0.49 9.71
N PRO A 71 -10.99 0.37 10.04
CA PRO A 71 -10.55 0.35 11.43
C PRO A 71 -10.61 1.74 12.04
N LYS A 72 -10.09 1.85 13.25
CA LYS A 72 -10.07 3.12 13.95
C LYS A 72 -8.61 3.51 14.24
N THR A 73 -7.83 2.53 14.63
CA THR A 73 -6.43 2.75 14.94
C THR A 73 -5.81 3.70 13.92
N VAL A 74 -6.36 3.67 12.71
CA VAL A 74 -5.87 4.52 11.65
C VAL A 74 -6.74 5.77 11.56
N ASP A 75 -6.18 6.81 10.93
CA ASP A 75 -6.89 8.06 10.78
C ASP A 75 -7.16 8.31 9.29
N GLU A 76 -8.25 9.02 9.03
CA GLU A 76 -8.64 9.33 7.66
C GLU A 76 -7.42 9.77 6.85
N LYS A 77 -6.53 10.50 7.52
CA LYS A 77 -5.32 10.98 6.87
C LYS A 77 -4.55 9.79 6.29
N ALA A 78 -4.35 8.79 7.14
CA ALA A 78 -3.63 7.59 6.72
C ALA A 78 -4.23 7.07 5.42
N PHE A 79 -5.48 6.65 5.49
CA PHE A 79 -6.18 6.12 4.33
C PHE A 79 -5.69 6.80 3.05
N PHE A 80 -5.29 5.98 2.10
CA PHE A 80 -4.81 6.48 0.83
C PHE A 80 -5.14 5.52 -0.31
N ASP A 81 -5.71 6.07 -1.37
CA ASP A 81 -6.07 5.28 -2.53
C ASP A 81 -4.91 5.22 -3.51
N VAL A 82 -4.74 4.07 -4.13
CA VAL A 82 -3.66 3.88 -5.08
C VAL A 82 -4.24 3.78 -6.49
N LYS A 83 -3.90 4.76 -7.31
CA LYS A 83 -4.38 4.80 -8.68
C LYS A 83 -3.43 4.00 -9.58
N THR A 84 -3.97 2.97 -10.19
CA THR A 84 -3.18 2.11 -11.07
C THR A 84 -3.81 2.08 -12.46
N THR A 85 -3.21 1.26 -13.32
CA THR A 85 -3.69 1.12 -14.68
C THR A 85 -4.95 0.25 -14.72
N ARG A 86 -4.96 -0.74 -13.84
CA ARG A 86 -6.08 -1.66 -13.76
C ARG A 86 -7.30 -0.95 -13.18
N ARG A 87 -7.28 -0.78 -11.86
CA ARG A 87 -8.37 -0.12 -11.18
C ARG A 87 -7.85 0.59 -9.92
N VAL A 88 -8.74 1.35 -9.30
CA VAL A 88 -8.38 2.09 -8.10
C VAL A 88 -8.50 1.16 -6.89
N TYR A 89 -7.55 1.30 -5.98
CA TYR A 89 -7.53 0.47 -4.78
C TYR A 89 -7.75 1.34 -3.53
N ASN A 90 -8.05 0.65 -2.44
CA ASN A 90 -8.29 1.33 -1.17
C ASN A 90 -7.39 0.72 -0.10
N PHE A 91 -6.26 1.37 0.13
CA PHE A 91 -5.32 0.90 1.13
C PHE A 91 -5.18 1.90 2.27
N CYS A 92 -4.78 1.39 3.42
CA CYS A 92 -4.60 2.24 4.59
C CYS A 92 -3.72 1.48 5.59
N ALA A 93 -2.96 2.25 6.35
CA ALA A 93 -2.06 1.68 7.35
C ALA A 93 -2.78 1.63 8.69
N GLN A 94 -1.98 1.43 9.74
CA GLN A 94 -2.53 1.35 11.08
C GLN A 94 -2.05 2.55 11.92
N ASP A 95 -1.83 3.66 11.22
CA ASP A 95 -1.37 4.87 11.87
C ASP A 95 -1.25 5.99 10.84
N VAL A 96 -1.25 7.22 11.33
CA VAL A 96 -1.13 8.38 10.47
C VAL A 96 0.31 8.51 9.99
N PRO A 97 1.26 8.35 10.95
CA PRO A 97 2.67 8.44 10.64
C PRO A 97 3.16 7.19 9.89
N SER A 98 2.35 6.14 9.97
CA SER A 98 2.68 4.89 9.32
C SER A 98 2.19 4.91 7.87
N ALA A 99 1.06 5.58 7.68
CA ALA A 99 0.47 5.67 6.35
C ALA A 99 1.31 6.61 5.49
N GLN A 100 1.57 7.80 6.05
CA GLN A 100 2.37 8.79 5.35
C GLN A 100 3.62 8.15 4.76
N GLN A 101 4.19 7.23 5.51
CA GLN A 101 5.40 6.54 5.08
C GLN A 101 5.10 5.67 3.85
N TRP A 102 3.91 5.09 3.86
CA TRP A 102 3.50 4.23 2.76
C TRP A 102 3.41 5.09 1.50
N VAL A 103 2.64 6.17 1.60
CA VAL A 103 2.47 7.07 0.48
C VAL A 103 3.85 7.51 -0.03
N ASP A 104 4.56 8.24 0.82
CA ASP A 104 5.88 8.72 0.47
C ASP A 104 6.64 7.62 -0.27
N ARG A 105 6.58 6.42 0.29
CA ARG A 105 7.25 5.28 -0.31
C ARG A 105 6.72 5.05 -1.73
N ILE A 106 5.45 4.69 -1.80
CA ILE A 106 4.83 4.43 -3.09
C ILE A 106 5.09 5.61 -4.03
N GLN A 107 4.71 6.79 -3.56
CA GLN A 107 4.90 7.99 -4.35
C GLN A 107 6.36 8.14 -4.75
N SER A 108 7.23 7.60 -3.91
CA SER A 108 8.66 7.67 -4.16
C SER A 108 9.07 6.60 -5.17
N CYS A 109 8.10 5.77 -5.53
CA CYS A 109 8.34 4.71 -6.48
C CYS A 109 7.12 4.60 -7.40
N LEU A 110 6.89 5.66 -8.16
CA LEU A 110 5.77 5.71 -9.08
C LEU A 110 6.24 5.30 -10.47
N SER A 111 6.31 6.29 -11.35
CA SER A 111 6.74 6.04 -12.71
C SER A 111 7.97 6.90 -13.03
N SER A 112 8.96 6.24 -13.63
CA SER A 112 10.19 6.92 -14.00
C SER A 112 9.93 7.90 -15.15
N GLY A 113 9.38 7.36 -16.23
CA GLY A 113 9.08 8.16 -17.39
C GLY A 113 7.71 7.81 -17.96
N PRO A 114 7.13 8.80 -18.71
CA PRO A 114 5.82 8.60 -19.31
C PRO A 114 5.90 7.68 -20.52
N SER A 115 5.79 6.38 -20.25
CA SER A 115 5.86 5.38 -21.30
C SER A 115 4.48 4.76 -21.51
N SER A 116 4.15 4.54 -22.77
CA SER A 116 2.86 3.95 -23.12
C SER A 116 1.72 4.82 -22.59
N GLY A 117 0.54 4.56 -23.10
CA GLY A 117 -0.64 5.31 -22.69
C GLY A 117 -1.87 4.88 -23.49
N GLY A 1 28.73 -0.44 0.70
CA GLY A 1 28.60 -0.58 -0.74
C GLY A 1 27.16 -0.32 -1.18
N SER A 2 26.47 -1.38 -1.54
CA SER A 2 25.09 -1.28 -1.98
C SER A 2 24.29 -2.49 -1.50
N SER A 3 22.97 -2.34 -1.54
CA SER A 3 22.08 -3.41 -1.11
C SER A 3 22.38 -3.79 0.34
N GLY A 4 21.41 -4.45 0.96
CA GLY A 4 21.56 -4.87 2.34
C GLY A 4 20.52 -5.93 2.70
N SER A 5 19.26 -5.50 2.71
CA SER A 5 18.17 -6.40 3.04
C SER A 5 17.97 -7.41 1.91
N SER A 6 17.22 -8.46 2.23
CA SER A 6 16.94 -9.51 1.26
C SER A 6 15.72 -10.31 1.70
N GLY A 7 14.83 -10.53 0.75
CA GLY A 7 13.62 -11.29 1.02
C GLY A 7 12.41 -10.36 1.15
N ARG A 8 12.70 -9.10 1.46
CA ARG A 8 11.65 -8.11 1.61
C ARG A 8 12.26 -6.73 1.89
N SER A 9 11.66 -5.72 1.28
CA SER A 9 12.13 -4.35 1.45
C SER A 9 11.45 -3.72 2.67
N TYR A 10 10.18 -3.39 2.49
CA TYR A 10 9.41 -2.78 3.56
C TYR A 10 8.13 -3.57 3.84
N GLU A 11 7.72 -3.54 5.10
CA GLU A 11 6.51 -4.25 5.50
C GLU A 11 5.69 -3.38 6.46
N GLY A 12 4.44 -3.78 6.64
CA GLY A 12 3.54 -3.06 7.53
C GLY A 12 2.08 -3.38 7.21
N ILE A 13 1.37 -3.83 8.24
CA ILE A 13 -0.04 -4.17 8.08
C ILE A 13 -0.72 -3.14 7.17
N LEU A 14 -1.56 -3.65 6.28
CA LEU A 14 -2.26 -2.79 5.36
C LEU A 14 -3.65 -3.38 5.08
N TYR A 15 -4.67 -2.60 5.44
CA TYR A 15 -6.05 -3.03 5.24
C TYR A 15 -6.52 -2.71 3.82
N LYS A 16 -7.65 -3.30 3.47
CA LYS A 16 -8.22 -3.08 2.14
C LYS A 16 -9.75 -3.08 2.25
N LYS A 17 -10.37 -2.42 1.29
CA LYS A 17 -11.82 -2.32 1.26
C LYS A 17 -12.39 -3.59 0.62
N GLY A 18 -13.56 -3.99 1.11
CA GLY A 18 -14.21 -5.18 0.59
C GLY A 18 -15.71 -4.94 0.43
N ALA A 19 -16.42 -6.01 0.10
CA ALA A 19 -17.86 -5.94 -0.09
C ALA A 19 -18.56 -5.92 1.27
N PHE A 20 -19.84 -6.21 1.24
CA PHE A 20 -20.63 -6.23 2.46
C PHE A 20 -20.42 -7.54 3.23
N MET A 21 -19.15 -7.86 3.45
CA MET A 21 -18.80 -9.07 4.17
C MET A 21 -17.64 -8.82 5.13
N LYS A 22 -18.00 -8.42 6.34
CA LYS A 22 -17.00 -8.15 7.36
C LYS A 22 -16.31 -6.81 7.06
N PRO A 23 -15.59 -6.28 8.08
CA PRO A 23 -14.90 -5.03 7.93
C PRO A 23 -13.62 -5.20 7.09
N TRP A 24 -12.97 -4.08 6.82
CA TRP A 24 -11.74 -4.10 6.04
C TRP A 24 -10.80 -5.12 6.67
N LYS A 25 -10.47 -6.14 5.89
CA LYS A 25 -9.57 -7.18 6.35
C LYS A 25 -8.13 -6.66 6.33
N ALA A 26 -7.42 -6.97 7.41
CA ALA A 26 -6.03 -6.55 7.52
C ALA A 26 -5.12 -7.62 6.94
N ARG A 27 -4.35 -7.21 5.93
CA ARG A 27 -3.43 -8.14 5.28
C ARG A 27 -1.99 -7.61 5.38
N TRP A 28 -1.05 -8.52 5.23
CA TRP A 28 0.36 -8.17 5.30
C TRP A 28 0.81 -7.79 3.89
N PHE A 29 1.33 -6.58 3.78
CA PHE A 29 1.82 -6.08 2.50
C PHE A 29 3.34 -5.94 2.50
N VAL A 30 3.89 -5.80 1.30
CA VAL A 30 5.32 -5.65 1.15
C VAL A 30 5.61 -4.61 0.06
N LEU A 31 6.33 -3.57 0.47
CA LEU A 31 6.68 -2.50 -0.46
C LEU A 31 8.09 -2.75 -1.01
N ASP A 32 8.15 -3.59 -2.03
CA ASP A 32 9.42 -3.92 -2.66
C ASP A 32 9.83 -2.80 -3.61
N LYS A 33 10.93 -2.14 -3.27
CA LYS A 33 11.43 -1.04 -4.08
C LYS A 33 12.23 -1.61 -5.25
N THR A 34 12.93 -2.70 -4.97
CA THR A 34 13.73 -3.36 -5.99
C THR A 34 12.84 -4.03 -7.03
N LYS A 35 11.71 -4.54 -6.56
CA LYS A 35 10.77 -5.21 -7.44
C LYS A 35 9.69 -4.21 -7.88
N HIS A 36 9.73 -3.04 -7.27
CA HIS A 36 8.78 -2.00 -7.58
C HIS A 36 7.37 -2.60 -7.71
N GLN A 37 7.11 -3.56 -6.84
CA GLN A 37 5.81 -4.24 -6.84
C GLN A 37 5.23 -4.26 -5.42
N LEU A 38 3.96 -4.61 -5.35
CA LEU A 38 3.27 -4.68 -4.07
C LEU A 38 2.89 -6.12 -3.77
N ARG A 39 3.65 -6.73 -2.87
CA ARG A 39 3.41 -8.10 -2.49
C ARG A 39 2.65 -8.17 -1.16
N TYR A 40 1.48 -8.77 -1.20
CA TYR A 40 0.65 -8.89 -0.02
C TYR A 40 0.22 -10.34 0.19
N TYR A 41 0.04 -10.70 1.45
CA TYR A 41 -0.37 -12.06 1.80
C TYR A 41 -1.46 -12.03 2.87
N ASP A 42 -2.05 -13.20 3.10
CA ASP A 42 -3.11 -13.33 4.09
C ASP A 42 -2.48 -13.49 5.47
N HIS A 43 -1.43 -14.30 5.52
CA HIS A 43 -0.74 -14.54 6.77
C HIS A 43 0.72 -14.08 6.65
N ARG A 44 1.19 -13.43 7.71
CA ARG A 44 2.56 -12.94 7.74
C ARG A 44 3.54 -14.07 7.45
N MET A 45 3.07 -15.29 7.66
CA MET A 45 3.89 -16.47 7.43
C MET A 45 3.87 -16.87 5.95
N ASP A 46 2.68 -16.79 5.36
CA ASP A 46 2.51 -17.14 3.97
C ASP A 46 3.70 -16.60 3.16
N THR A 47 4.38 -17.53 2.48
CA THR A 47 5.53 -17.17 1.68
C THR A 47 5.12 -16.98 0.22
N GLU A 48 3.93 -17.47 -0.10
CA GLU A 48 3.42 -17.37 -1.45
C GLU A 48 2.64 -16.05 -1.62
N CYS A 49 3.09 -15.27 -2.59
CA CYS A 49 2.45 -13.99 -2.87
C CYS A 49 1.23 -14.24 -3.75
N LYS A 50 0.13 -13.61 -3.37
CA LYS A 50 -1.11 -13.75 -4.12
C LYS A 50 -1.40 -12.46 -4.88
N GLY A 51 -0.91 -12.42 -6.11
CA GLY A 51 -1.12 -11.26 -6.96
C GLY A 51 -0.27 -10.07 -6.47
N VAL A 52 0.56 -9.57 -7.37
CA VAL A 52 1.43 -8.45 -7.04
C VAL A 52 0.90 -7.18 -7.73
N ILE A 53 1.29 -6.05 -7.18
CA ILE A 53 0.86 -4.77 -7.73
C ILE A 53 2.09 -3.99 -8.22
N ASP A 54 2.30 -4.03 -9.53
CA ASP A 54 3.42 -3.33 -10.13
C ASP A 54 3.29 -1.83 -9.87
N LEU A 55 4.18 -1.32 -9.06
CA LEU A 55 4.17 0.10 -8.73
C LEU A 55 4.41 0.92 -10.00
N ALA A 56 5.07 0.28 -10.95
CA ALA A 56 5.36 0.95 -12.22
C ALA A 56 4.05 1.19 -12.98
N GLU A 57 2.99 0.60 -12.47
CA GLU A 57 1.68 0.74 -13.08
C GLU A 57 0.87 1.80 -12.35
N VAL A 58 1.29 2.07 -11.11
CA VAL A 58 0.60 3.07 -10.29
C VAL A 58 0.77 4.44 -10.93
N GLU A 59 -0.36 5.15 -11.03
CA GLU A 59 -0.35 6.48 -11.61
C GLU A 59 -0.12 7.54 -10.54
N ALA A 60 -0.58 7.21 -9.33
CA ALA A 60 -0.43 8.12 -8.21
C ALA A 60 -1.40 7.70 -7.10
N VAL A 61 -1.20 8.30 -5.93
CA VAL A 61 -2.03 8.00 -4.78
C VAL A 61 -2.48 9.31 -4.12
N ALA A 62 -3.69 9.28 -3.59
CA ALA A 62 -4.26 10.45 -2.94
C ALA A 62 -4.92 10.03 -1.63
N PRO A 63 -4.77 10.92 -0.60
CA PRO A 63 -5.35 10.64 0.70
C PRO A 63 -6.86 10.85 0.69
N GLY A 64 -7.58 9.82 1.11
CA GLY A 64 -9.03 9.88 1.15
C GLY A 64 -9.53 10.17 2.56
N THR A 65 -10.43 9.32 3.03
CA THR A 65 -10.99 9.47 4.36
C THR A 65 -11.69 8.19 4.79
N PRO A 66 -12.00 8.12 6.12
CA PRO A 66 -12.68 6.96 6.68
C PRO A 66 -14.15 6.93 6.29
N THR A 67 -14.43 6.27 5.18
CA THR A 67 -15.79 6.17 4.69
C THR A 67 -16.60 5.20 5.57
N ILE A 68 -17.82 4.94 5.13
CA ILE A 68 -18.70 4.03 5.86
C ILE A 68 -18.24 2.59 5.65
N GLY A 69 -18.02 1.91 6.76
CA GLY A 69 -17.58 0.52 6.72
C GLY A 69 -16.06 0.42 6.90
N ALA A 70 -15.53 1.42 7.61
CA ALA A 70 -14.09 1.45 7.86
C ALA A 70 -13.82 0.85 9.24
N PRO A 71 -12.50 0.62 9.52
CA PRO A 71 -12.09 0.05 10.79
C PRO A 71 -12.18 1.09 11.91
N LYS A 72 -12.39 0.60 13.12
CA LYS A 72 -12.48 1.47 14.27
C LYS A 72 -11.09 1.64 14.91
N THR A 73 -10.10 1.81 14.05
CA THR A 73 -8.73 1.98 14.51
C THR A 73 -8.01 3.01 13.65
N VAL A 74 -7.91 2.70 12.36
CA VAL A 74 -7.24 3.59 11.42
C VAL A 74 -7.74 5.02 11.65
N ASP A 75 -6.92 5.97 11.21
CA ASP A 75 -7.27 7.37 11.36
C ASP A 75 -7.67 7.94 9.99
N GLU A 76 -8.14 9.17 10.01
CA GLU A 76 -8.56 9.84 8.79
C GLU A 76 -7.33 10.33 8.00
N LYS A 77 -6.25 10.54 8.73
CA LYS A 77 -5.02 11.01 8.12
C LYS A 77 -4.10 9.81 7.88
N ALA A 78 -4.65 8.81 7.22
CA ALA A 78 -3.89 7.61 6.92
C ALA A 78 -4.38 7.01 5.60
N PHE A 79 -5.70 6.92 5.49
CA PHE A 79 -6.32 6.37 4.29
C PHE A 79 -5.72 7.01 3.03
N PHE A 80 -5.39 6.15 2.08
CA PHE A 80 -4.82 6.61 0.82
C PHE A 80 -5.23 5.70 -0.34
N ASP A 81 -5.74 6.34 -1.39
CA ASP A 81 -6.17 5.60 -2.57
C ASP A 81 -5.00 5.47 -3.54
N VAL A 82 -4.83 4.26 -4.05
CA VAL A 82 -3.75 3.99 -5.00
C VAL A 82 -4.34 3.85 -6.40
N LYS A 83 -4.00 4.82 -7.25
CA LYS A 83 -4.49 4.81 -8.61
C LYS A 83 -3.52 4.01 -9.49
N THR A 84 -4.08 3.01 -10.17
CA THR A 84 -3.27 2.17 -11.04
C THR A 84 -3.95 2.01 -12.39
N THR A 85 -3.36 1.16 -13.22
CA THR A 85 -3.89 0.91 -14.55
C THR A 85 -5.08 -0.05 -14.48
N ARG A 86 -4.87 -1.15 -13.78
CA ARG A 86 -5.91 -2.15 -13.63
C ARG A 86 -7.16 -1.53 -13.02
N ARG A 87 -7.05 -1.16 -11.76
CA ARG A 87 -8.17 -0.55 -11.06
C ARG A 87 -7.67 0.21 -9.82
N VAL A 88 -8.54 1.06 -9.29
CA VAL A 88 -8.20 1.84 -8.11
C VAL A 88 -8.30 0.94 -6.87
N TYR A 89 -7.30 1.07 -6.00
CA TYR A 89 -7.27 0.28 -4.78
C TYR A 89 -7.56 1.16 -3.56
N ASN A 90 -8.02 0.51 -2.50
CA ASN A 90 -8.34 1.22 -1.27
C ASN A 90 -7.50 0.65 -0.13
N PHE A 91 -6.41 1.34 0.15
CA PHE A 91 -5.51 0.93 1.22
C PHE A 91 -5.49 1.95 2.35
N CYS A 92 -5.00 1.50 3.50
CA CYS A 92 -4.92 2.36 4.67
C CYS A 92 -4.01 1.70 5.70
N ALA A 93 -3.13 2.51 6.27
CA ALA A 93 -2.19 2.02 7.27
C ALA A 93 -2.92 1.83 8.60
N GLN A 94 -2.15 1.57 9.63
CA GLN A 94 -2.71 1.36 10.96
C GLN A 94 -2.63 2.65 11.77
N ASP A 95 -1.77 3.54 11.31
CA ASP A 95 -1.58 4.82 11.99
C ASP A 95 -1.64 5.95 10.96
N VAL A 96 -1.48 7.17 11.46
CA VAL A 96 -1.51 8.34 10.59
C VAL A 96 -0.18 8.46 9.86
N PRO A 97 0.93 8.35 10.65
CA PRO A 97 2.26 8.45 10.09
C PRO A 97 2.63 7.18 9.33
N SER A 98 2.08 6.06 9.79
CA SER A 98 2.34 4.78 9.16
C SER A 98 1.84 4.79 7.71
N ALA A 99 0.79 5.57 7.49
CA ALA A 99 0.21 5.68 6.17
C ALA A 99 1.12 6.54 5.29
N GLN A 100 1.43 7.73 5.80
CA GLN A 100 2.29 8.65 5.08
C GLN A 100 3.52 7.92 4.53
N GLN A 101 4.08 7.07 5.38
CA GLN A 101 5.26 6.32 5.00
C GLN A 101 4.95 5.43 3.79
N TRP A 102 3.74 4.89 3.79
CA TRP A 102 3.31 4.02 2.70
C TRP A 102 3.19 4.88 1.44
N VAL A 103 2.61 6.05 1.61
CA VAL A 103 2.43 6.97 0.50
C VAL A 103 3.79 7.39 -0.03
N ASP A 104 4.55 8.06 0.83
CA ASP A 104 5.87 8.52 0.45
C ASP A 104 6.62 7.41 -0.29
N ARG A 105 6.49 6.21 0.23
CA ARG A 105 7.13 5.05 -0.38
C ARG A 105 6.61 4.84 -1.80
N ILE A 106 5.36 4.40 -1.87
CA ILE A 106 4.73 4.15 -3.15
C ILE A 106 4.97 5.35 -4.08
N GLN A 107 4.78 6.54 -3.52
CA GLN A 107 4.97 7.76 -4.28
C GLN A 107 6.41 7.86 -4.77
N SER A 108 7.30 7.23 -4.02
CA SER A 108 8.71 7.24 -4.36
C SER A 108 8.95 6.39 -5.60
N CYS A 109 7.92 5.64 -5.99
CA CYS A 109 8.01 4.78 -7.15
C CYS A 109 6.65 4.79 -7.86
N LEU A 110 6.39 5.88 -8.57
CA LEU A 110 5.15 6.04 -9.30
C LEU A 110 5.36 5.67 -10.77
N SER A 111 5.40 6.70 -11.59
CA SER A 111 5.60 6.50 -13.03
C SER A 111 6.97 7.06 -13.44
N SER A 112 7.48 6.51 -14.54
CA SER A 112 8.77 6.94 -15.05
C SER A 112 8.61 7.52 -16.45
N GLY A 113 9.15 8.71 -16.64
CA GLY A 113 9.08 9.38 -17.92
C GLY A 113 8.01 10.47 -17.92
N PRO A 114 7.87 11.14 -19.09
CA PRO A 114 6.88 12.20 -19.22
C PRO A 114 5.47 11.63 -19.34
N SER A 115 4.50 12.44 -18.92
CA SER A 115 3.11 12.02 -18.98
C SER A 115 2.57 12.16 -20.40
N SER A 116 1.44 11.51 -20.64
CA SER A 116 0.82 11.56 -21.96
C SER A 116 -0.50 10.80 -21.94
N GLY A 117 -1.37 11.15 -22.87
CA GLY A 117 -2.66 10.50 -22.98
C GLY A 117 -3.79 11.46 -22.55
N GLY A 1 8.01 13.31 4.21
CA GLY A 1 9.44 13.54 4.26
C GLY A 1 10.22 12.22 4.16
N SER A 2 11.44 12.26 4.67
CA SER A 2 12.29 11.07 4.64
C SER A 2 13.63 11.38 5.32
N SER A 3 14.09 10.40 6.09
CA SER A 3 15.35 10.54 6.80
C SER A 3 15.93 9.16 7.14
N GLY A 4 17.20 8.99 6.81
CA GLY A 4 17.88 7.73 7.06
C GLY A 4 17.30 6.61 6.21
N SER A 5 16.79 5.59 6.88
CA SER A 5 16.20 4.45 6.21
C SER A 5 17.27 3.71 5.40
N SER A 6 17.82 2.68 6.02
CA SER A 6 18.85 1.89 5.38
C SER A 6 18.53 0.40 5.52
N GLY A 7 17.74 -0.09 4.57
CA GLY A 7 17.35 -1.49 4.57
C GLY A 7 16.97 -1.96 3.17
N ARG A 8 16.19 -3.02 3.13
CA ARG A 8 15.75 -3.59 1.86
C ARG A 8 14.22 -3.68 1.82
N SER A 9 13.62 -2.71 1.15
CA SER A 9 12.17 -2.68 1.03
C SER A 9 11.53 -2.59 2.42
N TYR A 10 10.35 -1.99 2.46
CA TYR A 10 9.64 -1.84 3.71
C TYR A 10 8.55 -2.90 3.84
N GLU A 11 7.98 -2.97 5.04
CA GLU A 11 6.92 -3.94 5.30
C GLU A 11 6.11 -3.51 6.53
N GLY A 12 4.81 -3.69 6.42
CA GLY A 12 3.91 -3.32 7.50
C GLY A 12 2.47 -3.75 7.20
N ILE A 13 1.62 -3.62 8.20
CA ILE A 13 0.23 -3.99 8.06
C ILE A 13 -0.47 -3.01 7.11
N LEU A 14 -1.41 -3.55 6.34
CA LEU A 14 -2.15 -2.73 5.39
C LEU A 14 -3.54 -3.34 5.18
N TYR A 15 -4.55 -2.55 5.51
CA TYR A 15 -5.93 -2.99 5.37
C TYR A 15 -6.43 -2.74 3.95
N LYS A 16 -7.11 -3.75 3.41
CA LYS A 16 -7.65 -3.64 2.06
C LYS A 16 -9.17 -3.69 2.12
N LYS A 17 -9.80 -2.85 1.33
CA LYS A 17 -11.25 -2.78 1.28
C LYS A 17 -11.79 -4.07 0.68
N GLY A 18 -12.87 -4.57 1.27
CA GLY A 18 -13.49 -5.79 0.81
C GLY A 18 -14.75 -5.49 -0.01
N ALA A 19 -15.84 -6.14 0.40
CA ALA A 19 -17.12 -5.94 -0.29
C ALA A 19 -17.97 -4.96 0.52
N PHE A 20 -19.20 -4.78 0.06
CA PHE A 20 -20.12 -3.87 0.72
C PHE A 20 -20.94 -4.60 1.78
N MET A 21 -20.23 -5.32 2.64
CA MET A 21 -20.88 -6.06 3.70
C MET A 21 -19.88 -6.46 4.80
N LYS A 22 -18.78 -7.03 4.36
CA LYS A 22 -17.73 -7.46 5.27
C LYS A 22 -16.76 -6.29 5.51
N PRO A 23 -16.06 -6.35 6.67
CA PRO A 23 -15.10 -5.31 7.02
C PRO A 23 -13.81 -5.46 6.21
N TRP A 24 -13.03 -4.39 6.20
CA TRP A 24 -11.78 -4.38 5.46
C TRP A 24 -10.85 -5.43 6.10
N LYS A 25 -10.50 -6.41 5.31
CA LYS A 25 -9.62 -7.48 5.78
C LYS A 25 -8.20 -6.93 5.92
N ALA A 26 -7.62 -7.19 7.08
CA ALA A 26 -6.27 -6.72 7.36
C ALA A 26 -5.28 -7.82 6.97
N ARG A 27 -4.35 -7.45 6.08
CA ARG A 27 -3.34 -8.39 5.62
C ARG A 27 -1.95 -7.77 5.77
N TRP A 28 -0.95 -8.60 5.47
CA TRP A 28 0.43 -8.15 5.56
C TRP A 28 0.93 -7.85 4.15
N PHE A 29 1.09 -6.56 3.87
CA PHE A 29 1.56 -6.13 2.57
C PHE A 29 3.08 -6.03 2.54
N VAL A 30 3.61 -5.85 1.33
CA VAL A 30 5.05 -5.73 1.15
C VAL A 30 5.34 -4.68 0.07
N LEU A 31 6.13 -3.70 0.47
CA LEU A 31 6.50 -2.63 -0.45
C LEU A 31 7.82 -2.97 -1.12
N ASP A 32 7.72 -3.74 -2.20
CA ASP A 32 8.91 -4.15 -2.94
C ASP A 32 9.45 -2.94 -3.72
N LYS A 33 10.77 -2.77 -3.64
CA LYS A 33 11.42 -1.67 -4.33
C LYS A 33 12.36 -2.24 -5.40
N THR A 34 12.99 -3.36 -5.05
CA THR A 34 13.93 -4.00 -5.96
C THR A 34 13.21 -4.41 -7.26
N LYS A 35 11.99 -4.91 -7.09
CA LYS A 35 11.20 -5.34 -8.22
C LYS A 35 10.07 -4.32 -8.47
N HIS A 36 9.91 -3.42 -7.51
CA HIS A 36 8.88 -2.40 -7.60
C HIS A 36 7.52 -3.06 -7.78
N GLN A 37 7.01 -3.61 -6.68
CA GLN A 37 5.72 -4.27 -6.71
C GLN A 37 5.10 -4.28 -5.31
N LEU A 38 3.85 -4.71 -5.25
CA LEU A 38 3.14 -4.77 -3.99
C LEU A 38 2.69 -6.22 -3.72
N ARG A 39 3.39 -6.86 -2.81
CA ARG A 39 3.08 -8.24 -2.46
C ARG A 39 2.39 -8.30 -1.10
N TYR A 40 1.22 -8.92 -1.10
CA TYR A 40 0.45 -9.05 0.13
C TYR A 40 0.10 -10.52 0.41
N TYR A 41 0.13 -10.87 1.68
CA TYR A 41 -0.19 -12.23 2.09
C TYR A 41 -1.21 -12.24 3.22
N ASP A 42 -1.76 -13.41 3.47
CA ASP A 42 -2.75 -13.58 4.52
C ASP A 42 -2.05 -13.54 5.88
N HIS A 43 -0.84 -14.08 5.90
CA HIS A 43 -0.06 -14.12 7.13
C HIS A 43 1.29 -13.44 6.90
N ARG A 44 1.90 -13.02 7.99
CA ARG A 44 3.20 -12.36 7.93
C ARG A 44 4.07 -13.03 6.87
N MET A 45 4.18 -14.35 6.98
CA MET A 45 4.98 -15.12 6.04
C MET A 45 4.27 -16.41 5.65
N ASP A 46 3.71 -16.40 4.45
CA ASP A 46 3.00 -17.56 3.95
C ASP A 46 3.78 -18.17 2.77
N THR A 47 5.02 -17.71 2.63
CA THR A 47 5.88 -18.19 1.56
C THR A 47 5.07 -18.42 0.29
N GLU A 48 4.05 -17.58 0.11
CA GLU A 48 3.19 -17.68 -1.06
C GLU A 48 2.65 -16.29 -1.42
N CYS A 49 3.09 -15.80 -2.57
CA CYS A 49 2.66 -14.50 -3.05
C CYS A 49 1.36 -14.70 -3.84
N LYS A 50 0.31 -14.06 -3.34
CA LYS A 50 -1.00 -14.16 -4.00
C LYS A 50 -1.45 -12.75 -4.41
N GLY A 51 -1.12 -12.40 -5.64
CA GLY A 51 -1.48 -11.09 -6.17
C GLY A 51 -0.33 -10.10 -6.03
N VAL A 52 -0.15 -9.31 -7.07
CA VAL A 52 0.91 -8.31 -7.09
C VAL A 52 0.38 -7.02 -7.72
N ILE A 53 0.95 -5.91 -7.26
CA ILE A 53 0.55 -4.61 -7.77
C ILE A 53 1.77 -3.89 -8.34
N ASP A 54 1.92 -4.02 -9.66
CA ASP A 54 3.04 -3.39 -10.34
C ASP A 54 3.07 -1.90 -9.99
N LEU A 55 4.04 -1.54 -9.17
CA LEU A 55 4.19 -0.15 -8.76
C LEU A 55 4.51 0.71 -9.99
N ALA A 56 5.14 0.07 -10.97
CA ALA A 56 5.50 0.76 -12.19
C ALA A 56 4.23 1.15 -12.95
N GLU A 57 3.12 0.62 -12.49
CA GLU A 57 1.83 0.90 -13.11
C GLU A 57 1.08 1.97 -12.33
N VAL A 58 1.45 2.10 -11.07
CA VAL A 58 0.82 3.07 -10.19
C VAL A 58 1.06 4.48 -10.75
N GLU A 59 -0.04 5.18 -10.99
CA GLU A 59 0.04 6.52 -11.54
C GLU A 59 0.24 7.53 -10.41
N ALA A 60 -0.24 7.17 -9.22
CA ALA A 60 -0.12 8.02 -8.06
C ALA A 60 -1.08 7.54 -6.97
N VAL A 61 -1.05 8.25 -5.85
CA VAL A 61 -1.91 7.91 -4.73
C VAL A 61 -2.49 9.19 -4.13
N ALA A 62 -3.61 9.03 -3.44
CA ALA A 62 -4.27 10.16 -2.81
C ALA A 62 -4.89 9.71 -1.49
N PRO A 63 -4.86 10.64 -0.50
CA PRO A 63 -5.41 10.35 0.82
C PRO A 63 -6.94 10.38 0.78
N GLY A 64 -7.52 9.22 0.55
CA GLY A 64 -8.97 9.10 0.49
C GLY A 64 -9.59 9.25 1.89
N THR A 65 -10.89 9.01 1.94
CA THR A 65 -11.61 9.12 3.20
C THR A 65 -12.11 7.75 3.66
N PRO A 66 -12.32 7.62 4.99
CA PRO A 66 -12.79 6.37 5.55
C PRO A 66 -14.27 6.15 5.26
N THR A 67 -14.54 5.38 4.22
CA THR A 67 -15.90 5.09 3.83
C THR A 67 -16.54 4.08 4.80
N ILE A 68 -17.77 3.71 4.48
CA ILE A 68 -18.49 2.77 5.32
C ILE A 68 -17.83 1.39 5.22
N GLY A 69 -17.75 0.73 6.37
CA GLY A 69 -17.14 -0.58 6.43
C GLY A 69 -15.73 -0.51 7.02
N ALA A 70 -15.02 0.54 6.63
CA ALA A 70 -13.66 0.73 7.11
C ALA A 70 -13.65 0.71 8.64
N PRO A 71 -12.42 0.56 9.21
CA PRO A 71 -12.28 0.52 10.66
C PRO A 71 -12.43 1.91 11.27
N LYS A 72 -13.27 1.99 12.28
CA LYS A 72 -13.52 3.25 12.96
C LYS A 72 -12.37 3.55 13.92
N THR A 73 -11.17 3.58 13.36
CA THR A 73 -9.98 3.85 14.15
C THR A 73 -9.00 4.73 13.36
N VAL A 74 -8.49 4.17 12.28
CA VAL A 74 -7.55 4.88 11.44
C VAL A 74 -8.08 6.29 11.17
N ASP A 75 -7.17 7.17 10.78
CA ASP A 75 -7.53 8.55 10.49
C ASP A 75 -7.66 8.72 8.98
N GLU A 76 -8.71 9.44 8.59
CA GLU A 76 -8.96 9.68 7.19
C GLU A 76 -7.65 9.97 6.45
N LYS A 77 -6.71 10.57 7.18
CA LYS A 77 -5.42 10.89 6.61
C LYS A 77 -4.72 9.61 6.17
N ALA A 78 -4.51 8.72 7.13
CA ALA A 78 -3.85 7.46 6.85
C ALA A 78 -4.37 6.90 5.53
N PHE A 79 -5.69 6.72 5.47
CA PHE A 79 -6.32 6.19 4.28
C PHE A 79 -5.72 6.83 3.02
N PHE A 80 -5.37 5.97 2.07
CA PHE A 80 -4.78 6.43 0.82
C PHE A 80 -5.15 5.50 -0.33
N ASP A 81 -5.59 6.10 -1.42
CA ASP A 81 -5.98 5.34 -2.60
C ASP A 81 -4.81 5.26 -3.56
N VAL A 82 -4.63 4.08 -4.14
CA VAL A 82 -3.54 3.86 -5.08
C VAL A 82 -4.11 3.82 -6.50
N LYS A 83 -3.72 4.81 -7.28
CA LYS A 83 -4.18 4.91 -8.66
C LYS A 83 -3.23 4.11 -9.56
N THR A 84 -3.80 3.14 -10.26
CA THR A 84 -3.02 2.30 -11.15
C THR A 84 -3.66 2.28 -12.54
N THR A 85 -3.17 1.35 -13.37
CA THR A 85 -3.68 1.22 -14.72
C THR A 85 -4.87 0.26 -14.73
N ARG A 86 -4.74 -0.82 -13.99
CA ARG A 86 -5.79 -1.82 -13.92
C ARG A 86 -7.06 -1.21 -13.33
N ARG A 87 -6.97 -0.83 -12.06
CA ARG A 87 -8.09 -0.23 -11.38
C ARG A 87 -7.62 0.49 -10.10
N VAL A 88 -8.50 1.31 -9.57
CA VAL A 88 -8.19 2.06 -8.36
C VAL A 88 -8.34 1.15 -7.14
N TYR A 89 -7.43 1.31 -6.20
CA TYR A 89 -7.45 0.51 -5.00
C TYR A 89 -7.64 1.39 -3.75
N ASN A 90 -7.99 0.73 -2.66
CA ASN A 90 -8.21 1.43 -1.41
C ASN A 90 -7.47 0.72 -0.28
N PHE A 91 -6.37 1.32 0.14
CA PHE A 91 -5.57 0.75 1.21
C PHE A 91 -5.55 1.66 2.44
N CYS A 92 -5.11 1.10 3.55
CA CYS A 92 -5.04 1.84 4.79
C CYS A 92 -3.90 1.28 5.63
N ALA A 93 -3.45 2.08 6.58
CA ALA A 93 -2.37 1.66 7.46
C ALA A 93 -2.89 1.55 8.89
N GLN A 94 -1.98 1.22 9.80
CA GLN A 94 -2.34 1.07 11.20
C GLN A 94 -1.93 2.32 11.99
N ASP A 95 -1.80 3.42 11.27
CA ASP A 95 -1.41 4.67 11.88
C ASP A 95 -1.44 5.79 10.83
N VAL A 96 -1.47 7.02 11.31
CA VAL A 96 -1.50 8.17 10.42
C VAL A 96 -0.10 8.37 9.82
N PRO A 97 0.92 8.29 10.71
CA PRO A 97 2.30 8.46 10.27
C PRO A 97 2.80 7.22 9.53
N SER A 98 2.08 6.13 9.72
CA SER A 98 2.43 4.88 9.07
C SER A 98 1.99 4.90 7.62
N ALA A 99 0.79 5.40 7.40
CA ALA A 99 0.23 5.49 6.06
C ALA A 99 1.08 6.44 5.21
N GLN A 100 1.31 7.62 5.76
CA GLN A 100 2.11 8.62 5.07
C GLN A 100 3.39 7.99 4.52
N GLN A 101 4.02 7.19 5.36
CA GLN A 101 5.26 6.52 4.97
C GLN A 101 5.01 5.61 3.76
N TRP A 102 3.86 4.96 3.78
CA TRP A 102 3.49 4.06 2.70
C TRP A 102 3.33 4.89 1.42
N VAL A 103 2.42 5.85 1.49
CA VAL A 103 2.17 6.72 0.36
C VAL A 103 3.49 7.33 -0.12
N ASP A 104 4.24 7.85 0.83
CA ASP A 104 5.52 8.46 0.52
C ASP A 104 6.38 7.47 -0.27
N ARG A 105 6.59 6.31 0.34
CA ARG A 105 7.39 5.27 -0.29
C ARG A 105 6.83 4.93 -1.68
N ILE A 106 5.51 4.75 -1.71
CA ILE A 106 4.84 4.42 -2.95
C ILE A 106 5.02 5.57 -3.94
N GLN A 107 4.70 6.76 -3.49
CA GLN A 107 4.83 7.95 -4.33
C GLN A 107 6.28 8.11 -4.79
N SER A 108 7.17 7.46 -4.07
CA SER A 108 8.59 7.52 -4.40
C SER A 108 8.98 6.31 -5.25
N CYS A 109 8.02 5.40 -5.42
CA CYS A 109 8.26 4.20 -6.19
C CYS A 109 7.33 4.23 -7.42
N LEU A 110 6.89 5.44 -7.75
CA LEU A 110 6.00 5.61 -8.88
C LEU A 110 6.78 5.35 -10.17
N SER A 111 6.68 6.30 -11.09
CA SER A 111 7.36 6.18 -12.38
C SER A 111 8.83 5.80 -12.15
N SER A 112 9.29 4.85 -12.95
CA SER A 112 10.66 4.38 -12.85
C SER A 112 11.56 5.21 -13.77
N GLY A 113 12.64 5.73 -13.20
CA GLY A 113 13.59 6.53 -13.96
C GLY A 113 14.35 5.67 -14.98
N PRO A 114 15.55 6.17 -15.35
CA PRO A 114 16.38 5.46 -16.31
C PRO A 114 17.04 4.24 -15.67
N SER A 115 17.16 3.19 -16.46
CA SER A 115 17.77 1.96 -15.98
C SER A 115 19.28 1.98 -16.25
N SER A 116 19.98 1.01 -15.66
CA SER A 116 21.42 0.92 -15.84
C SER A 116 21.85 -0.55 -15.80
N GLY A 117 22.70 -0.91 -16.75
CA GLY A 117 23.19 -2.28 -16.84
C GLY A 117 24.59 -2.32 -17.47
N GLY A 1 15.98 10.05 -6.18
CA GLY A 1 15.97 10.59 -4.83
C GLY A 1 14.65 10.29 -4.14
N SER A 2 13.98 11.35 -3.70
CA SER A 2 12.71 11.21 -3.01
C SER A 2 12.93 10.55 -1.65
N SER A 3 13.31 9.29 -1.69
CA SER A 3 13.55 8.53 -0.48
C SER A 3 14.71 7.56 -0.67
N GLY A 4 15.29 7.13 0.44
CA GLY A 4 16.41 6.21 0.40
C GLY A 4 16.93 5.92 1.80
N SER A 5 16.03 5.42 2.65
CA SER A 5 16.39 5.10 4.02
C SER A 5 15.44 4.03 4.57
N SER A 6 15.85 2.79 4.46
CA SER A 6 15.05 1.67 4.94
C SER A 6 15.84 0.37 4.83
N GLY A 7 15.43 -0.59 5.65
CA GLY A 7 16.09 -1.89 5.65
C GLY A 7 15.65 -2.73 4.44
N ARG A 8 16.10 -2.32 3.28
CA ARG A 8 15.76 -3.03 2.05
C ARG A 8 14.24 -3.17 1.92
N SER A 9 13.65 -2.25 1.18
CA SER A 9 12.22 -2.26 0.97
C SER A 9 11.50 -2.15 2.31
N TYR A 10 10.24 -1.71 2.25
CA TYR A 10 9.43 -1.56 3.44
C TYR A 10 8.41 -2.69 3.56
N GLU A 11 7.85 -2.81 4.76
CA GLU A 11 6.87 -3.84 5.02
C GLU A 11 6.07 -3.51 6.28
N GLY A 12 4.75 -3.60 6.15
CA GLY A 12 3.87 -3.31 7.27
C GLY A 12 2.45 -3.81 6.99
N ILE A 13 1.55 -3.48 7.90
CA ILE A 13 0.16 -3.88 7.76
C ILE A 13 -0.55 -2.94 6.80
N LEU A 14 -1.41 -3.51 5.98
CA LEU A 14 -2.16 -2.74 5.00
C LEU A 14 -3.50 -3.43 4.71
N TYR A 15 -4.57 -2.72 5.00
CA TYR A 15 -5.90 -3.25 4.78
C TYR A 15 -6.33 -3.07 3.33
N LYS A 16 -7.41 -3.75 2.97
CA LYS A 16 -7.93 -3.68 1.62
C LYS A 16 -9.46 -3.78 1.65
N LYS A 17 -10.11 -2.84 1.00
CA LYS A 17 -11.56 -2.80 0.94
C LYS A 17 -12.07 -4.10 0.31
N GLY A 18 -13.36 -4.33 0.48
CA GLY A 18 -13.98 -5.52 -0.09
C GLY A 18 -14.49 -6.45 1.03
N ALA A 19 -14.42 -7.74 0.76
CA ALA A 19 -14.87 -8.72 1.73
C ALA A 19 -16.37 -8.55 1.97
N PHE A 20 -16.92 -9.42 2.80
CA PHE A 20 -18.33 -9.38 3.12
C PHE A 20 -18.63 -8.23 4.09
N MET A 21 -19.85 -8.26 4.64
CA MET A 21 -20.27 -7.24 5.57
C MET A 21 -19.11 -6.79 6.46
N LYS A 22 -18.28 -7.76 6.83
CA LYS A 22 -17.13 -7.46 7.68
C LYS A 22 -16.38 -6.25 7.12
N PRO A 23 -15.55 -5.64 8.00
CA PRO A 23 -14.77 -4.47 7.61
C PRO A 23 -13.60 -4.87 6.71
N TRP A 24 -12.94 -3.85 6.17
CA TRP A 24 -11.80 -4.09 5.30
C TRP A 24 -10.93 -5.18 5.93
N LYS A 25 -10.37 -6.01 5.06
CA LYS A 25 -9.52 -7.10 5.51
C LYS A 25 -8.13 -6.56 5.81
N ALA A 26 -7.54 -7.08 6.89
CA ALA A 26 -6.20 -6.66 7.28
C ALA A 26 -5.20 -7.76 6.93
N ARG A 27 -4.36 -7.45 5.95
CA ARG A 27 -3.35 -8.39 5.50
C ARG A 27 -1.97 -7.75 5.55
N TRP A 28 -0.95 -8.60 5.50
CA TRP A 28 0.42 -8.14 5.53
C TRP A 28 0.86 -7.85 4.10
N PHE A 29 1.23 -6.60 3.86
CA PHE A 29 1.67 -6.19 2.53
C PHE A 29 3.19 -6.05 2.49
N VAL A 30 3.70 -5.86 1.28
CA VAL A 30 5.14 -5.72 1.08
C VAL A 30 5.39 -4.61 0.06
N LEU A 31 6.22 -3.66 0.46
CA LEU A 31 6.57 -2.55 -0.41
C LEU A 31 7.96 -2.76 -0.99
N ASP A 32 8.00 -3.53 -2.07
CA ASP A 32 9.27 -3.83 -2.73
C ASP A 32 9.71 -2.61 -3.54
N LYS A 33 11.00 -2.37 -3.53
CA LYS A 33 11.57 -1.24 -4.27
C LYS A 33 12.42 -1.77 -5.42
N THR A 34 12.93 -2.99 -5.25
CA THR A 34 13.75 -3.60 -6.26
C THR A 34 12.88 -4.19 -7.38
N LYS A 35 11.72 -4.68 -6.97
CA LYS A 35 10.79 -5.27 -7.92
C LYS A 35 9.71 -4.24 -8.28
N HIS A 36 9.46 -3.35 -7.34
CA HIS A 36 8.46 -2.31 -7.54
C HIS A 36 7.08 -2.95 -7.69
N GLN A 37 6.77 -3.84 -6.75
CA GLN A 37 5.49 -4.53 -6.77
C GLN A 37 4.90 -4.60 -5.36
N LEU A 38 3.59 -4.76 -5.31
CA LEU A 38 2.90 -4.84 -4.04
C LEU A 38 2.51 -6.29 -3.75
N ARG A 39 3.23 -6.90 -2.82
CA ARG A 39 2.97 -8.27 -2.45
C ARG A 39 2.37 -8.34 -1.06
N TYR A 40 1.24 -9.04 -0.96
CA TYR A 40 0.56 -9.20 0.31
C TYR A 40 0.23 -10.66 0.59
N TYR A 41 0.62 -11.10 1.78
CA TYR A 41 0.38 -12.48 2.18
C TYR A 41 -0.75 -12.56 3.21
N ASP A 42 -1.67 -13.48 2.97
CA ASP A 42 -2.80 -13.68 3.87
C ASP A 42 -2.29 -13.72 5.32
N HIS A 43 -1.12 -14.31 5.47
CA HIS A 43 -0.51 -14.43 6.79
C HIS A 43 0.96 -14.06 6.71
N ARG A 44 1.42 -13.32 7.71
CA ARG A 44 2.81 -12.90 7.77
C ARG A 44 3.72 -14.03 7.32
N MET A 45 4.37 -13.81 6.17
CA MET A 45 5.28 -14.81 5.63
C MET A 45 4.53 -16.11 5.29
N ASP A 46 3.46 -15.95 4.52
CA ASP A 46 2.67 -17.10 4.12
C ASP A 46 3.47 -17.97 3.15
N THR A 47 2.98 -19.18 2.94
CA THR A 47 3.63 -20.11 2.04
C THR A 47 4.21 -19.36 0.83
N GLU A 48 3.33 -18.62 0.17
CA GLU A 48 3.72 -17.87 -1.01
C GLU A 48 2.90 -16.58 -1.11
N CYS A 49 3.41 -15.65 -1.91
CA CYS A 49 2.73 -14.39 -2.11
C CYS A 49 1.44 -14.64 -2.89
N LYS A 50 0.37 -14.02 -2.43
CA LYS A 50 -0.92 -14.17 -3.08
C LYS A 50 -1.38 -12.82 -3.64
N GLY A 51 -1.01 -12.59 -4.89
CA GLY A 51 -1.36 -11.35 -5.56
C GLY A 51 -0.16 -10.41 -5.64
N VAL A 52 -0.14 -9.63 -6.71
CA VAL A 52 0.95 -8.68 -6.92
C VAL A 52 0.40 -7.43 -7.61
N ILE A 53 0.97 -6.30 -7.24
CA ILE A 53 0.56 -5.03 -7.82
C ILE A 53 1.78 -4.30 -8.37
N ASP A 54 1.98 -4.45 -9.67
CA ASP A 54 3.12 -3.80 -10.33
C ASP A 54 3.04 -2.30 -10.10
N LEU A 55 3.78 -1.83 -9.11
CA LEU A 55 3.80 -0.42 -8.78
C LEU A 55 4.07 0.39 -10.05
N ALA A 56 4.91 -0.18 -10.91
CA ALA A 56 5.26 0.46 -12.15
C ALA A 56 3.98 0.86 -12.90
N GLU A 57 2.90 0.19 -12.54
CA GLU A 57 1.62 0.45 -13.17
C GLU A 57 0.90 1.59 -12.43
N VAL A 58 1.23 1.72 -11.15
CA VAL A 58 0.63 2.77 -10.34
C VAL A 58 0.87 4.13 -10.99
N GLU A 59 -0.18 4.93 -11.04
CA GLU A 59 -0.10 6.26 -11.63
C GLU A 59 0.15 7.30 -10.54
N ALA A 60 -0.38 7.02 -9.36
CA ALA A 60 -0.24 7.93 -8.24
C ALA A 60 -1.19 7.51 -7.12
N VAL A 61 -1.10 8.22 -6.01
CA VAL A 61 -1.94 7.93 -4.86
C VAL A 61 -2.44 9.25 -4.25
N ALA A 62 -3.61 9.19 -3.65
CA ALA A 62 -4.19 10.37 -3.03
C ALA A 62 -4.74 9.99 -1.65
N PRO A 63 -4.58 10.93 -0.68
CA PRO A 63 -5.05 10.70 0.67
C PRO A 63 -6.58 10.84 0.75
N GLY A 64 -7.23 9.69 0.82
CA GLY A 64 -8.69 9.66 0.90
C GLY A 64 -9.15 9.89 2.33
N THR A 65 -10.35 9.40 2.61
CA THR A 65 -10.94 9.55 3.94
C THR A 65 -11.60 8.24 4.38
N PRO A 66 -11.93 8.18 5.70
CA PRO A 66 -12.57 7.00 6.25
C PRO A 66 -14.04 6.93 5.85
N THR A 67 -14.36 5.91 5.07
CA THR A 67 -15.72 5.72 4.61
C THR A 67 -16.36 4.52 5.31
N ILE A 68 -17.58 4.22 4.90
CA ILE A 68 -18.31 3.10 5.48
C ILE A 68 -17.58 1.80 5.17
N GLY A 69 -17.27 1.06 6.22
CA GLY A 69 -16.56 -0.20 6.08
C GLY A 69 -15.18 -0.14 6.72
N ALA A 70 -14.48 0.95 6.42
CA ALA A 70 -13.14 1.15 6.95
C ALA A 70 -13.15 0.85 8.46
N PRO A 71 -11.94 0.55 8.99
CA PRO A 71 -11.79 0.23 10.40
C PRO A 71 -11.88 1.50 11.25
N LYS A 72 -11.83 1.30 12.55
CA LYS A 72 -11.90 2.42 13.49
C LYS A 72 -10.49 2.87 13.86
N THR A 73 -9.71 1.93 14.35
CA THR A 73 -8.34 2.21 14.74
C THR A 73 -7.71 3.20 13.77
N VAL A 74 -7.76 2.85 12.49
CA VAL A 74 -7.20 3.71 11.46
C VAL A 74 -7.86 5.08 11.53
N ASP A 75 -7.08 6.09 11.17
CA ASP A 75 -7.58 7.46 11.18
C ASP A 75 -7.74 7.95 9.73
N GLU A 76 -8.40 9.09 9.60
CA GLU A 76 -8.62 9.68 8.29
C GLU A 76 -7.28 10.07 7.65
N LYS A 77 -6.34 10.42 8.51
CA LYS A 77 -5.02 10.82 8.04
C LYS A 77 -4.12 9.59 7.95
N ALA A 78 -4.58 8.62 7.18
CA ALA A 78 -3.82 7.39 7.00
C ALA A 78 -4.25 6.72 5.70
N PHE A 79 -5.56 6.67 5.48
CA PHE A 79 -6.11 6.06 4.28
C PHE A 79 -5.55 6.75 3.03
N PHE A 80 -5.22 5.93 2.04
CA PHE A 80 -4.69 6.43 0.79
C PHE A 80 -5.08 5.53 -0.38
N ASP A 81 -5.60 6.16 -1.42
CA ASP A 81 -6.02 5.43 -2.60
C ASP A 81 -4.85 5.36 -3.59
N VAL A 82 -4.65 4.17 -4.12
CA VAL A 82 -3.57 3.94 -5.07
C VAL A 82 -4.16 3.82 -6.48
N LYS A 83 -3.82 4.80 -7.31
CA LYS A 83 -4.30 4.81 -8.69
C LYS A 83 -3.40 3.94 -9.55
N THR A 84 -4.02 3.05 -10.30
CA THR A 84 -3.28 2.16 -11.19
C THR A 84 -4.00 2.01 -12.53
N THR A 85 -3.30 1.41 -13.48
CA THR A 85 -3.86 1.20 -14.80
C THR A 85 -5.10 0.32 -14.72
N ARG A 86 -4.96 -0.79 -14.01
CA ARG A 86 -6.05 -1.73 -13.85
C ARG A 86 -7.29 -1.01 -13.29
N ARG A 87 -7.20 -0.63 -12.02
CA ARG A 87 -8.29 0.06 -11.37
C ARG A 87 -7.80 0.75 -10.10
N VAL A 88 -8.68 1.55 -9.52
CA VAL A 88 -8.36 2.28 -8.30
C VAL A 88 -8.44 1.33 -7.10
N TYR A 89 -7.59 1.58 -6.12
CA TYR A 89 -7.57 0.76 -4.92
C TYR A 89 -7.79 1.62 -3.67
N ASN A 90 -8.10 0.93 -2.58
CA ASN A 90 -8.35 1.61 -1.31
C ASN A 90 -7.49 0.96 -0.22
N PHE A 91 -6.31 1.53 -0.02
CA PHE A 91 -5.40 1.02 1.00
C PHE A 91 -5.28 1.99 2.16
N CYS A 92 -4.79 1.46 3.28
CA CYS A 92 -4.62 2.27 4.47
C CYS A 92 -3.76 1.49 5.47
N ALA A 93 -2.96 2.24 6.22
CA ALA A 93 -2.08 1.62 7.20
C ALA A 93 -2.84 1.43 8.51
N GLN A 94 -2.08 1.14 9.56
CA GLN A 94 -2.67 0.93 10.87
C GLN A 94 -2.46 2.17 11.75
N ASP A 95 -1.69 3.11 11.22
CA ASP A 95 -1.40 4.34 11.93
C ASP A 95 -1.44 5.52 10.96
N VAL A 96 -1.51 6.72 11.53
CA VAL A 96 -1.55 7.93 10.73
C VAL A 96 -0.15 8.22 10.19
N PRO A 97 0.85 8.13 11.10
CA PRO A 97 2.23 8.38 10.72
C PRO A 97 2.81 7.22 9.92
N SER A 98 2.12 6.09 10.01
CA SER A 98 2.56 4.89 9.29
C SER A 98 2.12 4.97 7.83
N ALA A 99 0.90 5.44 7.63
CA ALA A 99 0.35 5.57 6.30
C ALA A 99 1.22 6.55 5.49
N GLN A 100 1.45 7.72 6.08
CA GLN A 100 2.25 8.74 5.43
C GLN A 100 3.54 8.12 4.86
N GLN A 101 4.10 7.21 5.64
CA GLN A 101 5.33 6.53 5.23
C GLN A 101 5.06 5.61 4.04
N TRP A 102 3.84 5.08 4.01
CA TRP A 102 3.44 4.19 2.95
C TRP A 102 3.30 5.01 1.66
N VAL A 103 2.58 6.12 1.79
CA VAL A 103 2.37 7.00 0.65
C VAL A 103 3.73 7.46 0.10
N ASP A 104 4.41 8.25 0.91
CA ASP A 104 5.71 8.77 0.53
C ASP A 104 6.51 7.66 -0.18
N ARG A 105 6.42 6.47 0.39
CA ARG A 105 7.13 5.33 -0.18
C ARG A 105 6.64 5.06 -1.60
N ILE A 106 5.39 4.64 -1.69
CA ILE A 106 4.79 4.34 -2.98
C ILE A 106 4.98 5.54 -3.92
N GLN A 107 4.76 6.72 -3.36
CA GLN A 107 4.90 7.95 -4.13
C GLN A 107 6.30 8.04 -4.72
N SER A 108 7.20 7.24 -4.17
CA SER A 108 8.58 7.24 -4.64
C SER A 108 8.78 6.08 -5.62
N CYS A 109 7.74 5.27 -5.75
CA CYS A 109 7.79 4.13 -6.65
C CYS A 109 6.69 4.28 -7.69
N LEU A 110 6.29 5.53 -7.91
CA LEU A 110 5.25 5.83 -8.87
C LEU A 110 5.72 5.41 -10.26
N SER A 111 5.79 6.39 -11.15
CA SER A 111 6.21 6.14 -12.52
C SER A 111 7.57 6.81 -12.77
N SER A 112 7.59 8.12 -12.60
CA SER A 112 8.81 8.88 -12.81
C SER A 112 9.22 8.82 -14.29
N GLY A 113 9.26 9.99 -14.91
CA GLY A 113 9.63 10.09 -16.31
C GLY A 113 9.64 11.54 -16.78
N PRO A 114 9.20 11.73 -18.05
CA PRO A 114 9.13 13.06 -18.63
C PRO A 114 7.97 13.87 -18.06
N SER A 115 8.26 14.60 -17.00
CA SER A 115 7.25 15.42 -16.35
C SER A 115 7.91 16.48 -15.47
N SER A 116 7.11 17.46 -15.06
CA SER A 116 7.60 18.53 -14.22
C SER A 116 6.46 19.46 -13.84
N GLY A 117 6.47 19.89 -12.59
CA GLY A 117 5.44 20.79 -12.08
C GLY A 117 5.95 22.23 -12.04
N GLY A 1 14.93 12.66 4.62
CA GLY A 1 14.94 11.28 4.19
C GLY A 1 14.54 10.35 5.34
N SER A 2 13.43 9.65 5.13
CA SER A 2 12.93 8.72 6.14
C SER A 2 12.87 7.30 5.57
N SER A 3 13.60 6.41 6.22
CA SER A 3 13.65 5.02 5.79
C SER A 3 13.69 4.11 7.01
N GLY A 4 14.71 4.30 7.83
CA GLY A 4 14.88 3.50 9.04
C GLY A 4 15.64 2.21 8.72
N SER A 5 15.41 1.21 9.56
CA SER A 5 16.07 -0.08 9.39
C SER A 5 15.03 -1.18 9.16
N SER A 6 15.27 -1.98 8.14
CA SER A 6 14.36 -3.07 7.81
C SER A 6 15.14 -4.21 7.16
N GLY A 7 15.75 -3.90 6.03
CA GLY A 7 16.53 -4.90 5.31
C GLY A 7 16.28 -4.79 3.79
N ARG A 8 15.24 -5.48 3.35
CA ARG A 8 14.90 -5.47 1.94
C ARG A 8 13.42 -5.09 1.76
N SER A 9 13.20 -3.83 1.46
CA SER A 9 11.84 -3.33 1.26
C SER A 9 11.17 -3.08 2.62
N TYR A 10 10.02 -2.44 2.56
CA TYR A 10 9.26 -2.14 3.77
C TYR A 10 8.13 -3.14 3.97
N GLU A 11 7.73 -3.30 5.22
CA GLU A 11 6.66 -4.22 5.56
C GLU A 11 5.83 -3.66 6.73
N GLY A 12 4.52 -3.78 6.59
CA GLY A 12 3.61 -3.30 7.62
C GLY A 12 2.18 -3.70 7.31
N ILE A 13 1.33 -3.59 8.33
CA ILE A 13 -0.07 -3.93 8.18
C ILE A 13 -0.73 -2.98 7.17
N LEU A 14 -1.59 -3.55 6.35
CA LEU A 14 -2.29 -2.76 5.34
C LEU A 14 -3.65 -3.40 5.05
N TYR A 15 -4.69 -2.63 5.30
CA TYR A 15 -6.05 -3.11 5.08
C TYR A 15 -6.48 -2.88 3.63
N LYS A 16 -7.57 -3.52 3.27
CA LYS A 16 -8.09 -3.39 1.91
C LYS A 16 -9.62 -3.24 1.97
N LYS A 17 -10.13 -2.39 1.10
CA LYS A 17 -11.57 -2.15 1.04
C LYS A 17 -12.23 -3.25 0.22
N GLY A 18 -13.35 -3.73 0.72
CA GLY A 18 -14.09 -4.78 0.04
C GLY A 18 -14.14 -6.06 0.89
N ALA A 19 -13.66 -7.14 0.30
CA ALA A 19 -13.64 -8.42 0.98
C ALA A 19 -15.07 -8.93 1.16
N PHE A 20 -15.17 -10.12 1.71
CA PHE A 20 -16.48 -10.73 1.95
C PHE A 20 -17.30 -9.90 2.92
N MET A 21 -18.42 -10.48 3.35
CA MET A 21 -19.30 -9.79 4.29
C MET A 21 -18.51 -8.99 5.31
N LYS A 22 -17.45 -9.61 5.81
CA LYS A 22 -16.59 -8.97 6.79
C LYS A 22 -16.19 -7.58 6.28
N PRO A 23 -15.77 -6.72 7.25
CA PRO A 23 -15.35 -5.37 6.91
C PRO A 23 -13.97 -5.37 6.26
N TRP A 24 -13.36 -4.20 6.24
CA TRP A 24 -12.05 -4.04 5.65
C TRP A 24 -11.11 -5.09 6.27
N LYS A 25 -10.65 -5.99 5.43
CA LYS A 25 -9.77 -7.06 5.88
C LYS A 25 -8.35 -6.49 6.04
N ALA A 26 -7.66 -7.00 7.05
CA ALA A 26 -6.30 -6.55 7.33
C ALA A 26 -5.33 -7.68 6.98
N ARG A 27 -4.40 -7.35 6.09
CA ARG A 27 -3.40 -8.31 5.65
C ARG A 27 -2.01 -7.68 5.69
N TRP A 28 -1.00 -8.56 5.68
CA TRP A 28 0.38 -8.11 5.72
C TRP A 28 0.82 -7.83 4.28
N PHE A 29 1.15 -6.57 4.02
CA PHE A 29 1.59 -6.17 2.70
C PHE A 29 3.11 -6.06 2.64
N VAL A 30 3.62 -5.88 1.43
CA VAL A 30 5.05 -5.76 1.22
C VAL A 30 5.31 -4.73 0.12
N LEU A 31 6.05 -3.69 0.48
CA LEU A 31 6.38 -2.63 -0.47
C LEU A 31 7.74 -2.93 -1.09
N ASP A 32 7.73 -3.73 -2.14
CA ASP A 32 8.96 -4.10 -2.83
C ASP A 32 9.54 -2.86 -3.49
N LYS A 33 10.87 -2.82 -3.54
CA LYS A 33 11.58 -1.70 -4.14
C LYS A 33 12.45 -2.20 -5.28
N THR A 34 13.10 -3.33 -5.03
CA THR A 34 13.98 -3.94 -6.02
C THR A 34 13.25 -4.07 -7.36
N LYS A 35 12.01 -4.55 -7.28
CA LYS A 35 11.20 -4.73 -8.47
C LYS A 35 9.99 -3.78 -8.41
N HIS A 36 10.02 -2.89 -7.43
CA HIS A 36 8.94 -1.94 -7.25
C HIS A 36 7.60 -2.62 -7.50
N GLN A 37 7.16 -3.36 -6.50
CA GLN A 37 5.89 -4.06 -6.60
C GLN A 37 5.21 -4.15 -5.23
N LEU A 38 3.98 -4.63 -5.22
CA LEU A 38 3.23 -4.76 -4.00
C LEU A 38 2.85 -6.24 -3.79
N ARG A 39 3.54 -6.87 -2.85
CA ARG A 39 3.30 -8.27 -2.55
C ARG A 39 2.48 -8.40 -1.26
N TYR A 40 1.31 -9.00 -1.39
CA TYR A 40 0.43 -9.19 -0.25
C TYR A 40 -0.02 -10.64 -0.14
N TYR A 41 -0.20 -11.09 1.09
CA TYR A 41 -0.62 -12.45 1.35
C TYR A 41 -1.72 -12.49 2.40
N ASP A 42 -2.33 -13.67 2.53
CA ASP A 42 -3.40 -13.85 3.50
C ASP A 42 -2.90 -13.47 4.89
N HIS A 43 -1.69 -13.93 5.20
CA HIS A 43 -1.08 -13.65 6.48
C HIS A 43 0.38 -13.22 6.29
N ARG A 44 0.99 -12.82 7.38
CA ARG A 44 2.38 -12.39 7.35
C ARG A 44 3.20 -13.32 6.44
N MET A 45 3.36 -12.90 5.21
CA MET A 45 4.12 -13.68 4.24
C MET A 45 3.27 -14.80 3.66
N ASP A 46 2.97 -15.78 4.50
CA ASP A 46 2.17 -16.92 4.08
C ASP A 46 2.91 -17.69 3.00
N THR A 47 4.19 -17.36 2.85
CA THR A 47 5.02 -18.02 1.85
C THR A 47 4.23 -18.27 0.57
N GLU A 48 3.25 -17.40 0.33
CA GLU A 48 2.42 -17.52 -0.85
C GLU A 48 1.79 -16.17 -1.20
N CYS A 49 2.27 -15.59 -2.29
CA CYS A 49 1.76 -14.31 -2.74
C CYS A 49 0.66 -14.56 -3.77
N LYS A 50 -0.36 -13.71 -3.72
CA LYS A 50 -1.47 -13.82 -4.65
C LYS A 50 -1.59 -12.54 -5.46
N GLY A 51 -0.91 -12.53 -6.60
CA GLY A 51 -0.93 -11.38 -7.48
C GLY A 51 -0.17 -10.20 -6.85
N VAL A 52 0.68 -9.60 -7.66
CA VAL A 52 1.47 -8.47 -7.21
C VAL A 52 0.92 -7.18 -7.82
N ILE A 53 1.37 -6.06 -7.28
CA ILE A 53 0.93 -4.77 -7.78
C ILE A 53 2.15 -3.94 -8.20
N ASP A 54 2.42 -3.95 -9.49
CA ASP A 54 3.55 -3.22 -10.03
C ASP A 54 3.41 -1.73 -9.67
N LEU A 55 4.34 -1.27 -8.86
CA LEU A 55 4.33 0.13 -8.44
C LEU A 55 4.58 1.03 -9.65
N ALA A 56 5.28 0.47 -10.62
CA ALA A 56 5.59 1.22 -11.83
C ALA A 56 4.29 1.47 -12.62
N GLU A 57 3.26 0.72 -12.24
CA GLU A 57 1.97 0.86 -12.90
C GLU A 57 1.11 1.91 -12.18
N VAL A 58 1.42 2.09 -10.90
CA VAL A 58 0.68 3.04 -10.09
C VAL A 58 0.82 4.44 -10.71
N GLU A 59 -0.32 5.10 -10.87
CA GLU A 59 -0.34 6.43 -11.44
C GLU A 59 -0.09 7.48 -10.36
N ALA A 60 -0.53 7.14 -9.14
CA ALA A 60 -0.36 8.05 -8.02
C ALA A 60 -1.27 7.58 -6.87
N VAL A 61 -1.17 8.30 -5.75
CA VAL A 61 -1.96 7.98 -4.59
C VAL A 61 -2.46 9.27 -3.94
N ALA A 62 -3.53 9.14 -3.18
CA ALA A 62 -4.11 10.28 -2.49
C ALA A 62 -4.70 9.83 -1.16
N PRO A 63 -4.59 10.73 -0.14
CA PRO A 63 -5.10 10.44 1.18
C PRO A 63 -6.62 10.54 1.22
N GLY A 64 -7.26 9.40 1.36
CA GLY A 64 -8.72 9.35 1.41
C GLY A 64 -9.21 9.51 2.85
N THR A 65 -10.51 9.28 3.01
CA THR A 65 -11.13 9.39 4.32
C THR A 65 -11.71 8.04 4.76
N PRO A 66 -11.94 7.92 6.10
CA PRO A 66 -12.49 6.69 6.65
C PRO A 66 -13.98 6.57 6.34
N THR A 67 -14.30 5.65 5.45
CA THR A 67 -15.68 5.42 5.06
C THR A 67 -16.32 4.36 5.95
N ILE A 68 -17.53 3.98 5.58
CA ILE A 68 -18.25 2.97 6.35
C ILE A 68 -17.64 1.59 6.08
N GLY A 69 -17.29 0.93 7.17
CA GLY A 69 -16.68 -0.40 7.07
C GLY A 69 -15.25 -0.38 7.58
N ALA A 70 -14.51 0.63 7.16
CA ALA A 70 -13.12 0.76 7.56
C ALA A 70 -13.00 0.50 9.06
N PRO A 71 -11.73 0.31 9.51
CA PRO A 71 -11.47 0.04 10.92
C PRO A 71 -11.61 1.33 11.75
N LYS A 72 -11.44 1.17 13.06
CA LYS A 72 -11.55 2.30 13.97
C LYS A 72 -10.14 2.79 14.32
N THR A 73 -9.31 1.86 14.75
CA THR A 73 -7.94 2.18 15.13
C THR A 73 -7.33 3.15 14.11
N VAL A 74 -7.54 2.82 12.84
CA VAL A 74 -7.01 3.65 11.76
C VAL A 74 -7.62 5.05 11.85
N ASP A 75 -6.88 6.01 11.34
CA ASP A 75 -7.33 7.39 11.35
C ASP A 75 -7.65 7.83 9.92
N GLU A 76 -8.19 9.03 9.81
CA GLU A 76 -8.54 9.58 8.52
C GLU A 76 -7.29 10.04 7.77
N LYS A 77 -6.29 10.45 8.55
CA LYS A 77 -5.04 10.90 7.98
C LYS A 77 -4.09 9.72 7.82
N ALA A 78 -4.63 8.64 7.27
CA ALA A 78 -3.85 7.44 7.06
C ALA A 78 -4.28 6.78 5.75
N PHE A 79 -5.60 6.65 5.60
CA PHE A 79 -6.15 6.04 4.40
C PHE A 79 -5.60 6.72 3.14
N PHE A 80 -5.22 5.89 2.18
CA PHE A 80 -4.69 6.39 0.92
C PHE A 80 -5.05 5.46 -0.23
N ASP A 81 -5.57 6.06 -1.30
CA ASP A 81 -5.96 5.30 -2.47
C ASP A 81 -4.76 5.18 -3.42
N VAL A 82 -4.65 4.01 -4.01
CA VAL A 82 -3.56 3.75 -4.93
C VAL A 82 -4.12 3.58 -6.35
N LYS A 83 -3.93 4.62 -7.15
CA LYS A 83 -4.41 4.61 -8.52
C LYS A 83 -3.41 3.87 -9.40
N THR A 84 -3.91 2.87 -10.11
CA THR A 84 -3.08 2.07 -10.99
C THR A 84 -3.73 1.96 -12.38
N THR A 85 -3.12 1.12 -13.21
CA THR A 85 -3.62 0.92 -14.56
C THR A 85 -4.80 -0.05 -14.55
N ARG A 86 -4.71 -1.04 -13.69
CA ARG A 86 -5.77 -2.04 -13.57
C ARG A 86 -7.03 -1.40 -12.99
N ARG A 87 -6.97 -1.13 -11.69
CA ARG A 87 -8.09 -0.52 -11.00
C ARG A 87 -7.62 0.25 -9.77
N VAL A 88 -8.52 1.04 -9.21
CA VAL A 88 -8.21 1.83 -8.03
C VAL A 88 -8.29 0.94 -6.79
N TYR A 89 -7.34 1.13 -5.90
CA TYR A 89 -7.30 0.36 -4.66
C TYR A 89 -7.53 1.25 -3.45
N ASN A 90 -7.86 0.61 -2.33
CA ASN A 90 -8.11 1.33 -1.10
C ASN A 90 -7.28 0.72 0.03
N PHE A 91 -6.15 1.36 0.31
CA PHE A 91 -5.27 0.88 1.35
C PHE A 91 -5.11 1.93 2.47
N CYS A 92 -4.69 1.46 3.63
CA CYS A 92 -4.49 2.35 4.76
C CYS A 92 -3.58 1.65 5.76
N ALA A 93 -2.84 2.46 6.50
CA ALA A 93 -1.92 1.93 7.50
C ALA A 93 -2.61 1.90 8.86
N GLN A 94 -1.91 1.34 9.83
CA GLN A 94 -2.44 1.24 11.18
C GLN A 94 -2.07 2.49 11.99
N ASP A 95 -1.53 3.47 11.28
CA ASP A 95 -1.13 4.71 11.94
C ASP A 95 -1.21 5.85 10.91
N VAL A 96 -1.28 7.07 11.44
CA VAL A 96 -1.35 8.25 10.60
C VAL A 96 0.01 8.51 9.96
N PRO A 97 1.06 8.48 10.83
CA PRO A 97 2.42 8.71 10.37
C PRO A 97 2.96 7.49 9.61
N SER A 98 2.26 6.37 9.79
CA SER A 98 2.66 5.13 9.14
C SER A 98 2.17 5.13 7.69
N ALA A 99 0.99 5.70 7.50
CA ALA A 99 0.39 5.77 6.18
C ALA A 99 1.22 6.69 5.29
N GLN A 100 1.48 7.88 5.81
CA GLN A 100 2.26 8.86 5.07
C GLN A 100 3.53 8.20 4.50
N GLN A 101 4.15 7.38 5.33
CA GLN A 101 5.36 6.69 4.92
C GLN A 101 5.08 5.76 3.75
N TRP A 102 3.90 5.16 3.77
CA TRP A 102 3.49 4.25 2.72
C TRP A 102 3.35 5.05 1.42
N VAL A 103 2.41 6.00 1.46
CA VAL A 103 2.17 6.84 0.30
C VAL A 103 3.50 7.33 -0.26
N ASP A 104 4.23 8.05 0.58
CA ASP A 104 5.52 8.59 0.18
C ASP A 104 6.30 7.51 -0.58
N ARG A 105 6.41 6.36 0.05
CA ARG A 105 7.13 5.25 -0.55
C ARG A 105 6.59 4.96 -1.95
N ILE A 106 5.35 4.50 -1.99
CA ILE A 106 4.70 4.18 -3.26
C ILE A 106 4.89 5.35 -4.22
N GLN A 107 4.69 6.55 -3.69
CA GLN A 107 4.84 7.76 -4.49
C GLN A 107 6.30 7.94 -4.91
N SER A 108 7.19 7.37 -4.13
CA SER A 108 8.61 7.46 -4.40
C SER A 108 8.97 6.57 -5.60
N CYS A 109 7.98 5.81 -6.06
CA CYS A 109 8.17 4.93 -7.19
C CYS A 109 6.86 4.85 -7.97
N LEU A 110 6.52 5.98 -8.60
CA LEU A 110 5.30 6.05 -9.39
C LEU A 110 5.59 5.62 -10.82
N SER A 111 5.63 6.60 -11.72
CA SER A 111 5.90 6.32 -13.12
C SER A 111 7.41 6.31 -13.37
N SER A 112 7.79 5.64 -14.45
CA SER A 112 9.19 5.55 -14.80
C SER A 112 9.98 4.89 -13.67
N GLY A 113 11.23 4.55 -13.98
CA GLY A 113 12.09 3.92 -12.99
C GLY A 113 13.40 4.70 -12.83
N PRO A 114 14.26 4.19 -11.91
CA PRO A 114 15.54 4.83 -11.65
C PRO A 114 16.53 4.56 -12.78
N SER A 115 17.73 5.08 -12.61
CA SER A 115 18.78 4.90 -13.61
C SER A 115 19.90 4.02 -13.04
N SER A 116 20.82 3.65 -13.92
CA SER A 116 21.94 2.82 -13.51
C SER A 116 22.94 3.65 -12.71
N GLY A 117 23.21 3.19 -11.50
CA GLY A 117 24.15 3.87 -10.62
C GLY A 117 25.59 3.57 -11.02
N GLY A 1 15.95 11.06 11.94
CA GLY A 1 15.34 9.80 11.55
C GLY A 1 15.98 9.26 10.28
N SER A 2 15.45 9.71 9.14
CA SER A 2 15.95 9.28 7.85
C SER A 2 15.84 7.76 7.72
N SER A 3 14.96 7.33 6.84
CA SER A 3 14.75 5.91 6.61
C SER A 3 15.28 5.51 5.24
N GLY A 4 15.84 4.32 5.18
CA GLY A 4 16.39 3.81 3.94
C GLY A 4 16.19 2.29 3.82
N SER A 5 16.86 1.56 4.70
CA SER A 5 16.75 0.11 4.70
C SER A 5 17.43 -0.47 3.46
N SER A 6 18.52 -1.18 3.70
CA SER A 6 19.27 -1.79 2.61
C SER A 6 19.40 -3.30 2.84
N GLY A 7 18.99 -4.05 1.84
CA GLY A 7 19.06 -5.50 1.92
C GLY A 7 17.66 -6.12 1.87
N ARG A 8 16.68 -5.31 2.26
CA ARG A 8 15.30 -5.76 2.26
C ARG A 8 14.36 -4.62 1.88
N SER A 9 13.06 -4.89 1.97
CA SER A 9 12.07 -3.89 1.65
C SER A 9 11.30 -3.48 2.90
N TYR A 10 10.22 -2.73 2.68
CA TYR A 10 9.40 -2.28 3.79
C TYR A 10 8.16 -3.17 3.97
N GLU A 11 7.69 -3.24 5.20
CA GLU A 11 6.53 -4.04 5.52
C GLU A 11 5.66 -3.33 6.57
N GLY A 12 4.42 -3.77 6.64
CA GLY A 12 3.48 -3.20 7.59
C GLY A 12 2.05 -3.60 7.26
N ILE A 13 1.19 -3.54 8.27
CA ILE A 13 -0.21 -3.90 8.10
C ILE A 13 -0.83 -2.98 7.04
N LEU A 14 -1.68 -3.59 6.22
CA LEU A 14 -2.35 -2.84 5.16
C LEU A 14 -3.70 -3.49 4.86
N TYR A 15 -4.75 -2.71 5.07
CA TYR A 15 -6.10 -3.20 4.83
C TYR A 15 -6.47 -3.08 3.35
N LYS A 16 -7.56 -3.75 2.99
CA LYS A 16 -8.04 -3.72 1.61
C LYS A 16 -9.57 -3.76 1.60
N LYS A 17 -10.14 -2.84 0.83
CA LYS A 17 -11.59 -2.77 0.72
C LYS A 17 -12.06 -3.66 -0.43
N GLY A 18 -13.30 -4.09 -0.33
CA GLY A 18 -13.90 -4.94 -1.35
C GLY A 18 -15.13 -5.66 -0.82
N ALA A 19 -14.94 -6.45 0.21
CA ALA A 19 -16.03 -7.19 0.82
C ALA A 19 -17.23 -6.27 1.01
N PHE A 20 -18.36 -6.87 1.34
CA PHE A 20 -19.58 -6.10 1.55
C PHE A 20 -19.37 -5.05 2.63
N MET A 21 -20.50 -4.49 3.09
CA MET A 21 -20.46 -3.47 4.11
C MET A 21 -19.94 -4.04 5.44
N LYS A 22 -18.65 -4.36 5.45
CA LYS A 22 -18.03 -4.91 6.64
C LYS A 22 -16.67 -4.24 6.85
N PRO A 23 -16.00 -4.65 7.96
CA PRO A 23 -14.69 -4.10 8.29
C PRO A 23 -13.61 -4.69 7.39
N TRP A 24 -12.88 -3.80 6.74
CA TRP A 24 -11.80 -4.22 5.84
C TRP A 24 -10.85 -5.12 6.64
N LYS A 25 -10.46 -6.21 6.01
CA LYS A 25 -9.55 -7.15 6.64
C LYS A 25 -8.11 -6.66 6.48
N ALA A 26 -7.41 -6.59 7.60
CA ALA A 26 -6.03 -6.13 7.61
C ALA A 26 -5.13 -7.28 7.17
N ARG A 27 -4.38 -7.02 6.10
CA ARG A 27 -3.47 -8.02 5.56
C ARG A 27 -2.03 -7.50 5.61
N TRP A 28 -1.10 -8.44 5.60
CA TRP A 28 0.31 -8.09 5.65
C TRP A 28 0.78 -7.86 4.21
N PHE A 29 1.14 -6.61 3.93
CA PHE A 29 1.61 -6.25 2.60
C PHE A 29 3.14 -6.06 2.59
N VAL A 30 3.68 -5.99 1.38
CA VAL A 30 5.11 -5.82 1.23
C VAL A 30 5.38 -4.75 0.15
N LEU A 31 6.16 -3.76 0.52
CA LEU A 31 6.49 -2.69 -0.40
C LEU A 31 7.88 -2.93 -0.98
N ASP A 32 7.92 -3.72 -2.04
CA ASP A 32 9.16 -4.05 -2.70
C ASP A 32 9.74 -2.78 -3.33
N LYS A 33 11.04 -2.84 -3.61
CA LYS A 33 11.73 -1.70 -4.21
C LYS A 33 12.58 -2.20 -5.38
N THR A 34 13.26 -3.32 -5.15
CA THR A 34 14.10 -3.90 -6.18
C THR A 34 13.34 -4.02 -7.50
N LYS A 35 12.06 -4.37 -7.39
CA LYS A 35 11.22 -4.52 -8.56
C LYS A 35 9.99 -3.62 -8.41
N HIS A 36 10.03 -2.77 -7.39
CA HIS A 36 8.94 -1.86 -7.14
C HIS A 36 7.60 -2.58 -7.39
N GLN A 37 7.20 -3.36 -6.40
CA GLN A 37 5.96 -4.11 -6.49
C GLN A 37 5.27 -4.17 -5.12
N LEU A 38 4.02 -4.61 -5.14
CA LEU A 38 3.25 -4.73 -3.91
C LEU A 38 2.87 -6.20 -3.69
N ARG A 39 3.61 -6.83 -2.79
CA ARG A 39 3.36 -8.22 -2.47
C ARG A 39 2.57 -8.34 -1.17
N TYR A 40 1.40 -8.95 -1.27
CA TYR A 40 0.55 -9.13 -0.11
C TYR A 40 0.10 -10.59 0.02
N TYR A 41 -0.21 -10.97 1.25
CA TYR A 41 -0.64 -12.33 1.52
C TYR A 41 -1.74 -12.35 2.58
N ASP A 42 -2.36 -13.51 2.73
CA ASP A 42 -3.43 -13.68 3.70
C ASP A 42 -2.82 -13.78 5.10
N HIS A 43 -1.53 -14.06 5.13
CA HIS A 43 -0.83 -14.18 6.40
C HIS A 43 0.67 -13.93 6.18
N ARG A 44 1.32 -13.49 7.25
CA ARG A 44 2.74 -13.21 7.19
C ARG A 44 3.51 -14.42 6.65
N MET A 45 3.18 -15.58 7.21
CA MET A 45 3.82 -16.81 6.80
C MET A 45 3.00 -17.54 5.74
N ASP A 46 2.55 -16.77 4.75
CA ASP A 46 1.75 -17.33 3.67
C ASP A 46 2.66 -18.09 2.71
N THR A 47 2.10 -19.12 2.11
CA THR A 47 2.84 -19.93 1.16
C THR A 47 3.55 -19.04 0.13
N GLU A 48 2.76 -18.25 -0.55
CA GLU A 48 3.29 -17.35 -1.57
C GLU A 48 2.36 -16.14 -1.74
N CYS A 49 2.93 -15.08 -2.30
CA CYS A 49 2.17 -13.87 -2.53
C CYS A 49 1.05 -14.17 -3.53
N LYS A 50 0.05 -13.32 -3.53
CA LYS A 50 -1.09 -13.49 -4.42
C LYS A 50 -1.21 -12.26 -5.33
N GLY A 51 -0.55 -12.35 -6.48
CA GLY A 51 -0.57 -11.27 -7.45
C GLY A 51 0.11 -10.03 -6.88
N VAL A 52 1.14 -9.59 -7.58
CA VAL A 52 1.89 -8.41 -7.16
C VAL A 52 1.34 -7.18 -7.88
N ILE A 53 1.40 -6.05 -7.19
CA ILE A 53 0.90 -4.80 -7.76
C ILE A 53 2.09 -3.97 -8.26
N ASP A 54 2.32 -4.05 -9.56
CA ASP A 54 3.42 -3.31 -10.17
C ASP A 54 3.22 -1.82 -9.92
N LEU A 55 4.00 -1.32 -8.96
CA LEU A 55 3.93 0.09 -8.62
C LEU A 55 4.18 0.94 -9.87
N ALA A 56 4.87 0.34 -10.82
CA ALA A 56 5.17 1.02 -12.06
C ALA A 56 3.87 1.34 -12.80
N GLU A 57 2.83 0.61 -12.44
CA GLU A 57 1.53 0.80 -13.05
C GLU A 57 0.75 1.89 -12.31
N VAL A 58 1.07 2.04 -11.03
CA VAL A 58 0.41 3.04 -10.20
C VAL A 58 0.54 4.41 -10.88
N GLU A 59 -0.61 5.06 -11.02
CA GLU A 59 -0.64 6.38 -11.63
C GLU A 59 -0.35 7.46 -10.58
N ALA A 60 -0.80 7.20 -9.37
CA ALA A 60 -0.59 8.13 -8.27
C ALA A 60 -1.55 7.78 -7.13
N VAL A 61 -1.13 8.14 -5.92
CA VAL A 61 -1.93 7.87 -4.74
C VAL A 61 -2.31 9.20 -4.08
N ALA A 62 -3.41 9.15 -3.33
CA ALA A 62 -3.88 10.33 -2.63
C ALA A 62 -4.49 9.93 -1.29
N PRO A 63 -4.29 10.81 -0.28
CA PRO A 63 -4.82 10.55 1.05
C PRO A 63 -6.33 10.79 1.10
N GLY A 64 -7.07 9.69 1.05
CA GLY A 64 -8.52 9.76 1.08
C GLY A 64 -9.01 10.05 2.51
N THR A 65 -10.16 9.46 2.82
CA THR A 65 -10.75 9.65 4.13
C THR A 65 -11.35 8.34 4.64
N PRO A 66 -11.68 8.32 5.96
CA PRO A 66 -12.27 7.14 6.57
C PRO A 66 -13.73 6.98 6.17
N THR A 67 -13.96 6.13 5.18
CA THR A 67 -15.30 5.87 4.70
C THR A 67 -16.01 4.84 5.58
N ILE A 68 -17.24 4.54 5.22
CA ILE A 68 -18.03 3.57 5.97
C ILE A 68 -17.43 2.18 5.79
N GLY A 69 -17.22 1.51 6.91
CA GLY A 69 -16.66 0.18 6.89
C GLY A 69 -15.22 0.18 7.42
N ALA A 70 -14.46 1.17 6.99
CA ALA A 70 -13.07 1.30 7.41
C ALA A 70 -12.99 1.07 8.92
N PRO A 71 -11.76 0.73 9.39
CA PRO A 71 -11.53 0.48 10.79
C PRO A 71 -11.49 1.79 11.58
N LYS A 72 -12.04 1.73 12.79
CA LYS A 72 -12.08 2.90 13.64
C LYS A 72 -10.65 3.27 14.06
N THR A 73 -9.89 2.26 14.43
CA THR A 73 -8.51 2.45 14.85
C THR A 73 -7.81 3.44 13.92
N VAL A 74 -7.76 3.07 12.65
CA VAL A 74 -7.12 3.92 11.65
C VAL A 74 -7.72 5.32 11.71
N ASP A 75 -6.94 6.29 11.27
CA ASP A 75 -7.38 7.68 11.27
C ASP A 75 -7.71 8.10 9.85
N GLU A 76 -8.05 9.37 9.70
CA GLU A 76 -8.39 9.92 8.40
C GLU A 76 -7.11 10.28 7.62
N LYS A 77 -6.10 10.68 8.38
CA LYS A 77 -4.82 11.04 7.77
C LYS A 77 -3.97 9.79 7.59
N ALA A 78 -4.58 8.77 7.01
CA ALA A 78 -3.89 7.52 6.78
C ALA A 78 -4.38 6.90 5.47
N PHE A 79 -5.67 6.59 5.45
CA PHE A 79 -6.27 6.00 4.27
C PHE A 79 -5.79 6.69 3.00
N PHE A 80 -5.16 5.92 2.13
CA PHE A 80 -4.65 6.44 0.88
C PHE A 80 -5.12 5.59 -0.31
N ASP A 81 -5.67 6.27 -1.30
CA ASP A 81 -6.16 5.59 -2.48
C ASP A 81 -5.01 5.43 -3.49
N VAL A 82 -4.85 4.21 -3.98
CA VAL A 82 -3.80 3.93 -4.94
C VAL A 82 -4.43 3.76 -6.33
N LYS A 83 -4.12 4.71 -7.19
CA LYS A 83 -4.63 4.69 -8.56
C LYS A 83 -3.66 3.91 -9.45
N THR A 84 -4.20 2.91 -10.13
CA THR A 84 -3.39 2.10 -11.02
C THR A 84 -4.09 1.95 -12.38
N THR A 85 -3.53 1.06 -13.19
CA THR A 85 -4.09 0.82 -14.51
C THR A 85 -5.27 -0.16 -14.44
N ARG A 86 -5.06 -1.22 -13.68
CA ARG A 86 -6.10 -2.23 -13.51
C ARG A 86 -7.36 -1.60 -12.93
N ARG A 87 -7.25 -1.15 -11.69
CA ARG A 87 -8.38 -0.53 -11.02
C ARG A 87 -7.89 0.28 -9.81
N VAL A 88 -8.80 1.09 -9.27
CA VAL A 88 -8.47 1.91 -8.12
C VAL A 88 -8.51 1.06 -6.86
N TYR A 89 -7.56 1.33 -5.96
CA TYR A 89 -7.49 0.60 -4.72
C TYR A 89 -7.70 1.53 -3.52
N ASN A 90 -7.99 0.93 -2.38
CA ASN A 90 -8.21 1.69 -1.16
C ASN A 90 -7.41 1.06 -0.02
N PHE A 91 -6.15 1.48 0.06
CA PHE A 91 -5.27 0.97 1.10
C PHE A 91 -5.13 1.98 2.24
N CYS A 92 -4.71 1.48 3.40
CA CYS A 92 -4.53 2.32 4.56
C CYS A 92 -3.58 1.60 5.53
N ALA A 93 -2.89 2.39 6.33
CA ALA A 93 -1.96 1.85 7.30
C ALA A 93 -2.62 1.82 8.69
N GLN A 94 -1.90 1.25 9.63
CA GLN A 94 -2.41 1.15 10.99
C GLN A 94 -1.96 2.35 11.82
N ASP A 95 -1.90 3.49 11.16
CA ASP A 95 -1.48 4.72 11.82
C ASP A 95 -1.43 5.85 10.80
N VAL A 96 -1.40 7.07 11.32
CA VAL A 96 -1.35 8.25 10.46
C VAL A 96 0.06 8.41 9.90
N PRO A 97 1.06 8.27 10.82
CA PRO A 97 2.46 8.41 10.43
C PRO A 97 2.94 7.16 9.69
N SER A 98 2.17 6.10 9.82
CA SER A 98 2.50 4.84 9.17
C SER A 98 2.03 4.87 7.71
N ALA A 99 0.90 5.53 7.49
CA ALA A 99 0.34 5.64 6.16
C ALA A 99 1.24 6.54 5.30
N GLN A 100 1.48 7.73 5.82
CA GLN A 100 2.31 8.70 5.13
C GLN A 100 3.55 8.02 4.57
N GLN A 101 4.14 7.15 5.40
CA GLN A 101 5.34 6.44 5.00
C GLN A 101 5.05 5.57 3.78
N TRP A 102 3.86 4.96 3.78
CA TRP A 102 3.46 4.11 2.68
C TRP A 102 3.37 4.96 1.42
N VAL A 103 2.49 5.95 1.48
CA VAL A 103 2.30 6.85 0.35
C VAL A 103 3.66 7.31 -0.17
N ASP A 104 4.41 7.93 0.72
CA ASP A 104 5.74 8.44 0.37
C ASP A 104 6.48 7.36 -0.42
N ARG A 105 6.60 6.19 0.20
CA ARG A 105 7.29 5.08 -0.44
C ARG A 105 6.76 4.86 -1.85
N ILE A 106 5.49 4.47 -1.92
CA ILE A 106 4.85 4.23 -3.20
C ILE A 106 5.12 5.42 -4.13
N GLN A 107 4.78 6.60 -3.64
CA GLN A 107 4.98 7.81 -4.42
C GLN A 107 6.44 7.94 -4.84
N SER A 108 7.30 7.29 -4.08
CA SER A 108 8.72 7.32 -4.36
C SER A 108 9.04 6.41 -5.56
N CYS A 109 8.03 5.67 -5.97
CA CYS A 109 8.19 4.75 -7.09
C CYS A 109 6.87 4.70 -7.87
N LEU A 110 6.58 5.80 -8.54
CA LEU A 110 5.35 5.90 -9.32
C LEU A 110 5.64 5.47 -10.76
N SER A 111 5.63 6.47 -11.64
CA SER A 111 5.88 6.22 -13.05
C SER A 111 7.37 5.94 -13.27
N SER A 112 7.65 4.71 -13.69
CA SER A 112 9.02 4.30 -13.94
C SER A 112 9.75 5.39 -14.73
N GLY A 113 9.26 5.63 -15.94
CA GLY A 113 9.86 6.64 -16.80
C GLY A 113 8.81 7.66 -17.26
N PRO A 114 9.32 8.78 -17.85
CA PRO A 114 8.44 9.84 -18.33
C PRO A 114 7.75 9.42 -19.63
N SER A 115 8.57 9.06 -20.60
CA SER A 115 8.06 8.65 -21.89
C SER A 115 7.12 9.72 -22.46
N SER A 116 7.64 10.49 -23.39
CA SER A 116 6.86 11.54 -24.01
C SER A 116 7.71 12.27 -25.06
N GLY A 117 7.16 12.36 -26.26
CA GLY A 117 7.85 13.01 -27.36
C GLY A 117 9.07 12.20 -27.80
#